data_2MVW
#
_entry.id   2MVW
#
loop_
_entity.id
_entity.type
_entity.pdbx_description
1 polymer 'Protein PML'
2 non-polymer 'ZINC ION'
#
_entity_poly.entity_id   1
_entity_poly.type   'polypeptide(L)'
_entity_poly.pdbx_seq_one_letter_code
;GSRQIVDAQAVCTRCKESADFWCFECEQLLCAKCFEAHQWFLKHEARPLAE
;
_entity_poly.pdbx_strand_id   A,B
#
loop_
_chem_comp.id
_chem_comp.type
_chem_comp.name
_chem_comp.formula
ZN non-polymer 'ZINC ION' 'Zn 2'
#
# COMPACT_ATOMS: atom_id res chain seq x y z
N GLY A 1 12.38 -9.57 26.68
CA GLY A 1 11.60 -8.35 27.06
C GLY A 1 11.85 -7.24 26.02
N SER A 2 12.60 -6.24 26.39
CA SER A 2 12.87 -5.13 25.43
C SER A 2 13.51 -5.68 24.14
N ARG A 3 12.98 -5.32 23.00
CA ARG A 3 13.56 -5.82 21.73
C ARG A 3 13.70 -4.67 20.72
N GLN A 4 14.51 -4.85 19.71
CA GLN A 4 14.68 -3.77 18.71
C GLN A 4 13.82 -4.04 17.47
N ILE A 5 13.03 -3.09 17.06
CA ILE A 5 12.16 -3.29 15.86
C ILE A 5 12.49 -2.25 14.79
N VAL A 6 13.45 -2.52 13.96
CA VAL A 6 13.81 -1.54 12.89
C VAL A 6 13.72 -2.21 11.51
N ASP A 7 13.32 -1.47 10.52
CA ASP A 7 13.21 -2.04 9.15
C ASP A 7 13.51 -0.98 8.10
N ALA A 8 14.71 -0.96 7.58
CA ALA A 8 15.06 0.05 6.54
C ALA A 8 14.17 -0.11 5.31
N GLN A 9 13.66 -1.29 5.07
CA GLN A 9 12.79 -1.51 3.89
C GLN A 9 11.51 -0.69 4.02
N ALA A 10 10.86 -0.40 2.92
CA ALA A 10 9.60 0.39 2.98
C ALA A 10 8.43 -0.45 2.48
N VAL A 11 8.20 -1.58 3.08
CA VAL A 11 7.06 -2.43 2.64
C VAL A 11 6.44 -3.16 3.85
N CYS A 12 5.24 -3.64 3.70
CA CYS A 12 4.56 -4.34 4.84
C CYS A 12 5.51 -5.36 5.47
N THR A 13 5.47 -5.48 6.77
CA THR A 13 6.37 -6.46 7.44
C THR A 13 5.90 -7.88 7.15
N ARG A 14 4.63 -8.05 6.84
CA ARG A 14 4.11 -9.42 6.54
C ARG A 14 4.10 -9.64 5.03
N CYS A 15 3.37 -8.85 4.30
CA CYS A 15 3.32 -9.03 2.82
C CYS A 15 4.68 -8.68 2.21
N LYS A 16 5.47 -7.89 2.89
CA LYS A 16 6.81 -7.51 2.38
C LYS A 16 6.69 -6.62 1.14
N GLU A 17 5.51 -6.17 0.80
CA GLU A 17 5.34 -5.30 -0.38
C GLU A 17 3.92 -4.73 -0.45
N SER A 18 3.64 -3.94 -1.44
CA SER A 18 2.27 -3.35 -1.57
C SER A 18 1.92 -2.50 -0.35
N ALA A 19 2.88 -1.78 0.18
CA ALA A 19 2.60 -0.93 1.37
C ALA A 19 3.25 0.45 1.21
N ASP A 20 2.59 1.46 1.70
CA ASP A 20 3.15 2.84 1.59
C ASP A 20 2.86 3.63 2.88
N PHE A 21 2.61 2.93 3.96
CA PHE A 21 2.31 3.63 5.24
C PHE A 21 2.86 2.82 6.42
N TRP A 22 3.24 3.47 7.48
CA TRP A 22 3.78 2.73 8.66
C TRP A 22 3.28 3.37 9.96
N CYS A 23 2.95 2.56 10.93
CA CYS A 23 2.46 3.13 12.22
C CYS A 23 3.62 3.75 13.01
N PHE A 24 3.45 4.96 13.46
CA PHE A 24 4.53 5.63 14.24
C PHE A 24 4.71 4.95 15.60
N GLU A 25 3.63 4.54 16.21
CA GLU A 25 3.73 3.88 17.54
C GLU A 25 4.24 2.45 17.36
N CYS A 26 3.61 1.68 16.52
CA CYS A 26 4.07 0.27 16.30
C CYS A 26 5.36 0.25 15.47
N GLU A 27 5.66 1.32 14.80
CA GLU A 27 6.91 1.36 13.97
C GLU A 27 6.91 0.17 13.00
N GLN A 28 5.78 -0.19 12.47
CA GLN A 28 5.72 -1.34 11.53
C GLN A 28 5.10 -0.90 10.19
N LEU A 29 5.48 -1.53 9.12
CA LEU A 29 4.90 -1.15 7.80
C LEU A 29 3.66 -1.99 7.51
N LEU A 30 2.64 -1.41 6.95
CA LEU A 30 1.40 -2.18 6.65
C LEU A 30 0.94 -1.93 5.22
N CYS A 31 0.35 -2.91 4.59
CA CYS A 31 -0.12 -2.73 3.19
C CYS A 31 -1.57 -2.27 3.18
N ALA A 32 -2.07 -1.87 2.04
CA ALA A 32 -3.49 -1.41 1.96
C ALA A 32 -4.41 -2.44 2.61
N LYS A 33 -4.04 -3.69 2.60
CA LYS A 33 -4.90 -4.74 3.22
C LYS A 33 -4.80 -4.67 4.75
N CYS A 34 -3.68 -4.26 5.27
CA CYS A 34 -3.52 -4.18 6.74
C CYS A 34 -3.80 -2.75 7.23
N PHE A 35 -3.27 -1.78 6.54
CA PHE A 35 -3.50 -0.37 6.97
C PHE A 35 -5.01 -0.08 7.08
N GLU A 36 -5.75 -0.38 6.04
CA GLU A 36 -7.21 -0.12 6.09
C GLU A 36 -7.83 -0.80 7.31
N ALA A 37 -7.49 -2.04 7.56
CA ALA A 37 -8.07 -2.74 8.75
C ALA A 37 -7.55 -2.11 10.04
N HIS A 38 -6.28 -1.81 10.09
CA HIS A 38 -5.70 -1.19 11.32
C HIS A 38 -6.50 0.07 11.71
N GLN A 39 -6.65 0.98 10.79
CA GLN A 39 -7.41 2.24 11.10
C GLN A 39 -8.86 1.90 11.42
N TRP A 40 -9.39 0.85 10.86
CA TRP A 40 -10.80 0.48 11.14
C TRP A 40 -10.90 -0.37 12.40
N PHE A 41 -9.82 -1.00 12.78
CA PHE A 41 -9.84 -1.85 14.01
C PHE A 41 -9.51 -1.01 15.24
N LEU A 42 -8.85 0.10 15.06
CA LEU A 42 -8.49 0.97 16.22
C LEU A 42 -7.99 2.33 15.74
N LYS A 43 -7.70 3.22 16.64
CA LYS A 43 -7.22 4.57 16.24
C LYS A 43 -5.70 4.66 16.40
N HIS A 44 -4.98 4.77 15.32
CA HIS A 44 -3.50 4.86 15.41
C HIS A 44 -2.97 6.00 14.54
N GLU A 45 -1.88 6.59 14.92
CA GLU A 45 -1.32 7.72 14.10
C GLU A 45 -0.22 7.20 13.16
N ALA A 46 -0.52 7.09 11.90
CA ALA A 46 0.51 6.59 10.94
C ALA A 46 0.84 7.67 9.91
N ARG A 47 2.00 7.59 9.32
CA ARG A 47 2.39 8.61 8.29
C ARG A 47 2.70 7.92 6.96
N PRO A 48 2.64 8.69 5.91
CA PRO A 48 2.92 8.15 4.55
C PRO A 48 4.42 7.89 4.38
N LEU A 49 4.77 6.84 3.69
CA LEU A 49 6.21 6.53 3.48
C LEU A 49 6.90 7.68 2.74
N ALA A 50 6.15 8.44 1.99
CA ALA A 50 6.76 9.57 1.22
C ALA A 50 7.43 10.56 2.19
N GLU A 51 8.06 11.56 1.68
CA GLU A 51 8.74 12.56 2.56
C GLU A 51 9.09 13.82 1.78
N GLY B 1 -0.60 2.64 -18.73
CA GLY B 1 0.63 2.88 -19.53
C GLY B 1 1.72 1.89 -19.12
N SER B 2 1.53 0.63 -19.40
CA SER B 2 2.54 -0.39 -19.03
C SER B 2 2.80 -1.34 -20.20
N ARG B 3 4.04 -1.64 -20.48
CA ARG B 3 4.35 -2.56 -21.61
C ARG B 3 5.85 -2.81 -21.68
N GLN B 4 6.32 -3.38 -22.77
CA GLN B 4 7.79 -3.65 -22.89
C GLN B 4 8.28 -4.45 -21.68
N ILE B 5 7.86 -5.69 -21.57
CA ILE B 5 8.30 -6.51 -20.41
C ILE B 5 8.10 -5.76 -19.10
N VAL B 6 6.91 -5.78 -18.57
CA VAL B 6 6.64 -5.06 -17.29
C VAL B 6 7.01 -5.94 -16.10
N ASP B 7 6.61 -7.19 -16.12
CA ASP B 7 6.94 -8.10 -14.99
C ASP B 7 6.31 -7.59 -13.69
N ALA B 8 5.08 -7.16 -13.75
CA ALA B 8 4.41 -6.65 -12.52
C ALA B 8 2.96 -6.26 -12.83
N GLN B 9 2.05 -7.17 -12.66
CA GLN B 9 0.61 -6.86 -12.94
C GLN B 9 -0.17 -6.76 -11.63
N ALA B 10 0.49 -6.42 -10.56
CA ALA B 10 -0.23 -6.30 -9.25
C ALA B 10 0.32 -5.12 -8.45
N VAL B 11 0.42 -3.97 -9.06
CA VAL B 11 0.96 -2.78 -8.34
C VAL B 11 0.44 -1.49 -8.97
N CYS B 12 0.49 -0.40 -8.25
CA CYS B 12 -0.01 0.89 -8.80
C CYS B 12 0.55 1.13 -10.20
N THR B 13 -0.25 1.69 -11.07
CA THR B 13 0.23 1.94 -12.46
C THR B 13 1.19 3.14 -12.47
N ARG B 14 1.09 3.99 -11.49
CA ARG B 14 1.99 5.18 -11.44
C ARG B 14 3.21 4.86 -10.57
N CYS B 15 3.00 4.41 -9.36
CA CYS B 15 4.14 4.08 -8.47
C CYS B 15 4.74 2.72 -8.86
N LYS B 16 3.95 1.88 -9.49
CA LYS B 16 4.46 0.53 -9.90
C LYS B 16 4.70 -0.35 -8.68
N GLU B 17 4.31 0.08 -7.51
CA GLU B 17 4.53 -0.76 -6.29
C GLU B 17 3.86 -0.12 -5.07
N SER B 18 3.92 -0.78 -3.95
CA SER B 18 3.29 -0.23 -2.72
C SER B 18 1.77 -0.15 -2.89
N ALA B 19 1.20 -1.04 -3.65
CA ALA B 19 -0.28 -1.02 -3.85
C ALA B 19 -0.86 -2.43 -3.75
N ASP B 20 -2.04 -2.57 -3.21
CA ASP B 20 -2.66 -3.92 -3.09
C ASP B 20 -4.16 -3.83 -3.40
N PHE B 21 -4.55 -2.84 -4.16
CA PHE B 21 -6.00 -2.71 -4.51
C PHE B 21 -6.15 -2.06 -5.89
N TRP B 22 -7.18 -2.41 -6.61
CA TRP B 22 -7.37 -1.81 -7.96
C TRP B 22 -8.81 -1.31 -8.12
N CYS B 23 -8.99 -0.12 -8.62
CA CYS B 23 -10.36 0.43 -8.79
C CYS B 23 -11.17 -0.45 -9.74
N PHE B 24 -12.38 -0.78 -9.39
CA PHE B 24 -13.22 -1.64 -10.28
C PHE B 24 -13.71 -0.82 -11.48
N GLU B 25 -14.11 0.40 -11.24
CA GLU B 25 -14.60 1.26 -12.36
C GLU B 25 -13.42 1.71 -13.23
N CYS B 26 -12.37 2.18 -12.62
CA CYS B 26 -11.19 2.64 -13.40
C CYS B 26 -10.37 1.44 -13.89
N GLU B 27 -10.59 0.28 -13.32
CA GLU B 27 -9.83 -0.92 -13.75
C GLU B 27 -8.32 -0.66 -13.66
N GLN B 28 -7.92 0.24 -12.79
CA GLN B 28 -6.46 0.54 -12.65
C GLN B 28 -6.00 0.26 -11.23
N LEU B 29 -4.72 0.14 -11.02
CA LEU B 29 -4.21 -0.13 -9.64
C LEU B 29 -3.88 1.18 -8.92
N LEU B 30 -3.98 1.20 -7.62
CA LEU B 30 -3.68 2.45 -6.87
C LEU B 30 -3.01 2.11 -5.54
N CYS B 31 -1.91 2.76 -5.23
CA CYS B 31 -1.21 2.48 -3.95
C CYS B 31 -1.98 3.09 -2.77
N ALA B 32 -1.62 2.74 -1.57
CA ALA B 32 -2.32 3.31 -0.38
C ALA B 32 -2.43 4.83 -0.51
N LYS B 33 -1.45 5.45 -1.11
CA LYS B 33 -1.49 6.93 -1.25
C LYS B 33 -2.57 7.33 -2.27
N CYS B 34 -2.85 6.47 -3.21
CA CYS B 34 -3.89 6.79 -4.23
C CYS B 34 -5.24 6.20 -3.80
N PHE B 35 -5.26 4.95 -3.45
CA PHE B 35 -6.55 4.32 -3.01
C PHE B 35 -7.20 5.16 -1.93
N GLU B 36 -6.43 5.62 -0.98
CA GLU B 36 -7.00 6.45 0.12
C GLU B 36 -7.44 7.82 -0.42
N ALA B 37 -6.72 8.35 -1.36
CA ALA B 37 -7.09 9.68 -1.92
C ALA B 37 -8.41 9.57 -2.70
N HIS B 38 -8.61 8.48 -3.40
CA HIS B 38 -9.86 8.31 -4.18
C HIS B 38 -11.05 8.12 -3.22
N GLN B 39 -11.00 7.11 -2.39
CA GLN B 39 -12.11 6.88 -1.43
C GLN B 39 -12.39 8.16 -0.63
N TRP B 40 -11.42 9.03 -0.53
CA TRP B 40 -11.64 10.29 0.23
C TRP B 40 -12.02 11.41 -0.73
N PHE B 41 -11.48 11.40 -1.92
CA PHE B 41 -11.83 12.46 -2.91
C PHE B 41 -13.31 12.41 -3.24
N LEU B 42 -13.94 11.29 -3.02
CA LEU B 42 -15.39 11.17 -3.34
C LEU B 42 -15.91 9.80 -2.88
N LYS B 43 -16.73 9.16 -3.66
CA LYS B 43 -17.26 7.83 -3.25
C LYS B 43 -16.87 6.77 -4.28
N HIS B 44 -15.92 5.93 -3.97
CA HIS B 44 -15.50 4.88 -4.93
C HIS B 44 -15.32 3.55 -4.22
N GLU B 45 -15.38 2.46 -4.94
CA GLU B 45 -15.21 1.12 -4.31
C GLU B 45 -14.11 0.34 -5.01
N ALA B 46 -13.06 0.01 -4.32
CA ALA B 46 -11.95 -0.75 -4.96
C ALA B 46 -11.89 -2.18 -4.38
N ARG B 47 -11.33 -3.10 -5.12
CA ARG B 47 -11.23 -4.49 -4.61
C ARG B 47 -9.77 -4.86 -4.32
N PRO B 48 -9.59 -5.88 -3.53
CA PRO B 48 -8.23 -6.35 -3.17
C PRO B 48 -7.57 -7.05 -4.36
N LEU B 49 -6.28 -6.98 -4.45
CA LEU B 49 -5.57 -7.63 -5.59
C LEU B 49 -5.68 -9.16 -5.47
N ALA B 50 -5.94 -9.65 -4.28
CA ALA B 50 -6.05 -11.12 -4.10
C ALA B 50 -7.23 -11.68 -4.90
N GLU B 51 -7.52 -12.94 -4.75
CA GLU B 51 -8.66 -13.53 -5.50
C GLU B 51 -9.97 -13.35 -4.72
ZN ZN C . -0.02 -6.82 5.12
ZN ZN D . -0.67 0.97 15.30
ZN ZN E . 0.14 5.53 -6.62
ZN ZN F . -11.52 4.75 -9.25
N GLY A 1 25.76 -5.67 13.67
CA GLY A 1 24.33 -6.04 13.81
C GLY A 1 23.46 -4.79 13.65
N SER A 2 22.48 -4.62 14.49
CA SER A 2 21.61 -3.42 14.39
C SER A 2 21.35 -2.83 15.79
N ARG A 3 21.94 -1.71 16.07
CA ARG A 3 21.73 -1.08 17.42
C ARG A 3 20.95 0.23 17.29
N GLN A 4 20.30 0.45 16.17
CA GLN A 4 19.53 1.70 16.00
C GLN A 4 18.11 1.39 15.51
N ILE A 5 17.97 1.01 14.27
CA ILE A 5 16.61 0.69 13.74
C ILE A 5 16.59 -0.72 13.16
N VAL A 6 15.43 -1.26 12.90
CA VAL A 6 15.35 -2.63 12.34
C VAL A 6 14.61 -2.61 11.00
N ASP A 7 15.15 -3.30 10.02
CA ASP A 7 14.48 -3.32 8.69
C ASP A 7 14.26 -1.90 8.18
N ALA A 8 15.12 -1.42 7.31
CA ALA A 8 14.97 -0.04 6.78
C ALA A 8 14.28 -0.07 5.41
N GLN A 9 13.28 -0.89 5.27
CA GLN A 9 12.57 -0.97 3.95
C GLN A 9 11.29 -0.13 3.99
N ALA A 10 10.62 0.01 2.88
CA ALA A 10 9.37 0.81 2.86
C ALA A 10 8.19 -0.06 2.42
N VAL A 11 8.04 -1.22 3.01
CA VAL A 11 6.92 -2.12 2.62
C VAL A 11 6.36 -2.83 3.86
N CYS A 12 5.16 -3.35 3.77
CA CYS A 12 4.56 -4.05 4.95
C CYS A 12 5.57 -5.01 5.58
N THR A 13 5.37 -5.35 6.82
CA THR A 13 6.31 -6.29 7.49
C THR A 13 5.90 -7.74 7.22
N ARG A 14 4.63 -8.01 7.18
CA ARG A 14 4.17 -9.40 6.93
C ARG A 14 4.11 -9.66 5.42
N CYS A 15 3.58 -8.72 4.67
CA CYS A 15 3.49 -8.91 3.19
C CYS A 15 4.81 -8.52 2.54
N LYS A 16 5.56 -7.64 3.16
CA LYS A 16 6.87 -7.21 2.60
C LYS A 16 6.67 -6.38 1.32
N GLU A 17 5.46 -6.01 1.00
CA GLU A 17 5.24 -5.19 -0.23
C GLU A 17 3.79 -4.70 -0.30
N SER A 18 3.46 -3.98 -1.34
CA SER A 18 2.08 -3.46 -1.49
C SER A 18 1.66 -2.64 -0.26
N ALA A 19 2.56 -1.81 0.23
CA ALA A 19 2.21 -0.99 1.43
C ALA A 19 2.81 0.41 1.29
N ASP A 20 2.11 1.42 1.72
CA ASP A 20 2.64 2.81 1.63
C ASP A 20 2.41 3.56 2.93
N PHE A 21 2.24 2.85 4.02
CA PHE A 21 2.01 3.53 5.33
C PHE A 21 2.53 2.65 6.47
N TRP A 22 3.05 3.26 7.50
CA TRP A 22 3.57 2.46 8.65
C TRP A 22 3.23 3.16 9.96
N CYS A 23 3.07 2.40 11.02
CA CYS A 23 2.72 3.03 12.34
C CYS A 23 3.98 3.62 12.98
N PHE A 24 3.93 4.87 13.34
CA PHE A 24 5.11 5.52 13.98
C PHE A 24 5.36 4.90 15.36
N GLU A 25 4.33 4.64 16.10
CA GLU A 25 4.51 4.04 17.46
C GLU A 25 4.85 2.55 17.33
N CYS A 26 4.13 1.84 16.50
CA CYS A 26 4.41 0.38 16.33
C CYS A 26 5.68 0.18 15.50
N GLU A 27 6.12 1.19 14.80
CA GLU A 27 7.35 1.04 13.96
C GLU A 27 7.21 -0.15 13.02
N GLN A 28 6.02 -0.39 12.54
CA GLN A 28 5.80 -1.53 11.61
C GLN A 28 5.14 -1.05 10.32
N LEU A 29 5.27 -1.80 9.26
CA LEU A 29 4.64 -1.39 7.97
C LEU A 29 3.34 -2.16 7.75
N LEU A 30 2.38 -1.56 7.10
CA LEU A 30 1.09 -2.28 6.85
C LEU A 30 0.60 -2.01 5.42
N CYS A 31 0.18 -3.03 4.74
CA CYS A 31 -0.30 -2.84 3.33
C CYS A 31 -1.75 -2.36 3.35
N ALA A 32 -2.27 -1.95 2.22
CA ALA A 32 -3.68 -1.48 2.17
C ALA A 32 -4.60 -2.48 2.85
N LYS A 33 -4.26 -3.74 2.81
CA LYS A 33 -5.13 -4.77 3.44
C LYS A 33 -5.02 -4.68 4.97
N CYS A 34 -3.88 -4.28 5.47
CA CYS A 34 -3.73 -4.17 6.95
C CYS A 34 -3.98 -2.73 7.41
N PHE A 35 -3.54 -1.77 6.63
CA PHE A 35 -3.75 -0.35 7.02
C PHE A 35 -5.26 -0.04 7.10
N GLU A 36 -6.01 -0.45 6.12
CA GLU A 36 -7.48 -0.18 6.14
C GLU A 36 -8.12 -0.89 7.34
N ALA A 37 -7.81 -2.14 7.54
CA ALA A 37 -8.40 -2.88 8.69
C ALA A 37 -7.98 -2.24 10.01
N HIS A 38 -6.77 -1.74 10.08
CA HIS A 38 -6.31 -1.09 11.34
C HIS A 38 -7.16 0.14 11.64
N GLN A 39 -7.25 1.06 10.73
CA GLN A 39 -8.06 2.29 10.97
C GLN A 39 -9.50 1.90 11.31
N TRP A 40 -9.97 0.79 10.81
CA TRP A 40 -11.36 0.36 11.11
C TRP A 40 -11.41 -0.43 12.41
N PHE A 41 -10.33 -1.09 12.75
CA PHE A 41 -10.31 -1.88 14.01
C PHE A 41 -10.23 -0.96 15.23
N LEU A 42 -9.53 0.14 15.11
CA LEU A 42 -9.42 1.08 16.27
C LEU A 42 -8.80 2.41 15.81
N LYS A 43 -8.54 3.30 16.72
CA LYS A 43 -7.95 4.60 16.35
C LYS A 43 -6.42 4.56 16.51
N HIS A 44 -5.70 4.50 15.42
CA HIS A 44 -4.21 4.45 15.51
C HIS A 44 -3.59 5.58 14.71
N GLU A 45 -2.30 5.75 14.80
CA GLU A 45 -1.63 6.85 14.05
C GLU A 45 -0.48 6.29 13.21
N ALA A 46 -0.34 6.74 12.00
CA ALA A 46 0.76 6.23 11.13
C ALA A 46 1.19 7.29 10.12
N ARG A 47 2.45 7.36 9.81
CA ARG A 47 2.92 8.38 8.82
C ARG A 47 3.04 7.76 7.44
N PRO A 48 2.87 8.59 6.44
CA PRO A 48 2.95 8.12 5.03
C PRO A 48 4.41 7.82 4.65
N LEU A 49 4.63 6.83 3.84
CA LEU A 49 6.03 6.50 3.43
C LEU A 49 6.65 7.68 2.68
N ALA A 50 5.84 8.47 2.02
CA ALA A 50 6.38 9.63 1.26
C ALA A 50 7.23 10.51 2.19
N GLU A 51 8.28 11.07 1.68
CA GLU A 51 9.16 11.95 2.53
C GLU A 51 8.62 13.37 2.55
N GLY B 1 16.61 -1.70 -24.60
CA GLY B 1 15.57 -2.41 -25.39
C GLY B 1 14.30 -1.57 -25.43
N SER B 2 13.79 -1.29 -26.60
CA SER B 2 12.55 -0.47 -26.70
C SER B 2 11.37 -1.23 -26.10
N ARG B 3 11.41 -2.53 -26.12
CA ARG B 3 10.29 -3.33 -25.55
C ARG B 3 10.27 -3.19 -24.02
N GLN B 4 9.18 -2.74 -23.47
CA GLN B 4 9.10 -2.57 -22.00
C GLN B 4 8.44 -3.80 -21.36
N ILE B 5 8.73 -4.06 -20.12
CA ILE B 5 8.12 -5.25 -19.44
C ILE B 5 7.66 -4.88 -18.03
N VAL B 6 6.45 -5.21 -17.67
CA VAL B 6 5.95 -4.88 -16.32
C VAL B 6 6.36 -5.97 -15.32
N ASP B 7 6.11 -7.22 -15.66
CA ASP B 7 6.48 -8.32 -14.73
C ASP B 7 5.74 -8.16 -13.41
N ALA B 8 4.55 -7.63 -13.44
CA ALA B 8 3.78 -7.45 -12.18
C ALA B 8 2.39 -6.89 -12.48
N GLN B 9 1.36 -7.67 -12.31
CA GLN B 9 -0.01 -7.17 -12.59
C GLN B 9 -0.80 -7.02 -11.28
N ALA B 10 -0.15 -6.56 -10.24
CA ALA B 10 -0.85 -6.38 -8.94
C ALA B 10 -0.26 -5.20 -8.18
N VAL B 11 -0.02 -4.12 -8.88
CA VAL B 11 0.57 -2.92 -8.20
C VAL B 11 0.03 -1.63 -8.85
N CYS B 12 0.13 -0.54 -8.16
CA CYS B 12 -0.36 0.75 -8.73
C CYS B 12 0.11 0.93 -10.16
N THR B 13 -0.71 1.52 -11.00
CA THR B 13 -0.31 1.73 -12.41
C THR B 13 0.67 2.91 -12.49
N ARG B 14 0.66 3.78 -11.52
CA ARG B 14 1.60 4.94 -11.53
C ARG B 14 2.85 4.61 -10.73
N CYS B 15 2.69 4.22 -9.49
CA CYS B 15 3.88 3.88 -8.65
C CYS B 15 4.41 2.50 -9.03
N LYS B 16 3.58 1.68 -9.62
CA LYS B 16 4.02 0.32 -10.02
C LYS B 16 4.31 -0.56 -8.80
N GLU B 17 3.92 -0.11 -7.62
CA GLU B 17 4.18 -0.93 -6.40
C GLU B 17 3.46 -0.32 -5.19
N SER B 18 3.62 -0.93 -4.04
CA SER B 18 2.97 -0.40 -2.82
C SER B 18 1.46 -0.23 -3.03
N ALA B 19 0.83 -1.18 -3.65
CA ALA B 19 -0.64 -1.07 -3.88
C ALA B 19 -1.29 -2.46 -3.84
N ASP B 20 -2.34 -2.62 -3.07
CA ASP B 20 -3.01 -3.95 -3.00
C ASP B 20 -4.51 -3.80 -3.25
N PHE B 21 -4.90 -2.77 -3.97
CA PHE B 21 -6.34 -2.57 -4.26
C PHE B 21 -6.52 -2.00 -5.67
N TRP B 22 -7.59 -2.36 -6.32
CA TRP B 22 -7.83 -1.85 -7.70
C TRP B 22 -9.27 -1.39 -7.86
N CYS B 23 -9.50 -0.35 -8.61
CA CYS B 23 -10.89 0.16 -8.79
C CYS B 23 -11.65 -0.73 -9.78
N PHE B 24 -12.82 -1.19 -9.40
CA PHE B 24 -13.60 -2.08 -10.31
C PHE B 24 -14.07 -1.28 -11.54
N GLU B 25 -14.49 -0.05 -11.35
CA GLU B 25 -14.95 0.76 -12.50
C GLU B 25 -13.75 1.21 -13.34
N CYS B 26 -12.72 1.69 -12.72
CA CYS B 26 -11.53 2.15 -13.48
C CYS B 26 -10.68 0.94 -13.92
N GLU B 27 -10.87 -0.18 -13.29
CA GLU B 27 -10.08 -1.39 -13.67
C GLU B 27 -8.58 -1.09 -13.57
N GLN B 28 -8.22 -0.09 -12.81
CA GLN B 28 -6.77 0.25 -12.67
C GLN B 28 -6.32 0.02 -11.23
N LEU B 29 -5.03 -0.02 -11.00
CA LEU B 29 -4.53 -0.25 -9.61
C LEU B 29 -4.19 1.08 -8.94
N LEU B 30 -4.30 1.14 -7.65
CA LEU B 30 -3.99 2.42 -6.93
C LEU B 30 -3.29 2.11 -5.60
N CYS B 31 -2.21 2.78 -5.32
CA CYS B 31 -1.48 2.53 -4.04
C CYS B 31 -2.25 3.17 -2.87
N ALA B 32 -1.86 2.88 -1.67
CA ALA B 32 -2.56 3.46 -0.49
C ALA B 32 -2.69 4.97 -0.66
N LYS B 33 -1.74 5.60 -1.31
CA LYS B 33 -1.82 7.07 -1.51
C LYS B 33 -2.83 7.41 -2.62
N CYS B 34 -3.13 6.47 -3.47
CA CYS B 34 -4.12 6.74 -4.55
C CYS B 34 -5.48 6.13 -4.21
N PHE B 35 -5.50 4.95 -3.68
CA PHE B 35 -6.79 4.31 -3.32
C PHE B 35 -7.51 5.12 -2.24
N GLU B 36 -6.86 5.34 -1.13
CA GLU B 36 -7.50 6.13 -0.03
C GLU B 36 -7.90 7.52 -0.55
N ALA B 37 -7.05 8.15 -1.30
CA ALA B 37 -7.38 9.50 -1.83
C ALA B 37 -8.68 9.44 -2.65
N HIS B 38 -8.82 8.44 -3.48
CA HIS B 38 -10.05 8.31 -4.29
C HIS B 38 -11.28 8.21 -3.37
N GLN B 39 -11.28 7.28 -2.46
CA GLN B 39 -12.44 7.13 -1.54
C GLN B 39 -12.71 8.44 -0.80
N TRP B 40 -11.74 9.32 -0.75
CA TRP B 40 -11.95 10.62 -0.05
C TRP B 40 -12.22 11.73 -1.07
N PHE B 41 -11.71 11.58 -2.26
CA PHE B 41 -11.95 12.62 -3.30
C PHE B 41 -13.41 12.58 -3.77
N LEU B 42 -14.07 11.47 -3.57
CA LEU B 42 -15.49 11.36 -4.01
C LEU B 42 -16.08 10.03 -3.54
N LYS B 43 -16.85 9.38 -4.36
CA LYS B 43 -17.44 8.07 -3.95
C LYS B 43 -16.97 6.97 -4.90
N HIS B 44 -16.11 6.10 -4.44
CA HIS B 44 -15.61 5.01 -5.33
C HIS B 44 -15.52 3.70 -4.55
N GLU B 45 -15.68 2.59 -5.23
CA GLU B 45 -15.60 1.27 -4.53
C GLU B 45 -14.48 0.43 -5.15
N ALA B 46 -13.39 0.26 -4.44
CA ALA B 46 -12.27 -0.55 -4.98
C ALA B 46 -12.13 -1.86 -4.20
N ARG B 47 -11.80 -2.93 -4.86
CA ARG B 47 -11.65 -4.23 -4.14
C ARG B 47 -10.17 -4.54 -3.91
N PRO B 48 -9.92 -5.43 -2.98
CA PRO B 48 -8.53 -5.82 -2.65
C PRO B 48 -7.94 -6.68 -3.78
N LEU B 49 -6.64 -6.68 -3.92
CA LEU B 49 -6.01 -7.49 -4.99
C LEU B 49 -5.79 -8.94 -4.51
N ALA B 50 -5.87 -9.17 -3.23
CA ALA B 50 -5.67 -10.55 -2.70
C ALA B 50 -6.57 -11.53 -3.45
N GLU B 51 -6.51 -12.79 -3.10
CA GLU B 51 -7.37 -13.80 -3.78
C GLU B 51 -7.71 -14.94 -2.82
ZN ZN C . 0.25 -6.29 5.32
ZN ZN D . -0.60 0.48 15.10
ZN ZN E . 0.01 5.44 -6.76
ZN ZN F . -11.42 4.83 -9.41
N GLY A 1 29.74 0.36 12.82
CA GLY A 1 28.96 0.57 14.06
C GLY A 1 27.50 0.21 13.82
N SER A 2 26.77 -0.10 14.85
CA SER A 2 25.33 -0.46 14.67
C SER A 2 24.47 0.80 14.56
N ARG A 3 23.61 0.87 13.58
CA ARG A 3 22.75 2.08 13.43
C ARG A 3 21.50 1.95 14.31
N GLN A 4 20.97 3.05 14.77
CA GLN A 4 19.76 2.98 15.63
C GLN A 4 18.53 2.61 14.79
N ILE A 5 18.49 3.02 13.56
CA ILE A 5 17.33 2.69 12.70
C ILE A 5 17.31 1.20 12.37
N VAL A 6 16.16 0.60 12.30
CA VAL A 6 16.08 -0.85 11.98
C VAL A 6 15.10 -1.08 10.82
N ASP A 7 15.23 -2.18 10.13
CA ASP A 7 14.31 -2.47 9.00
C ASP A 7 14.43 -1.37 7.94
N ALA A 8 15.31 -1.53 6.98
CA ALA A 8 15.47 -0.49 5.93
C ALA A 8 14.58 -0.82 4.72
N GLN A 9 13.40 -1.34 4.96
CA GLN A 9 12.51 -1.67 3.82
C GLN A 9 11.17 -0.93 3.97
N ALA A 10 10.78 -0.19 2.96
CA ALA A 10 9.49 0.56 3.05
C ALA A 10 8.34 -0.30 2.53
N VAL A 11 8.11 -1.43 3.15
CA VAL A 11 6.99 -2.31 2.70
C VAL A 11 6.38 -3.05 3.89
N CYS A 12 5.18 -3.54 3.73
CA CYS A 12 4.51 -4.27 4.85
C CYS A 12 5.47 -5.28 5.48
N THR A 13 5.29 -5.57 6.74
CA THR A 13 6.19 -6.55 7.41
C THR A 13 5.77 -7.97 7.05
N ARG A 14 4.50 -8.18 6.83
CA ARG A 14 4.02 -9.55 6.48
C ARG A 14 4.03 -9.75 4.96
N CYS A 15 3.42 -8.85 4.23
CA CYS A 15 3.41 -8.98 2.75
C CYS A 15 4.78 -8.60 2.18
N LYS A 16 5.52 -7.79 2.90
CA LYS A 16 6.88 -7.37 2.41
C LYS A 16 6.75 -6.50 1.15
N GLU A 17 5.58 -6.01 0.86
CA GLU A 17 5.41 -5.15 -0.35
C GLU A 17 3.98 -4.60 -0.42
N SER A 18 3.67 -3.87 -1.45
CA SER A 18 2.30 -3.30 -1.59
C SER A 18 1.92 -2.50 -0.35
N ALA A 19 2.84 -1.72 0.18
CA ALA A 19 2.53 -0.91 1.39
C ALA A 19 3.29 0.42 1.34
N ASP A 20 2.67 1.49 1.78
CA ASP A 20 3.34 2.81 1.76
C ASP A 20 3.07 3.56 3.06
N PHE A 21 2.71 2.87 4.11
CA PHE A 21 2.42 3.55 5.40
C PHE A 21 2.94 2.72 6.57
N TRP A 22 3.33 3.36 7.64
CA TRP A 22 3.85 2.60 8.82
C TRP A 22 3.33 3.24 10.12
N CYS A 23 2.97 2.42 11.07
CA CYS A 23 2.45 2.97 12.36
C CYS A 23 3.60 3.56 13.18
N PHE A 24 3.42 4.74 13.71
CA PHE A 24 4.50 5.36 14.53
C PHE A 24 4.67 4.61 15.84
N GLU A 25 3.58 4.17 16.43
CA GLU A 25 3.69 3.43 17.72
C GLU A 25 4.20 2.00 17.46
N CYS A 26 3.58 1.29 16.56
CA CYS A 26 4.02 -0.10 16.25
C CYS A 26 5.33 -0.08 15.47
N GLU A 27 5.68 1.04 14.88
CA GLU A 27 6.95 1.12 14.10
C GLU A 27 6.98 0.02 13.04
N GLN A 28 5.85 -0.35 12.51
CA GLN A 28 5.83 -1.42 11.47
C GLN A 28 5.10 -0.92 10.21
N LEU A 29 5.31 -1.56 9.09
CA LEU A 29 4.63 -1.12 7.84
C LEU A 29 3.41 -2.01 7.56
N LEU A 30 2.39 -1.46 6.96
CA LEU A 30 1.18 -2.27 6.66
C LEU A 30 0.67 -1.97 5.25
N CYS A 31 0.30 -2.96 4.51
CA CYS A 31 -0.21 -2.73 3.13
C CYS A 31 -1.64 -2.18 3.18
N ALA A 32 -2.17 -1.78 2.05
CA ALA A 32 -3.56 -1.25 2.03
C ALA A 32 -4.51 -2.21 2.75
N LYS A 33 -4.23 -3.48 2.72
CA LYS A 33 -5.12 -4.47 3.40
C LYS A 33 -4.92 -4.41 4.92
N CYS A 34 -3.73 -4.10 5.35
CA CYS A 34 -3.48 -4.03 6.83
C CYS A 34 -3.69 -2.60 7.33
N PHE A 35 -3.31 -1.62 6.57
CA PHE A 35 -3.48 -0.21 7.01
C PHE A 35 -4.96 0.10 7.23
N GLU A 36 -5.80 -0.33 6.32
CA GLU A 36 -7.26 -0.06 6.47
C GLU A 36 -7.79 -0.70 7.76
N ALA A 37 -7.45 -1.95 7.99
CA ALA A 37 -7.93 -2.63 9.23
C ALA A 37 -7.45 -1.86 10.47
N HIS A 38 -6.25 -1.33 10.43
CA HIS A 38 -5.74 -0.58 11.60
C HIS A 38 -6.61 0.65 11.87
N GLN A 39 -6.81 1.48 10.89
CA GLN A 39 -7.65 2.70 11.08
C GLN A 39 -9.14 2.32 11.12
N TRP A 40 -9.48 1.14 10.67
CA TRP A 40 -10.91 0.73 10.68
C TRP A 40 -11.24 0.00 11.98
N PHE A 41 -10.36 -0.85 12.43
CA PHE A 41 -10.63 -1.61 13.69
C PHE A 41 -10.35 -0.72 14.91
N LEU A 42 -9.33 0.10 14.83
CA LEU A 42 -9.00 0.99 15.98
C LEU A 42 -8.41 2.31 15.48
N LYS A 43 -8.10 3.21 16.38
CA LYS A 43 -7.53 4.52 15.96
C LYS A 43 -6.02 4.55 16.25
N HIS A 44 -5.22 4.63 15.23
CA HIS A 44 -3.74 4.66 15.44
C HIS A 44 -3.12 5.79 14.62
N GLU A 45 -2.01 6.32 15.08
CA GLU A 45 -1.36 7.43 14.33
C GLU A 45 -0.33 6.86 13.34
N ALA A 46 -0.63 6.89 12.07
CA ALA A 46 0.32 6.35 11.07
C ALA A 46 0.82 7.47 10.14
N ARG A 47 1.96 7.28 9.53
CA ARG A 47 2.50 8.32 8.62
C ARG A 47 2.83 7.71 7.26
N PRO A 48 2.90 8.56 6.27
CA PRO A 48 3.21 8.10 4.89
C PRO A 48 4.68 7.73 4.78
N LEU A 49 4.99 6.70 4.03
CA LEU A 49 6.41 6.29 3.88
C LEU A 49 7.21 7.39 3.17
N ALA A 50 6.54 8.27 2.48
CA ALA A 50 7.28 9.36 1.78
C ALA A 50 7.65 10.47 2.76
N GLU A 51 8.43 11.42 2.33
CA GLU A 51 8.84 12.53 3.25
C GLU A 51 7.85 13.69 3.14
N GLY B 1 7.28 -1.61 -30.11
CA GLY B 1 8.05 -1.46 -28.85
C GLY B 1 8.22 -2.82 -28.19
N SER B 2 9.43 -3.32 -28.14
CA SER B 2 9.66 -4.65 -27.51
C SER B 2 9.20 -4.62 -26.05
N ARG B 3 9.57 -5.61 -25.28
CA ARG B 3 9.15 -5.65 -23.84
C ARG B 3 7.62 -5.53 -23.74
N GLN B 4 6.90 -6.40 -24.39
CA GLN B 4 5.42 -6.34 -24.33
C GLN B 4 4.93 -6.92 -23.00
N ILE B 5 5.60 -7.92 -22.49
CA ILE B 5 5.18 -8.52 -21.19
C ILE B 5 5.63 -7.65 -20.03
N VAL B 6 4.76 -7.40 -19.08
CA VAL B 6 5.14 -6.56 -17.92
C VAL B 6 5.84 -7.40 -16.86
N ASP B 7 6.09 -6.84 -15.70
CA ASP B 7 6.76 -7.61 -14.63
C ASP B 7 6.04 -7.42 -13.29
N ALA B 8 4.80 -6.99 -13.33
CA ALA B 8 4.04 -6.78 -12.08
C ALA B 8 2.57 -6.49 -12.39
N GLN B 9 1.73 -7.49 -12.36
CA GLN B 9 0.30 -7.27 -12.66
C GLN B 9 -0.49 -7.08 -11.35
N ALA B 10 0.17 -6.70 -10.30
CA ALA B 10 -0.54 -6.49 -9.00
C ALA B 10 0.04 -5.28 -8.27
N VAL B 11 0.07 -4.15 -8.92
CA VAL B 11 0.63 -2.93 -8.27
C VAL B 11 0.06 -1.67 -8.90
N CYS B 12 0.14 -0.56 -8.20
CA CYS B 12 -0.40 0.72 -8.75
C CYS B 12 0.04 0.92 -10.19
N THR B 13 -0.75 1.63 -10.96
CA THR B 13 -0.38 1.87 -12.39
C THR B 13 0.62 3.04 -12.48
N ARG B 14 0.64 3.88 -11.48
CA ARG B 14 1.59 5.04 -11.51
C ARG B 14 2.84 4.70 -10.69
N CYS B 15 2.67 4.30 -9.46
CA CYS B 15 3.84 3.95 -8.62
C CYS B 15 4.39 2.58 -9.04
N LYS B 16 3.56 1.77 -9.64
CA LYS B 16 4.01 0.41 -10.09
C LYS B 16 4.31 -0.49 -8.90
N GLU B 17 3.98 -0.06 -7.70
CA GLU B 17 4.24 -0.92 -6.51
C GLU B 17 3.65 -0.27 -5.25
N SER B 18 3.79 -0.93 -4.13
CA SER B 18 3.25 -0.35 -2.86
C SER B 18 1.72 -0.25 -2.94
N ALA B 19 1.09 -1.11 -3.68
CA ALA B 19 -0.40 -1.05 -3.79
C ALA B 19 -0.99 -2.46 -3.61
N ASP B 20 -2.12 -2.56 -2.96
CA ASP B 20 -2.74 -3.90 -2.76
C ASP B 20 -4.25 -3.83 -3.04
N PHE B 21 -4.68 -2.89 -3.81
CA PHE B 21 -6.13 -2.78 -4.13
C PHE B 21 -6.34 -2.15 -5.50
N TRP B 22 -7.38 -2.54 -6.20
CA TRP B 22 -7.64 -1.97 -7.54
C TRP B 22 -9.12 -1.62 -7.68
N CYS B 23 -9.43 -0.53 -8.33
CA CYS B 23 -10.86 -0.14 -8.50
C CYS B 23 -11.55 -1.04 -9.52
N PHE B 24 -12.66 -1.60 -9.18
CA PHE B 24 -13.39 -2.49 -10.13
C PHE B 24 -13.87 -1.68 -11.33
N GLU B 25 -14.41 -0.52 -11.09
CA GLU B 25 -14.90 0.32 -12.22
C GLU B 25 -13.73 0.90 -13.00
N CYS B 26 -12.78 1.48 -12.31
CA CYS B 26 -11.59 2.06 -13.01
C CYS B 26 -10.65 0.95 -13.50
N GLU B 27 -10.78 -0.23 -12.95
CA GLU B 27 -9.89 -1.35 -13.38
C GLU B 27 -8.43 -0.92 -13.29
N GLN B 28 -8.05 -0.22 -12.26
CA GLN B 28 -6.64 0.23 -12.13
C GLN B 28 -6.14 -0.02 -10.71
N LEU B 29 -4.85 -0.04 -10.51
CA LEU B 29 -4.31 -0.28 -9.15
C LEU B 29 -3.93 1.04 -8.48
N LEU B 30 -4.13 1.16 -7.19
CA LEU B 30 -3.79 2.42 -6.49
C LEU B 30 -2.96 2.13 -5.24
N CYS B 31 -1.84 2.78 -5.09
CA CYS B 31 -0.99 2.53 -3.88
C CYS B 31 -1.67 3.11 -2.63
N ALA B 32 -1.11 2.86 -1.48
CA ALA B 32 -1.73 3.40 -0.24
C ALA B 32 -2.00 4.91 -0.39
N LYS B 33 -1.14 5.60 -1.08
CA LYS B 33 -1.36 7.07 -1.26
C LYS B 33 -2.51 7.32 -2.24
N CYS B 34 -2.80 6.37 -3.07
CA CYS B 34 -3.92 6.55 -4.05
C CYS B 34 -5.17 5.82 -3.57
N PHE B 35 -5.04 4.57 -3.19
CA PHE B 35 -6.23 3.80 -2.72
C PHE B 35 -6.96 4.60 -1.63
N GLU B 36 -6.25 5.05 -0.64
CA GLU B 36 -6.90 5.82 0.45
C GLU B 36 -7.41 7.16 -0.08
N ALA B 37 -6.62 7.85 -0.86
CA ALA B 37 -7.06 9.16 -1.41
C ALA B 37 -8.42 9.02 -2.11
N HIS B 38 -8.56 8.00 -2.93
CA HIS B 38 -9.86 7.80 -3.63
C HIS B 38 -10.98 7.51 -2.64
N GLN B 39 -10.83 6.50 -1.84
CA GLN B 39 -11.88 6.16 -0.84
C GLN B 39 -12.16 7.35 0.08
N TRP B 40 -11.24 8.28 0.15
CA TRP B 40 -11.45 9.46 1.04
C TRP B 40 -11.86 10.68 0.20
N PHE B 41 -11.52 10.67 -1.07
CA PHE B 41 -11.89 11.82 -1.93
C PHE B 41 -13.37 11.74 -2.32
N LEU B 42 -13.97 10.58 -2.20
CA LEU B 42 -15.39 10.43 -2.57
C LEU B 42 -15.89 9.03 -2.21
N LYS B 43 -16.73 8.44 -3.04
CA LYS B 43 -17.25 7.08 -2.72
C LYS B 43 -16.87 6.10 -3.83
N HIS B 44 -15.96 5.20 -3.57
CA HIS B 44 -15.56 4.21 -4.60
C HIS B 44 -15.39 2.82 -3.97
N GLU B 45 -15.62 1.78 -4.72
CA GLU B 45 -15.47 0.41 -4.15
C GLU B 45 -14.30 -0.32 -4.82
N ALA B 46 -13.26 -0.58 -4.07
CA ALA B 46 -12.07 -1.29 -4.65
C ALA B 46 -11.86 -2.63 -3.96
N ARG B 47 -11.63 -3.68 -4.70
CA ARG B 47 -11.41 -5.01 -4.07
C ARG B 47 -9.92 -5.24 -3.82
N PRO B 48 -9.64 -6.14 -2.93
CA PRO B 48 -8.24 -6.47 -2.57
C PRO B 48 -7.59 -7.28 -3.71
N LEU B 49 -6.34 -7.02 -3.99
CA LEU B 49 -5.64 -7.76 -5.07
C LEU B 49 -5.69 -9.27 -4.80
N ALA B 50 -5.82 -9.65 -3.56
CA ALA B 50 -5.87 -11.11 -3.23
C ALA B 50 -7.05 -11.77 -3.96
N GLU B 51 -7.29 -13.02 -3.69
CA GLU B 51 -8.43 -13.73 -4.36
C GLU B 51 -8.27 -13.64 -5.89
ZN ZN C . 0.14 -6.45 4.95
ZN ZN D . -0.40 0.78 15.21
ZN ZN E . -0.19 5.57 -6.91
ZN ZN F . -11.70 4.63 -8.72
N GLY A 1 29.72 0.36 12.89
CA GLY A 1 30.65 -0.22 13.89
C GLY A 1 30.93 -1.69 13.55
N SER A 2 30.15 -2.59 14.07
CA SER A 2 30.37 -4.03 13.77
C SER A 2 29.13 -4.62 13.10
N ARG A 3 29.22 -5.82 12.61
CA ARG A 3 28.05 -6.46 11.94
C ARG A 3 27.53 -5.53 10.82
N GLN A 4 26.25 -5.60 10.55
CA GLN A 4 25.69 -4.73 9.47
C GLN A 4 24.18 -4.54 9.68
N ILE A 5 23.80 -3.71 10.60
CA ILE A 5 22.33 -3.48 10.84
C ILE A 5 21.84 -2.30 10.01
N VAL A 6 21.63 -2.50 8.74
CA VAL A 6 21.15 -1.37 7.88
C VAL A 6 19.97 -1.84 7.01
N ASP A 7 18.80 -1.35 7.29
CA ASP A 7 17.61 -1.76 6.48
C ASP A 7 16.64 -0.60 6.33
N ALA A 8 15.94 -0.52 5.22
CA ALA A 8 14.98 0.59 5.01
C ALA A 8 13.85 0.16 4.07
N GLN A 9 13.64 -1.12 3.95
CA GLN A 9 12.56 -1.62 3.05
C GLN A 9 11.21 -0.95 3.42
N ALA A 10 10.84 0.08 2.72
CA ALA A 10 9.56 0.76 3.03
C ALA A 10 8.38 -0.09 2.55
N VAL A 11 8.11 -1.17 3.23
CA VAL A 11 6.97 -2.04 2.80
C VAL A 11 6.38 -2.78 4.02
N CYS A 12 5.18 -3.27 3.90
CA CYS A 12 4.55 -3.99 5.04
C CYS A 12 5.51 -4.97 5.68
N THR A 13 5.29 -5.33 6.91
CA THR A 13 6.20 -6.29 7.59
C THR A 13 5.74 -7.73 7.32
N ARG A 14 4.50 -7.92 7.00
CA ARG A 14 4.00 -9.30 6.72
C ARG A 14 3.95 -9.53 5.21
N CYS A 15 3.46 -8.58 4.47
CA CYS A 15 3.40 -8.74 2.98
C CYS A 15 4.75 -8.36 2.37
N LYS A 16 5.51 -7.54 3.05
CA LYS A 16 6.84 -7.12 2.53
C LYS A 16 6.69 -6.25 1.27
N GLU A 17 5.49 -5.83 0.96
CA GLU A 17 5.30 -4.97 -0.25
C GLU A 17 3.86 -4.49 -0.34
N SER A 18 3.56 -3.69 -1.32
CA SER A 18 2.16 -3.18 -1.48
C SER A 18 1.77 -2.33 -0.28
N ALA A 19 2.71 -1.62 0.29
CA ALA A 19 2.38 -0.77 1.47
C ALA A 19 3.08 0.59 1.36
N ASP A 20 2.43 1.63 1.79
CA ASP A 20 3.06 2.99 1.73
C ASP A 20 2.82 3.74 3.03
N PHE A 21 2.59 3.04 4.10
CA PHE A 21 2.34 3.72 5.41
C PHE A 21 2.84 2.85 6.56
N TRP A 22 3.26 3.46 7.63
CA TRP A 22 3.76 2.66 8.79
C TRP A 22 3.30 3.31 10.10
N CYS A 23 2.93 2.51 11.07
CA CYS A 23 2.47 3.07 12.37
C CYS A 23 3.66 3.55 13.19
N PHE A 24 3.63 4.78 13.64
CA PHE A 24 4.77 5.31 14.44
C PHE A 24 4.82 4.60 15.80
N GLU A 25 3.69 4.44 16.44
CA GLU A 25 3.68 3.76 17.77
C GLU A 25 4.08 2.29 17.63
N CYS A 26 3.43 1.58 16.74
CA CYS A 26 3.77 0.14 16.55
C CYS A 26 5.13 0.00 15.85
N GLU A 27 5.55 1.02 15.16
CA GLU A 27 6.86 0.94 14.45
C GLU A 27 6.84 -0.20 13.44
N GLN A 28 5.74 -0.39 12.77
CA GLN A 28 5.65 -1.49 11.76
C GLN A 28 5.01 -0.98 10.47
N LEU A 29 5.21 -1.68 9.38
CA LEU A 29 4.61 -1.22 8.10
C LEU A 29 3.31 -2.00 7.83
N LEU A 30 2.37 -1.38 7.16
CA LEU A 30 1.09 -2.08 6.86
C LEU A 30 0.66 -1.79 5.43
N CYS A 31 0.26 -2.81 4.70
CA CYS A 31 -0.17 -2.60 3.29
C CYS A 31 -1.61 -2.07 3.26
N ALA A 32 -2.07 -1.65 2.11
CA ALA A 32 -3.46 -1.11 2.02
C ALA A 32 -4.44 -2.08 2.68
N LYS A 33 -4.19 -3.36 2.58
CA LYS A 33 -5.12 -4.35 3.21
C LYS A 33 -5.02 -4.29 4.74
N CYS A 34 -3.88 -3.94 5.24
CA CYS A 34 -3.71 -3.86 6.73
C CYS A 34 -3.92 -2.43 7.21
N PHE A 35 -3.29 -1.48 6.57
CA PHE A 35 -3.45 -0.06 6.99
C PHE A 35 -4.94 0.28 7.12
N GLU A 36 -5.70 0.07 6.09
CA GLU A 36 -7.15 0.38 6.16
C GLU A 36 -7.79 -0.34 7.35
N ALA A 37 -7.48 -1.60 7.52
CA ALA A 37 -8.07 -2.36 8.67
C ALA A 37 -7.70 -1.68 9.99
N HIS A 38 -6.46 -1.25 10.12
CA HIS A 38 -6.05 -0.58 11.38
C HIS A 38 -6.94 0.63 11.64
N GLN A 39 -6.97 1.57 10.75
CA GLN A 39 -7.83 2.78 10.95
C GLN A 39 -9.30 2.35 11.03
N TRP A 40 -9.64 1.21 10.51
CA TRP A 40 -11.05 0.75 10.54
C TRP A 40 -11.35 0.09 11.90
N PHE A 41 -10.47 -0.75 12.38
CA PHE A 41 -10.72 -1.41 13.69
C PHE A 41 -10.42 -0.44 14.84
N LEU A 42 -9.60 0.55 14.60
CA LEU A 42 -9.27 1.52 15.68
C LEU A 42 -8.58 2.75 15.09
N LYS A 43 -8.30 3.73 15.89
CA LYS A 43 -7.64 4.96 15.38
C LYS A 43 -6.17 5.00 15.85
N HIS A 44 -5.26 4.98 14.93
CA HIS A 44 -3.82 5.01 15.31
C HIS A 44 -3.09 6.14 14.57
N GLU A 45 -2.08 6.71 15.17
CA GLU A 45 -1.33 7.80 14.49
C GLU A 45 -0.16 7.22 13.68
N ALA A 46 -0.31 7.15 12.39
CA ALA A 46 0.80 6.60 11.55
C ALA A 46 1.29 7.65 10.56
N ARG A 47 2.44 7.44 9.98
CA ARG A 47 2.97 8.43 9.00
C ARG A 47 3.16 7.77 7.63
N PRO A 48 3.07 8.59 6.61
CA PRO A 48 3.23 8.08 5.22
C PRO A 48 4.69 7.73 4.94
N LEU A 49 4.93 6.72 4.15
CA LEU A 49 6.34 6.33 3.84
C LEU A 49 6.96 7.36 2.89
N ALA A 50 6.15 8.10 2.19
CA ALA A 50 6.70 9.12 1.25
C ALA A 50 7.41 10.23 2.02
N GLU A 51 8.19 11.03 1.36
CA GLU A 51 8.92 12.13 2.07
C GLU A 51 8.15 13.45 1.92
N GLY B 1 5.15 -16.75 -29.57
CA GLY B 1 3.73 -16.62 -30.02
C GLY B 1 3.21 -15.24 -29.61
N SER B 2 2.35 -15.19 -28.61
CA SER B 2 1.80 -13.89 -28.16
C SER B 2 2.15 -13.65 -26.69
N ARG B 3 2.81 -12.56 -26.39
CA ARG B 3 3.18 -12.28 -24.98
C ARG B 3 3.45 -10.78 -24.79
N GLN B 4 3.39 -10.32 -23.57
CA GLN B 4 3.66 -8.87 -23.32
C GLN B 4 4.51 -8.71 -22.05
N ILE B 5 5.79 -8.95 -22.15
CA ILE B 5 6.68 -8.82 -20.96
C ILE B 5 6.42 -7.50 -20.23
N VAL B 6 6.21 -7.56 -18.94
CA VAL B 6 5.95 -6.31 -18.18
C VAL B 6 7.08 -6.07 -17.17
N ASP B 7 7.12 -4.90 -16.58
CA ASP B 7 8.21 -4.61 -15.60
C ASP B 7 7.72 -4.91 -14.18
N ALA B 8 6.54 -4.48 -13.83
CA ALA B 8 6.01 -4.74 -12.46
C ALA B 8 4.67 -5.47 -12.55
N GLN B 9 4.27 -6.11 -11.48
CA GLN B 9 2.97 -6.84 -11.51
C GLN B 9 2.16 -6.54 -10.24
N ALA B 10 0.87 -6.37 -10.37
CA ALA B 10 0.03 -6.09 -9.17
C ALA B 10 0.58 -4.88 -8.40
N VAL B 11 0.66 -3.75 -9.04
CA VAL B 11 1.17 -2.54 -8.33
C VAL B 11 0.64 -1.27 -9.00
N CYS B 12 0.66 -0.16 -8.30
CA CYS B 12 0.15 1.11 -8.89
C CYS B 12 0.71 1.32 -10.29
N THR B 13 -0.02 1.99 -11.13
CA THR B 13 0.48 2.24 -12.52
C THR B 13 1.46 3.40 -12.52
N ARG B 14 1.32 4.32 -11.59
CA ARG B 14 2.26 5.47 -11.54
C ARG B 14 3.41 5.17 -10.60
N CYS B 15 3.11 4.71 -9.41
CA CYS B 15 4.20 4.39 -8.44
C CYS B 15 4.82 3.04 -8.80
N LYS B 16 4.09 2.19 -9.47
CA LYS B 16 4.62 0.85 -9.86
C LYS B 16 4.87 -0.02 -8.62
N GLU B 17 4.40 0.40 -7.47
CA GLU B 17 4.61 -0.41 -6.24
C GLU B 17 3.84 0.19 -5.06
N SER B 18 3.91 -0.45 -3.92
CA SER B 18 3.20 0.08 -2.72
C SER B 18 1.70 0.15 -2.99
N ALA B 19 1.16 -0.79 -3.71
CA ALA B 19 -0.30 -0.77 -4.01
C ALA B 19 -0.88 -2.18 -3.95
N ASP B 20 -1.95 -2.37 -3.22
CA ASP B 20 -2.57 -3.72 -3.13
C ASP B 20 -4.04 -3.65 -3.52
N PHE B 21 -4.41 -2.68 -4.31
CA PHE B 21 -5.83 -2.55 -4.72
C PHE B 21 -5.92 -1.96 -6.14
N TRP B 22 -6.89 -2.38 -6.90
CA TRP B 22 -7.04 -1.84 -8.29
C TRP B 22 -8.48 -1.38 -8.52
N CYS B 23 -8.64 -0.22 -9.08
CA CYS B 23 -10.03 0.30 -9.32
C CYS B 23 -10.70 -0.49 -10.45
N PHE B 24 -11.85 -1.05 -10.19
CA PHE B 24 -12.56 -1.82 -11.25
C PHE B 24 -13.07 -0.88 -12.35
N GLU B 25 -13.67 0.21 -11.97
CA GLU B 25 -14.18 1.18 -12.99
C GLU B 25 -13.03 1.78 -13.77
N CYS B 26 -12.01 2.25 -13.09
CA CYS B 26 -10.84 2.84 -13.80
C CYS B 26 -9.98 1.74 -14.43
N GLU B 27 -10.08 0.54 -13.93
CA GLU B 27 -9.27 -0.57 -14.51
C GLU B 27 -7.78 -0.28 -14.34
N GLN B 28 -7.41 0.41 -13.29
CA GLN B 28 -5.97 0.73 -13.08
C GLN B 28 -5.60 0.47 -11.61
N LEU B 29 -4.34 0.27 -11.34
CA LEU B 29 -3.92 0.01 -9.93
C LEU B 29 -3.65 1.34 -9.21
N LEU B 30 -3.86 1.37 -7.91
CA LEU B 30 -3.62 2.63 -7.15
C LEU B 30 -2.96 2.31 -5.81
N CYS B 31 -1.88 2.98 -5.49
CA CYS B 31 -1.20 2.71 -4.19
C CYS B 31 -1.96 3.39 -3.04
N ALA B 32 -1.67 3.01 -1.82
CA ALA B 32 -2.38 3.62 -0.66
C ALA B 32 -2.37 5.14 -0.79
N LYS B 33 -1.29 5.71 -1.27
CA LYS B 33 -1.22 7.19 -1.40
C LYS B 33 -2.20 7.67 -2.49
N CYS B 34 -2.67 6.79 -3.33
CA CYS B 34 -3.62 7.20 -4.39
C CYS B 34 -5.00 6.57 -4.14
N PHE B 35 -5.04 5.28 -3.91
CA PHE B 35 -6.36 4.61 -3.67
C PHE B 35 -7.15 5.39 -2.61
N GLU B 36 -6.53 5.74 -1.53
CA GLU B 36 -7.25 6.48 -0.46
C GLU B 36 -7.76 7.83 -1.00
N ALA B 37 -6.92 8.54 -1.69
CA ALA B 37 -7.36 9.86 -2.25
C ALA B 37 -8.62 9.70 -3.09
N HIS B 38 -8.66 8.70 -3.93
CA HIS B 38 -9.87 8.48 -4.77
C HIS B 38 -11.10 8.25 -3.88
N GLN B 39 -11.04 7.26 -3.03
CA GLN B 39 -12.20 6.99 -2.13
C GLN B 39 -12.58 8.25 -1.35
N TRP B 40 -11.68 9.18 -1.22
CA TRP B 40 -11.99 10.43 -0.48
C TRP B 40 -12.42 11.52 -1.44
N PHE B 41 -11.81 11.58 -2.60
CA PHE B 41 -12.19 12.62 -3.59
C PHE B 41 -13.64 12.41 -4.05
N LEU B 42 -14.17 11.24 -3.86
CA LEU B 42 -15.57 10.98 -4.29
C LEU B 42 -16.01 9.58 -3.83
N LYS B 43 -16.77 8.89 -4.63
CA LYS B 43 -17.23 7.53 -4.23
C LYS B 43 -16.76 6.48 -5.24
N HIS B 44 -15.83 5.66 -4.87
CA HIS B 44 -15.33 4.62 -5.83
C HIS B 44 -15.26 3.26 -5.13
N GLU B 45 -15.25 2.19 -5.88
CA GLU B 45 -15.19 0.84 -5.26
C GLU B 45 -14.06 0.02 -5.90
N ALA B 46 -13.02 -0.24 -5.16
CA ALA B 46 -11.88 -1.04 -5.70
C ALA B 46 -11.79 -2.38 -4.98
N ARG B 47 -11.16 -3.36 -5.59
CA ARG B 47 -11.03 -4.69 -4.94
C ARG B 47 -9.56 -4.98 -4.61
N PRO B 48 -9.36 -5.93 -3.74
CA PRO B 48 -7.99 -6.32 -3.34
C PRO B 48 -7.30 -7.09 -4.46
N LEU B 49 -6.02 -6.90 -4.63
CA LEU B 49 -5.29 -7.62 -5.71
C LEU B 49 -5.28 -9.12 -5.42
N ALA B 50 -5.37 -9.50 -4.17
CA ALA B 50 -5.37 -10.94 -3.83
C ALA B 50 -6.57 -11.65 -4.45
N GLU B 51 -6.38 -12.83 -4.96
CA GLU B 51 -7.52 -13.57 -5.58
C GLU B 51 -8.15 -12.73 -6.69
ZN ZN C . 0.17 -6.30 5.28
ZN ZN D . -0.80 1.32 15.30
ZN ZN E . 0.20 5.89 -6.92
ZN ZN F . -11.13 4.89 -9.52
N GLY A 1 13.97 -16.16 21.94
CA GLY A 1 14.67 -15.06 21.24
C GLY A 1 14.38 -15.13 19.75
N SER A 2 14.37 -14.01 19.08
CA SER A 2 14.08 -14.02 17.62
C SER A 2 15.21 -13.33 16.85
N ARG A 3 14.91 -12.77 15.71
CA ARG A 3 15.97 -12.09 14.91
C ARG A 3 15.45 -10.77 14.36
N GLN A 4 16.06 -9.67 14.72
CA GLN A 4 15.58 -8.36 14.21
C GLN A 4 16.64 -7.73 13.30
N ILE A 5 16.23 -6.95 12.35
CA ILE A 5 17.22 -6.31 11.43
C ILE A 5 16.69 -4.95 10.94
N VAL A 6 17.53 -3.96 10.89
CA VAL A 6 17.08 -2.61 10.44
C VAL A 6 16.32 -2.74 9.11
N ASP A 7 15.40 -1.85 8.86
CA ASP A 7 14.63 -1.91 7.58
C ASP A 7 15.02 -0.75 6.67
N ALA A 8 15.55 -1.03 5.51
CA ALA A 8 15.95 0.06 4.57
C ALA A 8 15.02 0.08 3.36
N GLN A 9 13.77 -0.22 3.54
CA GLN A 9 12.82 -0.22 2.39
C GLN A 9 11.48 0.38 2.82
N ALA A 10 10.58 0.56 1.89
CA ALA A 10 9.25 1.14 2.24
C ALA A 10 8.13 0.19 1.83
N VAL A 11 7.94 -0.88 2.57
CA VAL A 11 6.85 -1.83 2.21
C VAL A 11 6.35 -2.56 3.46
N CYS A 12 5.18 -3.11 3.40
CA CYS A 12 4.61 -3.84 4.58
C CYS A 12 5.64 -4.80 5.16
N THR A 13 5.55 -5.07 6.43
CA THR A 13 6.53 -6.00 7.06
C THR A 13 6.13 -7.45 6.78
N ARG A 14 4.87 -7.68 6.50
CA ARG A 14 4.42 -9.08 6.21
C ARG A 14 4.32 -9.28 4.70
N CYS A 15 3.65 -8.41 4.01
CA CYS A 15 3.52 -8.56 2.52
C CYS A 15 4.83 -8.17 1.85
N LYS A 16 5.61 -7.34 2.49
CA LYS A 16 6.91 -6.91 1.91
C LYS A 16 6.69 -6.04 0.67
N GLU A 17 5.48 -5.61 0.43
CA GLU A 17 5.23 -4.76 -0.78
C GLU A 17 3.79 -4.25 -0.79
N SER A 18 3.44 -3.43 -1.74
CA SER A 18 2.06 -2.90 -1.82
C SER A 18 1.71 -2.10 -0.56
N ALA A 19 2.64 -1.35 -0.04
CA ALA A 19 2.35 -0.55 1.19
C ALA A 19 2.99 0.84 1.09
N ASP A 20 2.31 1.85 1.55
CA ASP A 20 2.88 3.23 1.50
C ASP A 20 2.64 3.94 2.83
N PHE A 21 2.45 3.20 3.88
CA PHE A 21 2.21 3.82 5.21
C PHE A 21 2.79 2.94 6.33
N TRP A 22 3.31 3.54 7.36
CA TRP A 22 3.88 2.73 8.48
C TRP A 22 3.40 3.27 9.82
N CYS A 23 3.21 2.41 10.79
CA CYS A 23 2.74 2.87 12.12
C CYS A 23 3.89 3.46 12.93
N PHE A 24 3.68 4.57 13.57
CA PHE A 24 4.76 5.20 14.38
C PHE A 24 4.87 4.51 15.75
N GLU A 25 3.75 4.19 16.34
CA GLU A 25 3.78 3.51 17.67
C GLU A 25 4.19 2.05 17.50
N CYS A 26 3.53 1.35 16.61
CA CYS A 26 3.87 -0.08 16.39
C CYS A 26 5.23 -0.20 15.69
N GLU A 27 5.64 0.83 15.01
CA GLU A 27 6.96 0.77 14.31
C GLU A 27 6.96 -0.36 13.29
N GLN A 28 5.90 -0.51 12.55
CA GLN A 28 5.85 -1.61 11.54
C GLN A 28 5.24 -1.10 10.23
N LEU A 29 5.49 -1.77 9.14
CA LEU A 29 4.92 -1.32 7.84
C LEU A 29 3.57 -2.00 7.59
N LEU A 30 2.68 -1.34 6.92
CA LEU A 30 1.34 -1.96 6.65
C LEU A 30 0.88 -1.63 5.23
N CYS A 31 0.33 -2.59 4.53
CA CYS A 31 -0.14 -2.33 3.14
C CYS A 31 -1.56 -1.78 3.17
N ALA A 32 -2.04 -1.30 2.05
CA ALA A 32 -3.43 -0.74 2.01
C ALA A 32 -4.42 -1.71 2.66
N LYS A 33 -4.21 -2.99 2.50
CA LYS A 33 -5.15 -3.98 3.11
C LYS A 33 -5.01 -3.97 4.64
N CYS A 34 -3.84 -3.72 5.14
CA CYS A 34 -3.66 -3.70 6.62
C CYS A 34 -3.95 -2.30 7.17
N PHE A 35 -3.46 -1.28 6.51
CA PHE A 35 -3.73 0.10 7.00
C PHE A 35 -5.23 0.36 7.07
N GLU A 36 -5.95 -0.04 6.06
CA GLU A 36 -7.43 0.18 6.08
C GLU A 36 -8.07 -0.66 7.19
N ALA A 37 -7.62 -1.88 7.36
CA ALA A 37 -8.19 -2.74 8.43
C ALA A 37 -7.73 -2.25 9.81
N HIS A 38 -6.57 -1.68 9.88
CA HIS A 38 -6.06 -1.17 11.19
C HIS A 38 -6.94 -0.01 11.67
N GLN A 39 -7.04 1.03 10.89
CA GLN A 39 -7.88 2.20 11.31
C GLN A 39 -9.30 1.73 11.65
N TRP A 40 -9.73 0.65 11.06
CA TRP A 40 -11.10 0.14 11.35
C TRP A 40 -11.09 -0.71 12.62
N PHE A 41 -9.98 -1.35 12.91
CA PHE A 41 -9.91 -2.20 14.13
C PHE A 41 -9.75 -1.33 15.38
N LEU A 42 -8.98 -0.28 15.29
CA LEU A 42 -8.78 0.61 16.48
C LEU A 42 -8.27 1.99 16.04
N LYS A 43 -8.02 2.86 16.97
CA LYS A 43 -7.52 4.22 16.61
C LYS A 43 -5.99 4.26 16.70
N HIS A 44 -5.33 4.43 15.58
CA HIS A 44 -3.84 4.48 15.61
C HIS A 44 -3.34 5.61 14.70
N GLU A 45 -2.19 6.17 15.02
CA GLU A 45 -1.65 7.27 14.18
C GLU A 45 -0.48 6.75 13.33
N ALA A 46 -0.69 6.57 12.06
CA ALA A 46 0.41 6.07 11.18
C ALA A 46 0.88 7.17 10.24
N ARG A 47 2.03 6.99 9.64
CA ARG A 47 2.56 8.03 8.70
C ARG A 47 2.85 7.40 7.34
N PRO A 48 2.76 8.22 6.33
CA PRO A 48 3.02 7.74 4.94
C PRO A 48 4.51 7.50 4.73
N LEU A 49 4.87 6.73 3.74
CA LEU A 49 6.31 6.47 3.48
C LEU A 49 6.88 7.51 2.52
N ALA A 50 6.22 8.62 2.37
CA ALA A 50 6.73 9.68 1.44
C ALA A 50 7.20 10.90 2.24
N GLU A 51 7.64 11.92 1.57
CA GLU A 51 8.10 13.14 2.27
C GLU A 51 7.13 14.30 2.04
N GLY B 1 0.01 -17.22 -14.82
CA GLY B 1 0.73 -17.81 -13.66
C GLY B 1 1.53 -16.72 -12.94
N SER B 2 0.97 -16.11 -11.94
CA SER B 2 1.71 -15.04 -11.21
C SER B 2 2.43 -15.64 -9.99
N ARG B 3 2.67 -16.92 -10.00
CA ARG B 3 3.38 -17.55 -8.84
C ARG B 3 4.87 -17.70 -9.15
N GLN B 4 5.54 -16.61 -9.39
CA GLN B 4 7.00 -16.68 -9.70
C GLN B 4 7.65 -15.30 -9.52
N ILE B 5 7.13 -14.50 -8.63
CA ILE B 5 7.72 -13.14 -8.42
C ILE B 5 7.74 -12.36 -9.73
N VAL B 6 6.61 -12.21 -10.37
CA VAL B 6 6.57 -11.46 -11.65
C VAL B 6 7.17 -10.06 -11.46
N ASP B 7 7.24 -9.29 -12.52
CA ASP B 7 7.81 -7.92 -12.40
C ASP B 7 6.87 -7.03 -11.57
N ALA B 8 5.69 -6.79 -12.05
CA ALA B 8 4.74 -5.93 -11.29
C ALA B 8 3.39 -5.86 -12.02
N GLN B 9 2.54 -6.83 -11.80
CA GLN B 9 1.20 -6.81 -12.48
C GLN B 9 0.10 -6.41 -11.49
N ALA B 10 0.47 -5.85 -10.37
CA ALA B 10 -0.57 -5.43 -9.38
C ALA B 10 -0.05 -4.23 -8.57
N VAL B 11 0.26 -3.15 -9.23
CA VAL B 11 0.75 -1.95 -8.51
C VAL B 11 0.15 -0.67 -9.09
N CYS B 12 0.18 0.40 -8.35
CA CYS B 12 -0.40 1.69 -8.84
C CYS B 12 0.05 1.97 -10.27
N THR B 13 -0.73 2.70 -11.00
CA THR B 13 -0.35 3.02 -12.41
C THR B 13 0.65 4.18 -12.43
N ARG B 14 0.62 5.01 -11.43
CA ARG B 14 1.57 6.16 -11.38
C ARG B 14 2.78 5.82 -10.51
N CYS B 15 2.54 5.39 -9.30
CA CYS B 15 3.68 5.02 -8.41
C CYS B 15 4.30 3.71 -8.87
N LYS B 16 3.54 2.88 -9.55
CA LYS B 16 4.07 1.59 -10.05
C LYS B 16 4.37 0.64 -8.88
N GLU B 17 3.98 0.99 -7.68
CA GLU B 17 4.25 0.08 -6.52
C GLU B 17 3.53 0.61 -5.27
N SER B 18 3.63 -0.14 -4.20
CA SER B 18 2.96 0.31 -2.92
C SER B 18 1.45 0.42 -3.11
N ALA B 19 0.85 -0.49 -3.84
CA ALA B 19 -0.62 -0.42 -4.05
C ALA B 19 -1.25 -1.80 -3.83
N ASP B 20 -2.41 -1.84 -3.22
CA ASP B 20 -3.07 -3.15 -2.98
C ASP B 20 -4.55 -3.07 -3.35
N PHE B 21 -4.92 -2.11 -4.17
CA PHE B 21 -6.35 -1.98 -4.57
C PHE B 21 -6.45 -1.34 -5.95
N TRP B 22 -7.41 -1.75 -6.74
CA TRP B 22 -7.57 -1.15 -8.10
C TRP B 22 -9.04 -0.80 -8.35
N CYS B 23 -9.29 0.33 -8.95
CA CYS B 23 -10.70 0.74 -9.20
C CYS B 23 -11.28 -0.05 -10.39
N PHE B 24 -12.44 -0.61 -10.22
CA PHE B 24 -13.06 -1.39 -11.33
C PHE B 24 -13.53 -0.45 -12.44
N GLU B 25 -14.09 0.67 -12.08
CA GLU B 25 -14.58 1.63 -13.11
C GLU B 25 -13.38 2.26 -13.85
N CYS B 26 -12.44 2.78 -13.11
CA CYS B 26 -11.24 3.40 -13.78
C CYS B 26 -10.29 2.32 -14.30
N GLU B 27 -10.47 1.10 -13.85
CA GLU B 27 -9.57 0.00 -14.33
C GLU B 27 -8.11 0.40 -14.12
N GLN B 28 -7.81 1.10 -13.06
CA GLN B 28 -6.40 1.52 -12.80
C GLN B 28 -6.01 1.19 -11.35
N LEU B 29 -4.76 0.92 -11.12
CA LEU B 29 -4.32 0.60 -9.73
C LEU B 29 -4.01 1.90 -8.97
N LEU B 30 -4.27 1.93 -7.69
CA LEU B 30 -3.99 3.16 -6.91
C LEU B 30 -3.24 2.82 -5.61
N CYS B 31 -2.19 3.53 -5.31
CA CYS B 31 -1.43 3.24 -4.07
C CYS B 31 -2.17 3.84 -2.86
N ALA B 32 -1.72 3.55 -1.67
CA ALA B 32 -2.39 4.11 -0.47
C ALA B 32 -2.57 5.62 -0.62
N LYS B 33 -1.64 6.29 -1.24
CA LYS B 33 -1.75 7.76 -1.43
C LYS B 33 -2.77 8.09 -2.53
N CYS B 34 -3.12 7.13 -3.33
CA CYS B 34 -4.11 7.39 -4.43
C CYS B 34 -5.44 6.69 -4.12
N PHE B 35 -5.40 5.44 -3.77
CA PHE B 35 -6.67 4.72 -3.47
C PHE B 35 -7.48 5.48 -2.43
N GLU B 36 -6.87 5.84 -1.34
CA GLU B 36 -7.60 6.60 -0.29
C GLU B 36 -8.17 7.90 -0.87
N ALA B 37 -7.40 8.58 -1.67
CA ALA B 37 -7.89 9.85 -2.26
C ALA B 37 -9.22 9.61 -2.99
N HIS B 38 -9.35 8.51 -3.68
CA HIS B 38 -10.63 8.22 -4.40
C HIS B 38 -11.75 7.97 -3.39
N GLN B 39 -11.60 6.97 -2.56
CA GLN B 39 -12.65 6.67 -1.56
C GLN B 39 -12.81 7.83 -0.57
N TRP B 40 -11.84 8.72 -0.52
CA TRP B 40 -11.94 9.87 0.43
C TRP B 40 -12.45 11.10 -0.30
N PHE B 41 -12.15 11.22 -1.57
CA PHE B 41 -12.63 12.40 -2.34
C PHE B 41 -14.11 12.26 -2.70
N LEU B 42 -14.62 11.06 -2.65
CA LEU B 42 -16.05 10.85 -3.01
C LEU B 42 -16.47 9.41 -2.71
N LYS B 43 -17.26 8.81 -3.55
CA LYS B 43 -17.70 7.41 -3.31
C LYS B 43 -17.26 6.50 -4.45
N HIS B 44 -16.26 5.67 -4.23
CA HIS B 44 -15.79 4.77 -5.30
C HIS B 44 -15.59 3.35 -4.74
N GLU B 45 -15.79 2.36 -5.56
CA GLU B 45 -15.61 0.96 -5.07
C GLU B 45 -14.38 0.32 -5.75
N ALA B 46 -13.40 -0.06 -4.97
CA ALA B 46 -12.18 -0.69 -5.57
C ALA B 46 -11.92 -2.04 -4.92
N ARG B 47 -11.36 -2.96 -5.66
CA ARG B 47 -11.08 -4.31 -5.08
C ARG B 47 -9.58 -4.44 -4.75
N PRO B 48 -9.29 -5.32 -3.83
CA PRO B 48 -7.89 -5.53 -3.41
C PRO B 48 -7.10 -6.28 -4.49
N LEU B 49 -5.85 -5.96 -4.65
CA LEU B 49 -5.03 -6.66 -5.69
C LEU B 49 -4.64 -8.05 -5.19
N ALA B 50 -4.64 -8.25 -3.90
CA ALA B 50 -4.27 -9.58 -3.35
C ALA B 50 -5.17 -10.67 -3.96
N GLU B 51 -4.60 -11.56 -4.73
CA GLU B 51 -5.42 -12.63 -5.35
C GLU B 51 -4.90 -14.01 -4.91
ZN ZN C . 0.10 -6.17 4.89
ZN ZN D . -0.38 0.49 14.57
ZN ZN E . -0.17 6.39 -6.72
ZN ZN F . -11.79 5.15 -9.57
N GLY A 1 27.29 -7.99 17.77
CA GLY A 1 27.65 -8.82 16.59
C GLY A 1 27.69 -7.94 15.34
N SER A 2 26.59 -7.32 15.00
CA SER A 2 26.57 -6.46 13.79
C SER A 2 26.96 -7.26 12.55
N ARG A 3 26.39 -8.42 12.37
CA ARG A 3 26.74 -9.24 11.18
C ARG A 3 26.32 -8.53 9.90
N GLN A 4 27.21 -7.81 9.28
CA GLN A 4 26.85 -7.10 8.02
C GLN A 4 25.69 -6.14 8.27
N ILE A 5 25.24 -5.45 7.26
CA ILE A 5 24.12 -4.50 7.44
C ILE A 5 23.04 -4.74 6.38
N VAL A 6 21.80 -4.50 6.71
CA VAL A 6 20.71 -4.70 5.71
C VAL A 6 19.95 -3.39 5.47
N ASP A 7 18.96 -3.42 4.63
CA ASP A 7 18.18 -2.18 4.35
C ASP A 7 16.79 -2.28 4.95
N ALA A 8 16.34 -1.25 5.63
CA ALA A 8 14.99 -1.30 6.24
C ALA A 8 13.91 -1.24 5.16
N GLN A 9 14.19 -0.60 4.06
CA GLN A 9 13.18 -0.51 2.96
C GLN A 9 11.88 0.09 3.50
N ALA A 10 10.86 0.15 2.68
CA ALA A 10 9.57 0.74 3.14
C ALA A 10 8.40 -0.12 2.64
N VAL A 11 8.20 -1.27 3.22
CA VAL A 11 7.08 -2.15 2.79
C VAL A 11 6.48 -2.87 4.00
N CYS A 12 5.29 -3.37 3.86
CA CYS A 12 4.64 -4.08 5.01
C CYS A 12 5.61 -5.09 5.63
N THR A 13 5.47 -5.35 6.90
CA THR A 13 6.38 -6.32 7.57
C THR A 13 5.96 -7.76 7.23
N ARG A 14 4.69 -7.98 7.03
CA ARG A 14 4.21 -9.35 6.71
C ARG A 14 4.19 -9.56 5.18
N CYS A 15 3.53 -8.68 4.47
CA CYS A 15 3.48 -8.83 2.98
C CYS A 15 4.84 -8.44 2.38
N LYS A 16 5.59 -7.63 3.07
CA LYS A 16 6.92 -7.21 2.55
C LYS A 16 6.77 -6.36 1.27
N GLU A 17 5.57 -5.94 0.96
CA GLU A 17 5.38 -5.12 -0.27
C GLU A 17 3.93 -4.64 -0.36
N SER A 18 3.64 -3.83 -1.35
CA SER A 18 2.25 -3.32 -1.52
C SER A 18 1.84 -2.46 -0.32
N ALA A 19 2.76 -1.72 0.24
CA ALA A 19 2.41 -0.86 1.41
C ALA A 19 2.97 0.55 1.22
N ASP A 20 2.50 1.48 2.00
CA ASP A 20 3.00 2.88 1.87
C ASP A 20 2.69 3.67 3.15
N PHE A 21 2.58 2.98 4.27
CA PHE A 21 2.28 3.68 5.55
C PHE A 21 2.87 2.90 6.73
N TRP A 22 3.39 3.59 7.70
CA TRP A 22 3.97 2.90 8.88
C TRP A 22 3.37 3.47 10.18
N CYS A 23 3.06 2.62 11.11
CA CYS A 23 2.47 3.11 12.40
C CYS A 23 3.57 3.68 13.31
N PHE A 24 3.31 4.81 13.91
CA PHE A 24 4.33 5.41 14.81
C PHE A 24 4.37 4.65 16.14
N GLU A 25 3.23 4.26 16.64
CA GLU A 25 3.21 3.53 17.94
C GLU A 25 3.71 2.10 17.74
N CYS A 26 3.21 1.41 16.75
CA CYS A 26 3.67 0.01 16.51
C CYS A 26 5.02 0.02 15.78
N GLU A 27 5.38 1.11 15.18
CA GLU A 27 6.68 1.16 14.45
C GLU A 27 6.78 0.02 13.44
N GLN A 28 5.67 -0.36 12.87
CA GLN A 28 5.69 -1.47 11.87
C GLN A 28 5.09 -1.00 10.54
N LEU A 29 5.40 -1.67 9.47
CA LEU A 29 4.85 -1.27 8.15
C LEU A 29 3.55 -2.04 7.88
N LEU A 30 2.62 -1.43 7.18
CA LEU A 30 1.34 -2.13 6.89
C LEU A 30 0.90 -1.86 5.45
N CYS A 31 0.34 -2.85 4.80
CA CYS A 31 -0.12 -2.65 3.39
C CYS A 31 -1.59 -2.18 3.38
N ALA A 32 -2.09 -1.81 2.24
CA ALA A 32 -3.50 -1.34 2.15
C ALA A 32 -4.44 -2.33 2.87
N LYS A 33 -4.10 -3.59 2.86
CA LYS A 33 -4.97 -4.60 3.54
C LYS A 33 -4.81 -4.50 5.06
N CYS A 34 -3.65 -4.12 5.51
CA CYS A 34 -3.44 -4.00 6.99
C CYS A 34 -3.81 -2.59 7.46
N PHE A 35 -3.37 -1.59 6.76
CA PHE A 35 -3.69 -0.19 7.17
C PHE A 35 -5.21 0.05 7.09
N GLU A 36 -5.83 -0.42 6.03
CA GLU A 36 -7.30 -0.22 5.89
C GLU A 36 -8.04 -0.88 7.05
N ALA A 37 -7.59 -2.03 7.48
CA ALA A 37 -8.27 -2.72 8.61
C ALA A 37 -7.91 -2.05 9.94
N HIS A 38 -6.69 -1.59 10.07
CA HIS A 38 -6.28 -0.92 11.34
C HIS A 38 -7.12 0.33 11.58
N GLN A 39 -7.10 1.26 10.67
CA GLN A 39 -7.90 2.51 10.85
C GLN A 39 -9.39 2.18 10.94
N TRP A 40 -9.80 1.05 10.45
CA TRP A 40 -11.25 0.68 10.52
C TRP A 40 -11.57 0.04 11.86
N PHE A 41 -10.73 -0.84 12.34
CA PHE A 41 -11.00 -1.49 13.66
C PHE A 41 -10.61 -0.57 14.81
N LEU A 42 -9.84 0.46 14.55
CA LEU A 42 -9.43 1.39 15.64
C LEU A 42 -8.72 2.61 15.06
N LYS A 43 -8.47 3.59 15.89
CA LYS A 43 -7.77 4.82 15.39
C LYS A 43 -6.31 4.80 15.83
N HIS A 44 -5.41 4.66 14.90
CA HIS A 44 -3.96 4.64 15.27
C HIS A 44 -3.20 5.73 14.51
N GLU A 45 -2.14 6.23 15.06
CA GLU A 45 -1.36 7.30 14.37
C GLU A 45 -0.40 6.68 13.35
N ALA A 46 -0.50 7.08 12.11
CA ALA A 46 0.41 6.51 11.08
C ALA A 46 0.70 7.55 9.99
N ARG A 47 1.91 7.59 9.50
CA ARG A 47 2.25 8.58 8.45
C ARG A 47 2.54 7.85 7.12
N PRO A 48 2.51 8.61 6.06
CA PRO A 48 2.77 8.02 4.72
C PRO A 48 4.27 7.72 4.55
N LEU A 49 4.59 6.63 3.92
CA LEU A 49 6.03 6.27 3.73
C LEU A 49 6.72 7.32 2.87
N ALA A 50 5.98 8.08 2.12
CA ALA A 50 6.61 9.12 1.26
C ALA A 50 7.34 10.16 2.11
N GLU A 51 8.45 10.66 1.64
CA GLU A 51 9.20 11.67 2.43
C GLU A 51 9.68 11.07 3.75
N GLY B 1 14.07 -3.09 -27.40
CA GLY B 1 13.28 -3.67 -26.27
C GLY B 1 11.91 -3.00 -26.20
N SER B 2 10.92 -3.56 -26.83
CA SER B 2 9.56 -2.95 -26.80
C SER B 2 8.50 -4.04 -26.59
N ARG B 3 8.31 -4.46 -25.37
CA ARG B 3 7.29 -5.51 -25.10
C ARG B 3 6.06 -4.90 -24.43
N GLN B 4 4.89 -5.22 -24.91
CA GLN B 4 3.65 -4.65 -24.30
C GLN B 4 3.34 -5.36 -22.97
N ILE B 5 3.87 -6.54 -22.79
CA ILE B 5 3.60 -7.28 -21.52
C ILE B 5 4.54 -6.78 -20.41
N VAL B 6 4.17 -6.99 -19.18
CA VAL B 6 5.04 -6.52 -18.05
C VAL B 6 5.42 -7.71 -17.17
N ASP B 7 6.07 -7.46 -16.06
CA ASP B 7 6.46 -8.57 -15.15
C ASP B 7 5.59 -8.57 -13.89
N ALA B 8 5.05 -7.44 -13.53
CA ALA B 8 4.18 -7.39 -12.31
C ALA B 8 2.78 -6.92 -12.69
N GLN B 9 1.79 -7.71 -12.39
CA GLN B 9 0.38 -7.31 -12.72
C GLN B 9 -0.45 -7.15 -11.45
N ALA B 10 0.08 -6.44 -10.48
CA ALA B 10 -0.68 -6.24 -9.21
C ALA B 10 -0.08 -5.08 -8.42
N VAL B 11 0.27 -4.01 -9.09
CA VAL B 11 0.86 -2.85 -8.38
C VAL B 11 0.39 -1.54 -9.03
N CYS B 12 0.50 -0.44 -8.33
CA CYS B 12 0.06 0.86 -8.89
C CYS B 12 0.63 1.07 -10.30
N THR B 13 0.02 1.92 -11.07
CA THR B 13 0.53 2.18 -12.44
C THR B 13 1.50 3.36 -12.42
N ARG B 14 1.36 4.22 -11.46
CA ARG B 14 2.28 5.39 -11.37
C ARG B 14 3.49 5.03 -10.50
N CYS B 15 3.26 4.27 -9.45
CA CYS B 15 4.39 3.86 -8.57
C CYS B 15 4.89 2.47 -8.97
N LYS B 16 4.06 1.70 -9.60
CA LYS B 16 4.48 0.34 -10.04
C LYS B 16 4.69 -0.59 -8.83
N GLU B 17 4.29 -0.16 -7.66
CA GLU B 17 4.47 -1.03 -6.46
C GLU B 17 3.80 -0.40 -5.24
N SER B 18 3.90 -1.04 -4.11
CA SER B 18 3.28 -0.48 -2.86
C SER B 18 1.77 -0.29 -3.05
N ALA B 19 1.13 -1.20 -3.75
CA ALA B 19 -0.33 -1.07 -3.96
C ALA B 19 -1.02 -2.43 -3.80
N ASP B 20 -2.15 -2.46 -3.15
CA ASP B 20 -2.86 -3.75 -2.95
C ASP B 20 -4.36 -3.58 -3.23
N PHE B 21 -4.71 -2.59 -3.99
CA PHE B 21 -6.16 -2.36 -4.31
C PHE B 21 -6.31 -1.82 -5.73
N TRP B 22 -7.36 -2.19 -6.41
CA TRP B 22 -7.57 -1.69 -7.80
C TRP B 22 -8.95 -1.05 -7.93
N CYS B 23 -9.05 0.07 -8.59
CA CYS B 23 -10.37 0.73 -8.76
C CYS B 23 -11.23 -0.04 -9.76
N PHE B 24 -12.42 -0.39 -9.37
CA PHE B 24 -13.32 -1.15 -10.30
C PHE B 24 -13.80 -0.24 -11.42
N GLU B 25 -14.19 0.96 -11.11
CA GLU B 25 -14.67 1.90 -12.16
C GLU B 25 -13.51 2.32 -13.07
N CYS B 26 -12.42 2.73 -12.49
CA CYS B 26 -11.25 3.15 -13.31
C CYS B 26 -10.49 1.92 -13.84
N GLU B 27 -10.71 0.77 -13.25
CA GLU B 27 -10.02 -0.44 -13.72
C GLU B 27 -8.49 -0.22 -13.70
N GLN B 28 -7.98 0.33 -12.63
CA GLN B 28 -6.52 0.58 -12.55
C GLN B 28 -6.01 0.29 -11.14
N LEU B 29 -4.73 0.04 -10.99
CA LEU B 29 -4.18 -0.24 -9.63
C LEU B 29 -3.71 1.06 -8.98
N LEU B 30 -3.90 1.18 -7.69
CA LEU B 30 -3.46 2.43 -7.00
C LEU B 30 -2.76 2.09 -5.68
N CYS B 31 -1.74 2.82 -5.34
CA CYS B 31 -1.00 2.54 -4.08
C CYS B 31 -1.74 3.15 -2.88
N ALA B 32 -1.32 2.85 -1.68
CA ALA B 32 -2.00 3.42 -0.49
C ALA B 32 -1.95 4.95 -0.53
N LYS B 33 -0.99 5.50 -1.22
CA LYS B 33 -0.89 6.99 -1.30
C LYS B 33 -1.94 7.55 -2.25
N CYS B 34 -2.41 6.75 -3.17
CA CYS B 34 -3.45 7.24 -4.13
C CYS B 34 -4.82 6.65 -3.78
N PHE B 35 -4.87 5.38 -3.48
CA PHE B 35 -6.17 4.75 -3.13
C PHE B 35 -6.84 5.52 -1.98
N GLU B 36 -6.14 5.71 -0.90
CA GLU B 36 -6.73 6.46 0.25
C GLU B 36 -7.08 7.88 -0.19
N ALA B 37 -6.19 8.52 -0.89
CA ALA B 37 -6.46 9.92 -1.35
C ALA B 37 -7.77 9.95 -2.15
N HIS B 38 -7.92 9.06 -3.08
CA HIS B 38 -9.18 9.04 -3.90
C HIS B 38 -10.39 8.94 -2.97
N GLN B 39 -10.44 7.92 -2.16
CA GLN B 39 -11.59 7.77 -1.22
C GLN B 39 -11.82 9.07 -0.44
N TRP B 40 -10.80 9.88 -0.31
CA TRP B 40 -10.95 11.16 0.43
C TRP B 40 -11.32 12.29 -0.54
N PHE B 41 -10.70 12.33 -1.68
CA PHE B 41 -11.01 13.41 -2.66
C PHE B 41 -12.50 13.39 -3.00
N LEU B 42 -13.15 12.28 -2.79
CA LEU B 42 -14.61 12.21 -3.11
C LEU B 42 -15.17 10.86 -2.64
N LYS B 43 -16.04 10.26 -3.40
CA LYS B 43 -16.62 8.95 -2.99
C LYS B 43 -16.29 7.86 -4.01
N HIS B 44 -15.42 6.96 -3.68
CA HIS B 44 -15.06 5.88 -4.64
C HIS B 44 -14.87 4.56 -3.90
N GLU B 45 -15.01 3.45 -4.58
CA GLU B 45 -14.84 2.13 -3.90
C GLU B 45 -13.92 1.24 -4.71
N ALA B 46 -13.02 0.55 -4.05
CA ALA B 46 -12.08 -0.35 -4.78
C ALA B 46 -11.94 -1.68 -4.04
N ARG B 47 -11.76 -2.76 -4.75
CA ARG B 47 -11.63 -4.08 -4.10
C ARG B 47 -10.15 -4.43 -3.89
N PRO B 48 -9.91 -5.33 -2.97
CA PRO B 48 -8.52 -5.76 -2.67
C PRO B 48 -7.98 -6.63 -3.80
N LEU B 49 -6.70 -6.55 -4.06
CA LEU B 49 -6.11 -7.39 -5.15
C LEU B 49 -6.41 -8.86 -4.90
N ALA B 50 -6.69 -9.24 -3.68
CA ALA B 50 -6.99 -10.66 -3.38
C ALA B 50 -8.35 -11.05 -3.97
N GLU B 51 -8.83 -12.22 -3.65
CA GLU B 51 -10.14 -12.66 -4.19
C GLU B 51 -11.20 -12.65 -3.08
ZN ZN C . 0.10 -6.38 5.01
ZN ZN D . -1.03 1.06 15.37
ZN ZN E . 0.17 5.64 -6.79
ZN ZN F . -11.15 5.56 -8.90
N GLY A 1 32.77 -7.37 15.27
CA GLY A 1 31.65 -6.41 15.43
C GLY A 1 30.37 -7.02 14.86
N SER A 2 29.26 -6.81 15.51
CA SER A 2 27.97 -7.38 15.01
C SER A 2 27.52 -6.64 13.75
N ARG A 3 28.03 -5.45 13.52
CA ARG A 3 27.62 -4.68 12.31
C ARG A 3 26.10 -4.57 12.25
N GLN A 4 25.55 -3.49 12.74
CA GLN A 4 24.07 -3.33 12.70
C GLN A 4 23.64 -2.70 11.38
N ILE A 5 22.39 -2.85 11.02
CA ILE A 5 21.90 -2.26 9.74
C ILE A 5 20.44 -1.85 9.87
N VAL A 6 20.18 -0.56 9.98
CA VAL A 6 18.77 -0.10 10.12
C VAL A 6 18.07 -0.10 8.76
N ASP A 7 17.43 -1.19 8.41
CA ASP A 7 16.73 -1.25 7.10
C ASP A 7 15.52 -0.31 7.10
N ALA A 8 15.41 0.54 6.13
CA ALA A 8 14.26 1.48 6.09
C ALA A 8 13.34 1.15 4.91
N GLN A 9 13.08 -0.11 4.68
CA GLN A 9 12.20 -0.50 3.54
C GLN A 9 10.82 0.17 3.68
N ALA A 10 10.23 0.56 2.60
CA ALA A 10 8.90 1.23 2.67
C ALA A 10 7.80 0.26 2.21
N VAL A 11 7.72 -0.89 2.81
CA VAL A 11 6.68 -1.87 2.41
C VAL A 11 6.11 -2.58 3.65
N CYS A 12 4.95 -3.17 3.52
CA CYS A 12 4.35 -3.88 4.68
C CYS A 12 5.36 -4.85 5.31
N THR A 13 5.20 -5.12 6.58
CA THR A 13 6.14 -6.05 7.26
C THR A 13 5.75 -7.50 6.96
N ARG A 14 4.49 -7.74 6.71
CA ARG A 14 4.04 -9.12 6.39
C ARG A 14 4.03 -9.34 4.89
N CYS A 15 3.34 -8.49 4.16
CA CYS A 15 3.30 -8.65 2.67
C CYS A 15 4.65 -8.24 2.08
N LYS A 16 5.40 -7.42 2.77
CA LYS A 16 6.73 -6.99 2.26
C LYS A 16 6.57 -6.11 1.01
N GLU A 17 5.37 -5.71 0.69
CA GLU A 17 5.17 -4.85 -0.51
C GLU A 17 3.74 -4.29 -0.53
N SER A 18 3.43 -3.50 -1.52
CA SER A 18 2.06 -2.92 -1.61
C SER A 18 1.70 -2.14 -0.34
N ALA A 19 2.60 -1.32 0.14
CA ALA A 19 2.29 -0.54 1.37
C ALA A 19 3.05 0.79 1.35
N ASP A 20 2.41 1.86 1.77
CA ASP A 20 3.08 3.18 1.78
C ASP A 20 2.82 3.90 3.12
N PHE A 21 2.62 3.15 4.17
CA PHE A 21 2.36 3.78 5.49
C PHE A 21 2.92 2.89 6.62
N TRP A 22 3.43 3.50 7.66
CA TRP A 22 3.97 2.69 8.79
C TRP A 22 3.45 3.24 10.12
N CYS A 23 3.06 2.35 11.01
CA CYS A 23 2.54 2.82 12.33
C CYS A 23 3.68 3.37 13.19
N PHE A 24 3.47 4.50 13.82
CA PHE A 24 4.54 5.09 14.67
C PHE A 24 4.67 4.31 15.99
N GLU A 25 3.55 3.93 16.57
CA GLU A 25 3.60 3.17 17.85
C GLU A 25 4.08 1.73 17.60
N CYS A 26 3.42 1.03 16.72
CA CYS A 26 3.82 -0.37 16.42
C CYS A 26 5.16 -0.40 15.67
N GLU A 27 5.52 0.69 15.05
CA GLU A 27 6.80 0.72 14.29
C GLU A 27 6.80 -0.37 13.21
N GLN A 28 5.67 -0.60 12.60
CA GLN A 28 5.60 -1.64 11.53
C GLN A 28 4.90 -1.09 10.29
N LEU A 29 5.16 -1.65 9.15
CA LEU A 29 4.52 -1.16 7.90
C LEU A 29 3.24 -1.96 7.62
N LEU A 30 2.28 -1.35 6.96
CA LEU A 30 1.01 -2.09 6.67
C LEU A 30 0.50 -1.72 5.27
N CYS A 31 0.14 -2.70 4.49
CA CYS A 31 -0.38 -2.42 3.12
C CYS A 31 -1.80 -1.85 3.18
N ALA A 32 -2.28 -1.30 2.10
CA ALA A 32 -3.66 -0.73 2.11
C ALA A 32 -4.66 -1.74 2.68
N LYS A 33 -4.39 -3.01 2.50
CA LYS A 33 -5.31 -4.05 3.03
C LYS A 33 -5.23 -4.10 4.57
N CYS A 34 -4.09 -3.78 5.11
CA CYS A 34 -3.94 -3.80 6.60
C CYS A 34 -4.11 -2.40 7.18
N PHE A 35 -3.51 -1.42 6.55
CA PHE A 35 -3.64 -0.03 7.07
C PHE A 35 -5.11 0.34 7.23
N GLU A 36 -5.92 0.04 6.25
CA GLU A 36 -7.37 0.37 6.34
C GLU A 36 -7.99 -0.36 7.54
N ALA A 37 -7.73 -1.63 7.68
CA ALA A 37 -8.30 -2.40 8.82
C ALA A 37 -7.86 -1.77 10.14
N HIS A 38 -6.62 -1.41 10.25
CA HIS A 38 -6.14 -0.77 11.53
C HIS A 38 -6.94 0.49 11.83
N GLN A 39 -7.14 1.33 10.86
CA GLN A 39 -7.92 2.58 11.09
C GLN A 39 -9.40 2.26 11.28
N TRP A 40 -9.82 1.10 10.85
CA TRP A 40 -11.26 0.73 11.00
C TRP A 40 -11.48 0.00 12.32
N PHE A 41 -10.66 -0.96 12.63
CA PHE A 41 -10.83 -1.71 13.91
C PHE A 41 -10.43 -0.84 15.10
N LEU A 42 -9.65 0.19 14.86
CA LEU A 42 -9.23 1.07 15.99
C LEU A 42 -8.62 2.36 15.44
N LYS A 43 -8.31 3.30 16.30
CA LYS A 43 -7.71 4.58 15.83
C LYS A 43 -6.21 4.58 16.08
N HIS A 44 -5.43 4.64 15.04
CA HIS A 44 -3.94 4.64 15.21
C HIS A 44 -3.32 5.82 14.48
N GLU A 45 -2.16 6.25 14.89
CA GLU A 45 -1.50 7.41 14.21
C GLU A 45 -0.32 6.92 13.36
N ALA A 46 -0.46 6.92 12.07
CA ALA A 46 0.66 6.46 11.20
C ALA A 46 1.01 7.55 10.18
N ARG A 47 2.18 7.45 9.59
CA ARG A 47 2.58 8.49 8.58
C ARG A 47 2.89 7.82 7.24
N PRO A 48 2.83 8.61 6.20
CA PRO A 48 3.10 8.10 4.84
C PRO A 48 4.61 7.87 4.65
N LEU A 49 4.96 6.89 3.86
CA LEU A 49 6.42 6.61 3.63
C LEU A 49 7.00 7.63 2.64
N ALA A 50 6.16 8.37 1.96
CA ALA A 50 6.67 9.37 0.99
C ALA A 50 7.28 10.57 1.72
N GLU A 51 7.76 11.55 0.99
CA GLU A 51 8.35 12.75 1.66
C GLU A 51 7.32 13.87 1.73
N GLY B 1 13.29 -12.34 -10.27
CA GLY B 1 13.56 -13.53 -9.39
C GLY B 1 14.41 -14.54 -10.15
N SER B 2 15.57 -14.85 -9.63
CA SER B 2 16.46 -15.84 -10.32
C SER B 2 16.93 -15.29 -11.66
N ARG B 3 16.06 -15.27 -12.64
CA ARG B 3 16.47 -14.74 -13.98
C ARG B 3 15.33 -13.90 -14.57
N GLN B 4 14.29 -14.52 -15.04
CA GLN B 4 13.16 -13.76 -15.63
C GLN B 4 12.53 -12.85 -14.58
N ILE B 5 12.92 -11.60 -14.55
CA ILE B 5 12.35 -10.65 -13.55
C ILE B 5 10.90 -10.33 -13.90
N VAL B 6 10.19 -9.71 -12.99
CA VAL B 6 8.76 -9.36 -13.27
C VAL B 6 8.57 -7.85 -13.27
N ASP B 7 7.54 -7.36 -13.90
CA ASP B 7 7.31 -5.89 -13.94
C ASP B 7 6.16 -5.52 -12.99
N ALA B 8 6.04 -6.21 -11.89
CA ALA B 8 4.96 -5.88 -10.92
C ALA B 8 3.59 -6.08 -11.58
N GLN B 9 2.92 -7.15 -11.27
CA GLN B 9 1.58 -7.39 -11.87
C GLN B 9 0.48 -6.76 -11.01
N ALA B 10 0.64 -6.83 -9.71
CA ALA B 10 -0.39 -6.23 -8.80
C ALA B 10 0.17 -4.96 -8.14
N VAL B 11 0.17 -3.87 -8.86
CA VAL B 11 0.70 -2.61 -8.26
C VAL B 11 0.08 -1.39 -8.96
N CYS B 12 0.14 -0.25 -8.31
CA CYS B 12 -0.44 0.98 -8.92
C CYS B 12 -0.01 1.14 -10.38
N THR B 13 -0.74 1.90 -11.14
CA THR B 13 -0.37 2.10 -12.57
C THR B 13 0.62 3.25 -12.70
N ARG B 14 0.60 4.17 -11.78
CA ARG B 14 1.55 5.32 -11.85
C ARG B 14 2.77 5.05 -10.96
N CYS B 15 2.56 4.59 -9.76
CA CYS B 15 3.70 4.30 -8.85
C CYS B 15 4.30 2.94 -9.20
N LYS B 16 3.53 2.08 -9.79
CA LYS B 16 4.04 0.72 -10.18
C LYS B 16 4.36 -0.11 -8.93
N GLU B 17 3.95 0.33 -7.76
CA GLU B 17 4.22 -0.45 -6.54
C GLU B 17 3.54 0.19 -5.32
N SER B 18 3.65 -0.42 -4.18
CA SER B 18 3.02 0.15 -2.95
C SER B 18 1.50 0.27 -3.15
N ALA B 19 0.89 -0.69 -3.78
CA ALA B 19 -0.58 -0.63 -3.99
C ALA B 19 -1.20 -2.03 -3.85
N ASP B 20 -2.29 -2.14 -3.14
CA ASP B 20 -2.93 -3.47 -2.96
C ASP B 20 -4.43 -3.38 -3.27
N PHE B 21 -4.84 -2.39 -4.02
CA PHE B 21 -6.29 -2.24 -4.34
C PHE B 21 -6.46 -1.66 -5.75
N TRP B 22 -7.47 -2.08 -6.46
CA TRP B 22 -7.70 -1.54 -7.83
C TRP B 22 -9.14 -1.07 -7.97
N CYS B 23 -9.35 0.06 -8.59
CA CYS B 23 -10.74 0.58 -8.77
C CYS B 23 -11.45 -0.18 -9.88
N PHE B 24 -12.68 -0.56 -9.68
CA PHE B 24 -13.43 -1.30 -10.73
C PHE B 24 -13.79 -0.35 -11.88
N GLU B 25 -14.18 0.85 -11.57
CA GLU B 25 -14.54 1.82 -12.65
C GLU B 25 -13.28 2.34 -13.33
N CYS B 26 -12.29 2.73 -12.57
CA CYS B 26 -11.04 3.25 -13.18
C CYS B 26 -10.26 2.11 -13.84
N GLU B 27 -10.50 0.90 -13.42
CA GLU B 27 -9.78 -0.26 -14.03
C GLU B 27 -8.27 -0.08 -13.86
N GLN B 28 -7.85 0.51 -12.77
CA GLN B 28 -6.39 0.71 -12.55
C GLN B 28 -6.03 0.46 -11.08
N LEU B 29 -4.78 0.29 -10.78
CA LEU B 29 -4.37 0.05 -9.37
C LEU B 29 -3.94 1.38 -8.72
N LEU B 30 -4.22 1.53 -7.45
CA LEU B 30 -3.83 2.80 -6.76
C LEU B 30 -3.02 2.50 -5.50
N CYS B 31 -1.93 3.18 -5.31
CA CYS B 31 -1.10 2.94 -4.09
C CYS B 31 -1.79 3.54 -2.86
N ALA B 32 -1.30 3.22 -1.69
CA ALA B 32 -1.91 3.78 -0.45
C ALA B 32 -2.10 5.30 -0.58
N LYS B 33 -1.22 5.96 -1.29
CA LYS B 33 -1.35 7.43 -1.45
C LYS B 33 -2.56 7.77 -2.32
N CYS B 34 -2.80 7.00 -3.35
CA CYS B 34 -3.97 7.27 -4.23
C CYS B 34 -5.23 6.63 -3.65
N PHE B 35 -5.12 5.41 -3.20
CA PHE B 35 -6.31 4.73 -2.62
C PHE B 35 -6.95 5.62 -1.56
N GLU B 36 -6.18 6.13 -0.65
CA GLU B 36 -6.73 7.01 0.41
C GLU B 36 -7.22 8.33 -0.20
N ALA B 37 -6.41 8.95 -1.02
CA ALA B 37 -6.84 10.24 -1.64
C ALA B 37 -8.18 10.06 -2.36
N HIS B 38 -8.29 9.05 -3.18
CA HIS B 38 -9.58 8.82 -3.89
C HIS B 38 -10.73 8.71 -2.87
N GLN B 39 -10.60 7.84 -1.92
CA GLN B 39 -11.68 7.68 -0.90
C GLN B 39 -11.79 8.95 -0.04
N TRP B 40 -10.79 9.80 -0.08
CA TRP B 40 -10.85 11.05 0.73
C TRP B 40 -11.38 12.19 -0.12
N PHE B 41 -11.19 12.13 -1.41
CA PHE B 41 -11.69 13.21 -2.30
C PHE B 41 -13.17 12.99 -2.62
N LEU B 42 -13.66 11.79 -2.45
CA LEU B 42 -15.08 11.50 -2.75
C LEU B 42 -15.43 10.06 -2.36
N LYS B 43 -16.25 9.40 -3.13
CA LYS B 43 -16.62 7.99 -2.80
C LYS B 43 -16.22 7.06 -3.94
N HIS B 44 -15.24 6.23 -3.71
CA HIS B 44 -14.81 5.29 -4.80
C HIS B 44 -14.86 3.84 -4.31
N GLU B 45 -15.15 2.92 -5.18
CA GLU B 45 -15.22 1.49 -4.76
C GLU B 45 -14.06 0.71 -5.37
N ALA B 46 -13.09 0.35 -4.57
CA ALA B 46 -11.93 -0.42 -5.10
C ALA B 46 -11.79 -1.74 -4.35
N ARG B 47 -11.36 -2.77 -5.03
CA ARG B 47 -11.20 -4.10 -4.35
C ARG B 47 -9.73 -4.39 -4.08
N PRO B 48 -9.50 -5.27 -3.16
CA PRO B 48 -8.11 -5.65 -2.79
C PRO B 48 -7.47 -6.49 -3.89
N LEU B 49 -6.20 -6.34 -4.11
CA LEU B 49 -5.51 -7.13 -5.16
C LEU B 49 -5.45 -8.61 -4.76
N ALA B 50 -5.59 -8.89 -3.49
CA ALA B 50 -5.53 -10.30 -3.03
C ALA B 50 -6.89 -10.97 -3.22
N GLU B 51 -6.92 -12.08 -3.93
CA GLU B 51 -8.22 -12.78 -4.15
C GLU B 51 -8.44 -13.84 -3.07
ZN ZN C . -0.19 -6.32 4.84
ZN ZN D . -0.43 0.21 15.02
ZN ZN E . -0.34 5.81 -7.13
ZN ZN F . -10.94 5.31 -8.70
N GLY A 1 32.47 -5.45 7.81
CA GLY A 1 33.13 -6.64 8.43
C GLY A 1 32.40 -7.01 9.72
N SER A 2 32.03 -6.03 10.50
CA SER A 2 31.31 -6.33 11.78
C SER A 2 30.06 -7.17 11.50
N ARG A 3 29.44 -7.68 12.52
CA ARG A 3 28.22 -8.51 12.31
C ARG A 3 26.98 -7.77 12.79
N GLN A 4 26.54 -6.78 12.06
CA GLN A 4 25.34 -6.01 12.48
C GLN A 4 24.32 -5.97 11.33
N ILE A 5 23.06 -5.84 11.65
CA ILE A 5 22.01 -5.80 10.59
C ILE A 5 21.04 -4.63 10.85
N VAL A 6 20.64 -3.94 9.83
CA VAL A 6 19.70 -2.80 10.02
C VAL A 6 18.59 -2.85 8.97
N ASP A 7 17.41 -3.26 9.35
CA ASP A 7 16.29 -3.32 8.37
C ASP A 7 15.77 -1.91 8.07
N ALA A 8 16.01 -1.44 6.88
CA ALA A 8 15.53 -0.07 6.51
C ALA A 8 14.65 -0.12 5.26
N GLN A 9 14.02 -1.24 5.02
CA GLN A 9 13.15 -1.36 3.81
C GLN A 9 11.86 -0.55 4.02
N ALA A 10 11.16 -0.24 2.96
CA ALA A 10 9.90 0.54 3.10
C ALA A 10 8.71 -0.29 2.61
N VAL A 11 8.43 -1.39 3.26
CA VAL A 11 7.28 -2.24 2.85
C VAL A 11 6.65 -2.92 4.06
N CYS A 12 5.43 -3.38 3.93
CA CYS A 12 4.75 -4.04 5.08
C CYS A 12 5.67 -5.05 5.75
N THR A 13 5.54 -5.20 7.05
CA THR A 13 6.42 -6.17 7.77
C THR A 13 5.93 -7.60 7.52
N ARG A 14 4.68 -7.77 7.20
CA ARG A 14 4.15 -9.13 6.95
C ARG A 14 4.14 -9.41 5.44
N CYS A 15 3.50 -8.57 4.68
CA CYS A 15 3.47 -8.79 3.20
C CYS A 15 4.84 -8.48 2.60
N LYS A 16 5.61 -7.66 3.27
CA LYS A 16 6.97 -7.30 2.76
C LYS A 16 6.87 -6.48 1.46
N GLU A 17 5.69 -6.00 1.14
CA GLU A 17 5.56 -5.18 -0.10
C GLU A 17 4.14 -4.58 -0.19
N SER A 18 3.90 -3.82 -1.22
CA SER A 18 2.54 -3.20 -1.40
C SER A 18 2.15 -2.39 -0.16
N ALA A 19 3.05 -1.60 0.36
CA ALA A 19 2.72 -0.78 1.57
C ALA A 19 3.35 0.62 1.46
N ASP A 20 2.58 1.63 1.73
CA ASP A 20 3.13 3.02 1.65
C ASP A 20 2.90 3.75 2.97
N PHE A 21 2.67 3.03 4.03
CA PHE A 21 2.43 3.68 5.34
C PHE A 21 3.06 2.85 6.47
N TRP A 22 3.38 3.48 7.58
CA TRP A 22 4.00 2.73 8.70
C TRP A 22 3.43 3.22 10.03
N CYS A 23 3.17 2.31 10.94
CA CYS A 23 2.61 2.72 12.26
C CYS A 23 3.67 3.43 13.11
N PHE A 24 3.33 4.50 13.73
CA PHE A 24 4.32 5.22 14.59
C PHE A 24 4.44 4.56 15.96
N GLU A 25 3.34 4.10 16.49
CA GLU A 25 3.39 3.44 17.83
C GLU A 25 3.95 2.02 17.69
N CYS A 26 3.43 1.26 16.76
CA CYS A 26 3.94 -0.13 16.59
C CYS A 26 5.28 -0.13 15.84
N GLU A 27 5.63 0.98 15.22
CA GLU A 27 6.92 1.04 14.48
C GLU A 27 7.00 -0.09 13.46
N GLN A 28 5.96 -0.28 12.69
CA GLN A 28 5.97 -1.37 11.67
C GLN A 28 5.29 -0.88 10.38
N LEU A 29 5.56 -1.54 9.29
CA LEU A 29 4.93 -1.13 8.00
C LEU A 29 3.64 -1.92 7.75
N LEU A 30 2.67 -1.30 7.14
CA LEU A 30 1.38 -2.01 6.89
C LEU A 30 0.90 -1.74 5.46
N CYS A 31 0.47 -2.75 4.76
CA CYS A 31 -0.01 -2.55 3.36
C CYS A 31 -1.42 -1.96 3.37
N ALA A 32 -1.89 -1.50 2.25
CA ALA A 32 -3.26 -0.91 2.20
C ALA A 32 -4.28 -1.84 2.87
N LYS A 33 -4.13 -3.12 2.68
CA LYS A 33 -5.09 -4.08 3.31
C LYS A 33 -4.95 -4.05 4.84
N CYS A 34 -3.77 -3.77 5.33
CA CYS A 34 -3.57 -3.73 6.81
C CYS A 34 -3.85 -2.32 7.33
N PHE A 35 -3.28 -1.32 6.71
CA PHE A 35 -3.52 0.07 7.17
C PHE A 35 -5.02 0.38 7.19
N GLU A 36 -5.71 -0.02 6.15
CA GLU A 36 -7.18 0.24 6.09
C GLU A 36 -7.89 -0.46 7.25
N ALA A 37 -7.66 -1.74 7.40
CA ALA A 37 -8.33 -2.49 8.50
C ALA A 37 -7.93 -1.90 9.87
N HIS A 38 -6.69 -1.51 10.01
CA HIS A 38 -6.25 -0.93 11.31
C HIS A 38 -7.11 0.29 11.67
N GLN A 39 -7.20 1.25 10.78
CA GLN A 39 -8.01 2.45 11.07
C GLN A 39 -9.48 2.08 11.19
N TRP A 40 -9.91 1.05 10.50
CA TRP A 40 -11.34 0.64 10.58
C TRP A 40 -11.60 -0.11 11.89
N PHE A 41 -10.81 -1.10 12.18
CA PHE A 41 -11.00 -1.88 13.43
C PHE A 41 -10.72 -0.99 14.65
N LEU A 42 -10.02 0.10 14.46
CA LEU A 42 -9.71 0.99 15.61
C LEU A 42 -9.03 2.27 15.11
N LYS A 43 -8.82 3.23 15.99
CA LYS A 43 -8.16 4.50 15.57
C LYS A 43 -6.70 4.50 16.03
N HIS A 44 -5.78 4.31 15.13
CA HIS A 44 -4.34 4.31 15.52
C HIS A 44 -3.61 5.48 14.85
N GLU A 45 -2.39 5.72 15.24
CA GLU A 45 -1.62 6.84 14.62
C GLU A 45 -0.60 6.29 13.62
N ALA A 46 -0.74 6.64 12.37
CA ALA A 46 0.24 6.14 11.35
C ALA A 46 0.71 7.29 10.47
N ARG A 47 1.78 7.09 9.74
CA ARG A 47 2.31 8.17 8.86
C ARG A 47 2.62 7.62 7.47
N PRO A 48 2.64 8.50 6.51
CA PRO A 48 2.93 8.10 5.11
C PRO A 48 4.42 7.77 4.95
N LEU A 49 4.74 6.86 4.08
CA LEU A 49 6.17 6.50 3.87
C LEU A 49 6.92 7.64 3.18
N ALA A 50 6.21 8.54 2.55
CA ALA A 50 6.87 9.68 1.86
C ALA A 50 7.88 10.35 2.80
N GLU A 51 8.76 11.15 2.26
CA GLU A 51 9.77 11.83 3.13
C GLU A 51 9.89 13.30 2.72
N GLY B 1 0.97 -5.60 -25.23
CA GLY B 1 1.59 -6.12 -26.47
C GLY B 1 1.35 -7.64 -26.57
N SER B 2 1.30 -8.16 -27.76
CA SER B 2 1.07 -9.62 -27.92
C SER B 2 2.30 -10.42 -27.47
N ARG B 3 3.47 -9.87 -27.67
CA ARG B 3 4.71 -10.59 -27.25
C ARG B 3 5.46 -9.78 -26.20
N GLN B 4 4.78 -8.89 -25.53
CA GLN B 4 5.46 -8.06 -24.49
C GLN B 4 4.84 -8.33 -23.11
N ILE B 5 3.56 -8.08 -22.97
CA ILE B 5 2.89 -8.33 -21.66
C ILE B 5 3.53 -7.46 -20.57
N VAL B 6 2.78 -7.12 -19.55
CA VAL B 6 3.34 -6.28 -18.47
C VAL B 6 4.32 -7.09 -17.63
N ASP B 7 4.63 -6.65 -16.44
CA ASP B 7 5.58 -7.39 -15.58
C ASP B 7 5.16 -7.32 -14.11
N ALA B 8 3.91 -7.06 -13.87
CA ALA B 8 3.42 -6.97 -12.45
C ALA B 8 1.93 -6.64 -12.42
N GLN B 9 1.10 -7.61 -12.23
CA GLN B 9 -0.38 -7.35 -12.19
C GLN B 9 -0.85 -7.24 -10.74
N ALA B 10 -0.15 -6.48 -9.93
CA ALA B 10 -0.57 -6.34 -8.51
C ALA B 10 0.12 -5.13 -7.86
N VAL B 11 0.23 -4.05 -8.59
CA VAL B 11 0.89 -2.84 -8.02
C VAL B 11 0.40 -1.58 -8.74
N CYS B 12 0.57 -0.44 -8.13
CA CYS B 12 0.10 0.82 -8.77
C CYS B 12 0.59 0.90 -10.22
N THR B 13 -0.14 1.58 -11.06
CA THR B 13 0.28 1.69 -12.49
C THR B 13 1.34 2.78 -12.64
N ARG B 14 1.38 3.72 -11.73
CA ARG B 14 2.39 4.80 -11.82
C ARG B 14 3.60 4.47 -10.93
N CYS B 15 3.36 4.10 -9.70
CA CYS B 15 4.49 3.76 -8.80
C CYS B 15 4.98 2.34 -9.09
N LYS B 16 4.12 1.52 -9.65
CA LYS B 16 4.52 0.11 -9.99
C LYS B 16 4.77 -0.71 -8.71
N GLU B 17 4.44 -0.18 -7.56
CA GLU B 17 4.66 -0.95 -6.31
C GLU B 17 4.03 -0.25 -5.11
N SER B 18 4.08 -0.86 -3.96
CA SER B 18 3.49 -0.24 -2.75
C SER B 18 1.97 -0.10 -2.90
N ALA B 19 1.35 -0.99 -3.62
CA ALA B 19 -0.13 -0.91 -3.80
C ALA B 19 -0.77 -2.29 -3.65
N ASP B 20 -1.95 -2.35 -3.10
CA ASP B 20 -2.63 -3.66 -2.92
C ASP B 20 -4.13 -3.52 -3.23
N PHE B 21 -4.51 -2.51 -3.96
CA PHE B 21 -5.94 -2.32 -4.30
C PHE B 21 -6.09 -1.79 -5.72
N TRP B 22 -7.11 -2.19 -6.42
CA TRP B 22 -7.31 -1.70 -7.81
C TRP B 22 -8.75 -1.20 -8.00
N CYS B 23 -8.90 -0.05 -8.59
CA CYS B 23 -10.27 0.49 -8.80
C CYS B 23 -11.03 -0.33 -9.85
N PHE B 24 -12.19 -0.83 -9.50
CA PHE B 24 -12.97 -1.65 -10.48
C PHE B 24 -13.43 -0.78 -11.65
N GLU B 25 -13.77 0.46 -11.39
CA GLU B 25 -14.22 1.36 -12.49
C GLU B 25 -13.02 1.84 -13.30
N CYS B 26 -11.98 2.28 -12.65
CA CYS B 26 -10.78 2.77 -13.39
C CYS B 26 -9.97 1.59 -13.92
N GLU B 27 -10.21 0.40 -13.40
CA GLU B 27 -9.44 -0.78 -13.88
C GLU B 27 -7.93 -0.53 -13.72
N GLN B 28 -7.57 0.37 -12.84
CA GLN B 28 -6.11 0.66 -12.64
C GLN B 28 -5.73 0.45 -11.17
N LEU B 29 -4.51 0.03 -10.92
CA LEU B 29 -4.08 -0.20 -9.51
C LEU B 29 -3.59 1.11 -8.90
N LEU B 30 -3.73 1.27 -7.62
CA LEU B 30 -3.26 2.52 -6.96
C LEU B 30 -2.60 2.21 -5.61
N CYS B 31 -1.55 2.91 -5.27
CA CYS B 31 -0.87 2.65 -3.97
C CYS B 31 -1.62 3.35 -2.83
N ALA B 32 -1.25 3.09 -1.61
CA ALA B 32 -1.94 3.75 -0.46
C ALA B 32 -2.03 5.26 -0.68
N LYS B 33 -1.02 5.84 -1.25
CA LYS B 33 -1.04 7.32 -1.49
C LYS B 33 -2.05 7.64 -2.60
N CYS B 34 -2.33 6.71 -3.47
CA CYS B 34 -3.30 6.98 -4.56
C CYS B 34 -4.70 6.51 -4.16
N PHE B 35 -4.80 5.33 -3.62
CA PHE B 35 -6.14 4.81 -3.19
C PHE B 35 -6.75 5.75 -2.16
N GLU B 36 -5.95 6.34 -1.32
CA GLU B 36 -6.50 7.26 -0.29
C GLU B 36 -7.00 8.55 -0.94
N ALA B 37 -6.21 9.12 -1.83
CA ALA B 37 -6.65 10.38 -2.50
C ALA B 37 -8.01 10.17 -3.17
N HIS B 38 -8.18 9.06 -3.84
CA HIS B 38 -9.48 8.78 -4.52
C HIS B 38 -10.61 8.66 -3.49
N GLN B 39 -10.49 7.72 -2.59
CA GLN B 39 -11.55 7.54 -1.56
C GLN B 39 -11.75 8.84 -0.78
N TRP B 40 -10.77 9.70 -0.79
CA TRP B 40 -10.90 11.00 -0.06
C TRP B 40 -11.44 12.06 -1.01
N PHE B 41 -11.06 12.01 -2.25
CA PHE B 41 -11.55 13.00 -3.24
C PHE B 41 -13.07 12.87 -3.38
N LEU B 42 -13.60 11.72 -3.08
CA LEU B 42 -15.06 11.52 -3.21
C LEU B 42 -15.43 10.11 -2.69
N LYS B 43 -16.32 9.43 -3.35
CA LYS B 43 -16.70 8.06 -2.88
C LYS B 43 -16.43 7.04 -3.99
N HIS B 44 -15.46 6.19 -3.81
CA HIS B 44 -15.15 5.17 -4.85
C HIS B 44 -15.02 3.78 -4.22
N GLU B 45 -15.32 2.76 -4.95
CA GLU B 45 -15.21 1.37 -4.40
C GLU B 45 -14.10 0.61 -5.11
N ALA B 46 -13.19 0.03 -4.39
CA ALA B 46 -12.08 -0.74 -5.03
C ALA B 46 -11.83 -2.04 -4.28
N ARG B 47 -11.36 -3.05 -4.97
CA ARG B 47 -11.10 -4.36 -4.28
C ARG B 47 -9.59 -4.56 -4.12
N PRO B 48 -9.25 -5.38 -3.16
CA PRO B 48 -7.81 -5.66 -2.89
C PRO B 48 -7.23 -6.57 -3.98
N LEU B 49 -5.95 -6.47 -4.22
CA LEU B 49 -5.32 -7.32 -5.27
C LEU B 49 -5.31 -8.78 -4.83
N ALA B 50 -5.41 -9.04 -3.55
CA ALA B 50 -5.41 -10.45 -3.06
C ALA B 50 -6.63 -11.19 -3.61
N GLU B 51 -6.45 -12.41 -4.03
CA GLU B 51 -7.60 -13.19 -4.58
C GLU B 51 -7.24 -14.67 -4.66
ZN ZN C . 0.11 -6.17 5.06
ZN ZN D . -0.76 0.62 15.33
ZN ZN E . 0.79 5.39 -6.80
ZN ZN F . -11.45 4.81 -9.00
N GLY A 1 31.65 2.40 1.88
CA GLY A 1 32.86 1.55 1.98
C GLY A 1 32.79 0.70 3.25
N SER A 2 32.77 1.33 4.39
CA SER A 2 32.69 0.56 5.66
C SER A 2 31.29 0.68 6.28
N ARG A 3 30.75 1.87 6.32
CA ARG A 3 29.39 2.04 6.91
C ARG A 3 28.88 3.46 6.64
N GLN A 4 27.61 3.61 6.38
CA GLN A 4 27.04 4.96 6.11
C GLN A 4 25.53 4.87 5.86
N ILE A 5 24.84 4.07 6.64
CA ILE A 5 23.37 3.94 6.44
C ILE A 5 23.06 3.62 4.97
N VAL A 6 22.96 2.36 4.65
CA VAL A 6 22.66 1.98 3.23
C VAL A 6 21.46 1.04 3.19
N ASP A 7 20.48 1.26 4.03
CA ASP A 7 19.28 0.38 4.02
C ASP A 7 18.05 1.14 4.51
N ALA A 8 17.06 1.28 3.68
CA ALA A 8 15.83 2.02 4.09
C ALA A 8 14.60 1.43 3.40
N GLN A 9 14.49 0.14 3.37
CA GLN A 9 13.32 -0.50 2.70
C GLN A 9 12.01 0.05 3.30
N ALA A 10 11.01 0.23 2.49
CA ALA A 10 9.72 0.76 3.00
C ALA A 10 8.56 -0.11 2.49
N VAL A 11 8.22 -1.15 3.22
CA VAL A 11 7.10 -2.04 2.77
C VAL A 11 6.47 -2.75 3.97
N CYS A 12 5.28 -3.25 3.81
CA CYS A 12 4.60 -3.95 4.94
C CYS A 12 5.54 -4.95 5.60
N THR A 13 5.24 -5.35 6.81
CA THR A 13 6.12 -6.33 7.51
C THR A 13 5.70 -7.76 7.16
N ARG A 14 4.45 -7.98 6.87
CA ARG A 14 3.99 -9.34 6.51
C ARG A 14 4.03 -9.53 4.99
N CYS A 15 3.52 -8.59 4.25
CA CYS A 15 3.54 -8.70 2.76
C CYS A 15 4.92 -8.32 2.23
N LYS A 16 5.64 -7.51 2.96
CA LYS A 16 7.00 -7.08 2.51
C LYS A 16 6.89 -6.23 1.23
N GLU A 17 5.70 -5.80 0.88
CA GLU A 17 5.54 -4.97 -0.35
C GLU A 17 4.10 -4.45 -0.46
N SER A 18 3.84 -3.62 -1.43
CA SER A 18 2.45 -3.08 -1.60
C SER A 18 2.06 -2.24 -0.38
N ALA A 19 2.98 -1.53 0.20
CA ALA A 19 2.64 -0.69 1.39
C ALA A 19 3.40 0.64 1.33
N ASP A 20 2.87 1.65 1.98
CA ASP A 20 3.55 2.98 1.98
C ASP A 20 3.26 3.71 3.28
N PHE A 21 2.96 3.00 4.32
CA PHE A 21 2.66 3.66 5.62
C PHE A 21 3.15 2.79 6.78
N TRP A 22 3.48 3.40 7.89
CA TRP A 22 3.97 2.60 9.05
C TRP A 22 3.39 3.16 10.35
N CYS A 23 2.91 2.31 11.21
CA CYS A 23 2.33 2.79 12.50
C CYS A 23 3.44 3.37 13.39
N PHE A 24 3.25 4.57 13.89
CA PHE A 24 4.29 5.18 14.77
C PHE A 24 4.45 4.38 16.06
N GLU A 25 3.35 3.96 16.64
CA GLU A 25 3.44 3.18 17.91
C GLU A 25 3.85 1.74 17.62
N CYS A 26 3.14 1.07 16.76
CA CYS A 26 3.48 -0.35 16.45
C CYS A 26 4.84 -0.41 15.72
N GLU A 27 5.31 0.69 15.22
CA GLU A 27 6.63 0.67 14.51
C GLU A 27 6.64 -0.41 13.43
N GLN A 28 5.51 -0.69 12.84
CA GLN A 28 5.45 -1.74 11.79
C GLN A 28 4.84 -1.17 10.51
N LEU A 29 5.11 -1.79 9.38
CA LEU A 29 4.55 -1.27 8.10
C LEU A 29 3.27 -2.03 7.75
N LEU A 30 2.36 -1.39 7.06
CA LEU A 30 1.08 -2.07 6.69
C LEU A 30 0.70 -1.73 5.25
N CYS A 31 0.34 -2.72 4.47
CA CYS A 31 -0.05 -2.45 3.06
C CYS A 31 -1.44 -1.80 3.01
N ALA A 32 -1.84 -1.31 1.87
CA ALA A 32 -3.17 -0.66 1.75
C ALA A 32 -4.25 -1.55 2.38
N LYS A 33 -4.16 -2.83 2.19
CA LYS A 33 -5.17 -3.76 2.78
C LYS A 33 -5.07 -3.77 4.30
N CYS A 34 -3.89 -3.55 4.82
CA CYS A 34 -3.72 -3.55 6.31
C CYS A 34 -3.96 -2.15 6.87
N PHE A 35 -3.40 -1.15 6.25
CA PHE A 35 -3.59 0.25 6.76
C PHE A 35 -5.09 0.58 6.79
N GLU A 36 -5.77 0.40 5.69
CA GLU A 36 -7.22 0.72 5.66
C GLU A 36 -7.96 -0.13 6.70
N ALA A 37 -7.68 -1.40 6.76
CA ALA A 37 -8.36 -2.27 7.76
C ALA A 37 -7.96 -1.87 9.18
N HIS A 38 -6.70 -1.60 9.39
CA HIS A 38 -6.25 -1.19 10.75
C HIS A 38 -7.01 0.05 11.21
N GLN A 39 -6.91 1.13 10.50
CA GLN A 39 -7.64 2.36 10.90
C GLN A 39 -9.13 2.05 11.08
N TRP A 40 -9.61 1.02 10.43
CA TRP A 40 -11.04 0.66 10.57
C TRP A 40 -11.27 -0.11 11.86
N PHE A 41 -10.48 -1.11 12.12
CA PHE A 41 -10.65 -1.91 13.38
C PHE A 41 -10.62 -0.97 14.58
N LEU A 42 -9.63 -0.11 14.66
CA LEU A 42 -9.55 0.82 15.81
C LEU A 42 -8.92 2.15 15.35
N LYS A 43 -8.70 3.06 16.25
CA LYS A 43 -8.10 4.36 15.85
C LYS A 43 -6.57 4.32 16.05
N HIS A 44 -5.84 4.34 14.98
CA HIS A 44 -4.35 4.30 15.10
C HIS A 44 -3.73 5.48 14.33
N GLU A 45 -2.51 5.81 14.61
CA GLU A 45 -1.85 6.94 13.89
C GLU A 45 -0.62 6.45 13.11
N ALA A 46 -0.73 6.35 11.82
CA ALA A 46 0.44 5.87 11.01
C ALA A 46 0.90 6.97 10.04
N ARG A 47 2.18 7.17 9.92
CA ARG A 47 2.68 8.23 9.00
C ARG A 47 3.11 7.61 7.66
N PRO A 48 3.19 8.43 6.66
CA PRO A 48 3.60 7.96 5.32
C PRO A 48 5.10 7.65 5.28
N LEU A 49 5.49 6.68 4.50
CA LEU A 49 6.93 6.33 4.43
C LEU A 49 7.73 7.49 3.83
N ALA A 50 7.09 8.33 3.07
CA ALA A 50 7.82 9.48 2.46
C ALA A 50 8.12 10.54 3.52
N GLU A 51 8.89 11.53 3.18
CA GLU A 51 9.22 12.59 4.18
C GLU A 51 9.73 11.96 5.48
N GLY B 1 8.04 -21.49 -20.78
CA GLY B 1 7.24 -22.24 -19.78
C GLY B 1 6.11 -21.34 -19.27
N SER B 2 6.19 -20.92 -18.04
CA SER B 2 5.13 -20.03 -17.48
C SER B 2 5.04 -18.74 -18.29
N ARG B 3 3.84 -18.21 -18.46
CA ARG B 3 3.69 -16.96 -19.24
C ARG B 3 4.61 -15.87 -18.68
N GLN B 4 5.41 -15.26 -19.51
CA GLN B 4 6.32 -14.19 -19.02
C GLN B 4 5.83 -12.82 -19.48
N ILE B 5 5.16 -12.09 -18.62
CA ILE B 5 4.66 -10.74 -19.02
C ILE B 5 4.91 -9.73 -17.89
N VAL B 6 5.80 -8.81 -18.11
CA VAL B 6 6.10 -7.80 -17.06
C VAL B 6 6.58 -8.49 -15.77
N ASP B 7 7.15 -7.75 -14.86
CA ASP B 7 7.64 -8.37 -13.60
C ASP B 7 6.60 -8.19 -12.48
N ALA B 8 5.88 -7.10 -12.51
CA ALA B 8 4.86 -6.87 -11.45
C ALA B 8 3.52 -6.45 -12.08
N GLN B 9 2.57 -7.34 -12.15
CA GLN B 9 1.26 -7.00 -12.76
C GLN B 9 0.24 -6.66 -11.66
N ALA B 10 0.69 -6.21 -10.53
CA ALA B 10 -0.25 -5.87 -9.43
C ALA B 10 0.32 -4.72 -8.59
N VAL B 11 0.60 -3.61 -9.20
CA VAL B 11 1.15 -2.45 -8.45
C VAL B 11 0.66 -1.13 -9.05
N CYS B 12 0.73 -0.07 -8.30
CA CYS B 12 0.26 1.25 -8.82
C CYS B 12 0.79 1.50 -10.24
N THR B 13 0.16 2.38 -10.96
CA THR B 13 0.62 2.67 -12.35
C THR B 13 1.66 3.79 -12.32
N ARG B 14 1.63 4.64 -11.33
CA ARG B 14 2.63 5.74 -11.26
C ARG B 14 3.81 5.32 -10.38
N CYS B 15 3.54 4.76 -9.23
CA CYS B 15 4.64 4.32 -8.34
C CYS B 15 5.14 2.94 -8.79
N LYS B 16 4.29 2.19 -9.45
CA LYS B 16 4.71 0.84 -9.91
C LYS B 16 4.97 -0.09 -8.73
N GLU B 17 4.57 0.30 -7.54
CA GLU B 17 4.79 -0.57 -6.35
C GLU B 17 4.10 0.02 -5.12
N SER B 18 4.11 -0.70 -4.03
CA SER B 18 3.46 -0.19 -2.79
C SER B 18 1.95 0.01 -2.99
N ALA B 19 1.33 -0.87 -3.74
CA ALA B 19 -0.14 -0.73 -3.98
C ALA B 19 -0.82 -2.10 -3.90
N ASP B 20 -2.00 -2.14 -3.32
CA ASP B 20 -2.72 -3.44 -3.22
C ASP B 20 -4.20 -3.24 -3.56
N PHE B 21 -4.52 -2.18 -4.25
CA PHE B 21 -5.94 -1.92 -4.62
C PHE B 21 -6.04 -1.37 -6.04
N TRP B 22 -7.17 -1.54 -6.67
CA TRP B 22 -7.32 -1.02 -8.07
C TRP B 22 -8.75 -0.51 -8.29
N CYS B 23 -8.89 0.58 -8.99
CA CYS B 23 -10.27 1.13 -9.23
C CYS B 23 -10.96 0.35 -10.35
N PHE B 24 -12.24 0.10 -10.20
CA PHE B 24 -12.98 -0.65 -11.25
C PHE B 24 -13.33 0.28 -12.42
N GLU B 25 -13.68 1.51 -12.12
CA GLU B 25 -14.03 2.46 -13.21
C GLU B 25 -12.75 2.92 -13.93
N CYS B 26 -11.78 3.37 -13.17
CA CYS B 26 -10.51 3.84 -13.80
C CYS B 26 -9.72 2.65 -14.37
N GLU B 27 -10.01 1.46 -13.88
CA GLU B 27 -9.28 0.27 -14.39
C GLU B 27 -7.77 0.46 -14.22
N GLN B 28 -7.35 0.98 -13.11
CA GLN B 28 -5.89 1.19 -12.88
C GLN B 28 -5.53 0.88 -11.42
N LEU B 29 -4.28 0.64 -11.15
CA LEU B 29 -3.87 0.33 -9.75
C LEU B 29 -3.46 1.62 -9.03
N LEU B 30 -3.62 1.65 -7.73
CA LEU B 30 -3.25 2.88 -6.96
C LEU B 30 -2.57 2.49 -5.65
N CYS B 31 -1.53 3.18 -5.28
CA CYS B 31 -0.82 2.86 -4.01
C CYS B 31 -1.47 3.62 -2.84
N ALA B 32 -1.11 3.29 -1.63
CA ALA B 32 -1.70 3.99 -0.46
C ALA B 32 -1.58 5.51 -0.64
N LYS B 33 -0.54 5.95 -1.28
CA LYS B 33 -0.37 7.43 -1.49
C LYS B 33 -1.41 7.94 -2.49
N CYS B 34 -1.87 7.09 -3.36
CA CYS B 34 -2.89 7.53 -4.36
C CYS B 34 -4.28 7.07 -3.93
N PHE B 35 -4.44 5.82 -3.59
CA PHE B 35 -5.77 5.31 -3.16
C PHE B 35 -6.36 6.24 -2.10
N GLU B 36 -5.62 6.51 -1.05
CA GLU B 36 -6.14 7.39 0.02
C GLU B 36 -6.56 8.74 -0.57
N ALA B 37 -5.79 9.26 -1.49
CA ALA B 37 -6.14 10.58 -2.10
C ALA B 37 -7.46 10.46 -2.87
N HIS B 38 -7.71 9.32 -3.46
CA HIS B 38 -8.98 9.13 -4.22
C HIS B 38 -10.17 9.16 -3.26
N GLN B 39 -10.19 8.26 -2.30
CA GLN B 39 -11.32 8.23 -1.33
C GLN B 39 -11.35 9.52 -0.51
N TRP B 40 -10.29 10.28 -0.53
CA TRP B 40 -10.26 11.55 0.24
C TRP B 40 -10.69 12.71 -0.66
N PHE B 41 -10.35 12.64 -1.91
CA PHE B 41 -10.73 13.74 -2.85
C PHE B 41 -12.21 13.62 -3.21
N LEU B 42 -12.79 12.46 -3.04
CA LEU B 42 -14.23 12.28 -3.38
C LEU B 42 -14.69 10.88 -2.97
N LYS B 43 -15.57 10.29 -3.74
CA LYS B 43 -16.05 8.92 -3.39
C LYS B 43 -15.74 7.96 -4.55
N HIS B 44 -14.76 7.11 -4.39
CA HIS B 44 -14.43 6.15 -5.49
C HIS B 44 -14.64 4.72 -5.03
N GLU B 45 -14.84 3.81 -5.95
CA GLU B 45 -15.05 2.39 -5.57
C GLU B 45 -13.91 1.52 -6.12
N ALA B 46 -13.12 0.96 -5.26
CA ALA B 46 -11.99 0.10 -5.74
C ALA B 46 -11.96 -1.22 -4.98
N ARG B 47 -11.72 -2.30 -5.67
CA ARG B 47 -11.69 -3.63 -4.99
C ARG B 47 -10.25 -4.00 -4.62
N PRO B 48 -10.12 -4.90 -3.70
CA PRO B 48 -8.77 -5.35 -3.25
C PRO B 48 -8.09 -6.20 -4.33
N LEU B 49 -6.80 -6.08 -4.47
CA LEU B 49 -6.09 -6.89 -5.51
C LEU B 49 -6.20 -8.38 -5.19
N ALA B 50 -6.43 -8.71 -3.95
CA ALA B 50 -6.55 -10.15 -3.57
C ALA B 50 -7.53 -10.87 -4.51
N GLU B 51 -7.16 -12.03 -4.99
CA GLU B 51 -8.06 -12.78 -5.91
C GLU B 51 -8.40 -11.91 -7.13
ZN ZN C . 0.01 -6.26 4.89
ZN ZN D . -0.95 0.33 14.70
ZN ZN E . 0.91 5.85 -6.77
ZN ZN F . -10.25 5.82 -9.57
N GLY A 1 28.10 9.77 15.06
CA GLY A 1 27.58 10.46 16.28
C GLY A 1 26.13 10.04 16.52
N SER A 2 25.20 10.71 15.90
CA SER A 2 23.76 10.36 16.09
C SER A 2 23.38 9.19 15.15
N ARG A 3 22.12 8.98 14.95
CA ARG A 3 21.67 7.87 14.06
C ARG A 3 20.56 8.33 13.12
N GLN A 4 20.76 8.20 11.84
CA GLN A 4 19.71 8.65 10.88
C GLN A 4 18.54 7.65 10.87
N ILE A 5 17.34 8.13 10.70
CA ILE A 5 16.17 7.21 10.69
C ILE A 5 15.66 7.03 9.25
N VAL A 6 16.47 6.47 8.39
CA VAL A 6 16.04 6.27 6.98
C VAL A 6 15.40 4.88 6.82
N ASP A 7 14.32 4.80 6.09
CA ASP A 7 13.65 3.49 5.89
C ASP A 7 14.22 2.79 4.65
N ALA A 8 15.15 1.90 4.84
CA ALA A 8 15.74 1.18 3.67
C ALA A 8 14.65 0.48 2.86
N GLN A 9 13.66 -0.06 3.52
CA GLN A 9 12.56 -0.76 2.79
C GLN A 9 11.21 -0.19 3.23
N ALA A 10 10.58 0.60 2.40
CA ALA A 10 9.25 1.17 2.77
C ALA A 10 8.13 0.23 2.34
N VAL A 11 7.99 -0.88 3.01
CA VAL A 11 6.92 -1.84 2.63
C VAL A 11 6.38 -2.56 3.87
N CYS A 12 5.22 -3.13 3.77
CA CYS A 12 4.62 -3.84 4.94
C CYS A 12 5.63 -4.77 5.59
N THR A 13 5.38 -5.16 6.81
CA THR A 13 6.33 -6.07 7.51
C THR A 13 5.95 -7.53 7.24
N ARG A 14 4.68 -7.79 7.07
CA ARG A 14 4.24 -9.20 6.79
C ARG A 14 4.23 -9.44 5.28
N CYS A 15 3.72 -8.51 4.51
CA CYS A 15 3.70 -8.69 3.03
C CYS A 15 5.03 -8.26 2.43
N LYS A 16 5.74 -7.39 3.11
CA LYS A 16 7.06 -6.92 2.60
C LYS A 16 6.89 -6.10 1.32
N GLU A 17 5.68 -5.68 1.02
CA GLU A 17 5.47 -4.87 -0.21
C GLU A 17 4.02 -4.39 -0.30
N SER A 18 3.70 -3.63 -1.31
CA SER A 18 2.30 -3.13 -1.47
C SER A 18 1.85 -2.35 -0.22
N ALA A 19 2.69 -1.51 0.31
CA ALA A 19 2.29 -0.72 1.51
C ALA A 19 2.81 0.71 1.41
N ASP A 20 2.06 1.65 1.93
CA ASP A 20 2.49 3.07 1.87
C ASP A 20 2.25 3.76 3.21
N PHE A 21 2.20 2.99 4.27
CA PHE A 21 1.97 3.59 5.62
C PHE A 21 2.62 2.73 6.70
N TRP A 22 3.03 3.34 7.78
CA TRP A 22 3.68 2.56 8.87
C TRP A 22 3.30 3.14 10.24
N CYS A 23 2.99 2.30 11.19
CA CYS A 23 2.60 2.79 12.54
C CYS A 23 3.85 3.15 13.35
N PHE A 24 4.00 4.38 13.74
CA PHE A 24 5.19 4.78 14.53
C PHE A 24 5.23 4.01 15.85
N GLU A 25 4.11 3.86 16.50
CA GLU A 25 4.08 3.11 17.79
C GLU A 25 4.38 1.63 17.55
N CYS A 26 3.68 1.02 16.63
CA CYS A 26 3.93 -0.42 16.35
C CYS A 26 5.25 -0.61 15.62
N GLU A 27 5.80 0.43 15.06
CA GLU A 27 7.09 0.31 14.33
C GLU A 27 6.98 -0.76 13.25
N GLN A 28 5.84 -0.87 12.63
CA GLN A 28 5.66 -1.89 11.55
C GLN A 28 4.96 -1.29 10.35
N LEU A 29 5.20 -1.83 9.18
CA LEU A 29 4.54 -1.29 7.95
C LEU A 29 3.28 -2.09 7.66
N LEU A 30 2.30 -1.47 7.04
CA LEU A 30 1.03 -2.21 6.73
C LEU A 30 0.63 -2.01 5.28
N CYS A 31 0.28 -3.07 4.60
CA CYS A 31 -0.14 -2.94 3.17
C CYS A 31 -1.61 -2.49 3.09
N ALA A 32 -2.10 -2.25 1.90
CA ALA A 32 -3.52 -1.80 1.76
C ALA A 32 -4.45 -2.73 2.54
N LYS A 33 -4.12 -3.99 2.66
CA LYS A 33 -5.01 -4.93 3.40
C LYS A 33 -4.87 -4.71 4.91
N CYS A 34 -3.70 -4.38 5.38
CA CYS A 34 -3.51 -4.16 6.84
C CYS A 34 -3.75 -2.70 7.20
N PHE A 35 -3.42 -1.80 6.31
CA PHE A 35 -3.62 -0.35 6.60
C PHE A 35 -5.09 -0.04 6.80
N GLU A 36 -5.93 -0.44 5.87
CA GLU A 36 -7.38 -0.18 6.01
C GLU A 36 -7.94 -0.87 7.25
N ALA A 37 -7.50 -2.06 7.53
CA ALA A 37 -8.00 -2.79 8.72
C ALA A 37 -7.63 -2.03 10.00
N HIS A 38 -6.46 -1.46 10.04
CA HIS A 38 -6.04 -0.69 11.25
C HIS A 38 -6.88 0.57 11.40
N GLN A 39 -6.89 1.40 10.38
CA GLN A 39 -7.70 2.66 10.46
C GLN A 39 -9.20 2.34 10.50
N TRP A 40 -9.58 1.13 10.17
CA TRP A 40 -11.03 0.77 10.19
C TRP A 40 -11.36 0.01 11.48
N PHE A 41 -10.40 -0.69 12.03
CA PHE A 41 -10.67 -1.45 13.29
C PHE A 41 -10.29 -0.61 14.51
N LEU A 42 -9.53 0.43 14.33
CA LEU A 42 -9.14 1.28 15.49
C LEU A 42 -8.39 2.52 15.00
N LYS A 43 -8.07 3.42 15.89
CA LYS A 43 -7.34 4.66 15.49
C LYS A 43 -5.87 4.58 15.91
N HIS A 44 -4.98 4.46 14.98
CA HIS A 44 -3.53 4.37 15.34
C HIS A 44 -2.76 5.53 14.70
N GLU A 45 -1.56 5.79 15.15
CA GLU A 45 -0.76 6.90 14.56
C GLU A 45 0.27 6.34 13.58
N ALA A 46 0.03 6.47 12.30
CA ALA A 46 0.99 5.95 11.30
C ALA A 46 1.39 7.06 10.32
N ARG A 47 2.63 7.09 9.93
CA ARG A 47 3.07 8.15 8.98
C ARG A 47 3.20 7.58 7.56
N PRO A 48 3.11 8.45 6.59
CA PRO A 48 3.21 8.02 5.18
C PRO A 48 4.65 7.65 4.83
N LEU A 49 4.84 6.63 4.04
CA LEU A 49 6.22 6.20 3.67
C LEU A 49 6.79 7.15 2.62
N ALA A 50 5.96 7.90 1.95
CA ALA A 50 6.47 8.85 0.92
C ALA A 50 7.62 9.69 1.48
N GLU A 51 8.52 10.13 0.63
CA GLU A 51 9.66 10.94 1.12
C GLU A 51 10.36 10.23 2.28
N GLY B 1 10.48 -0.12 -25.22
CA GLY B 1 9.03 0.15 -24.99
C GLY B 1 8.59 -0.60 -23.73
N SER B 2 7.63 -1.47 -23.87
CA SER B 2 7.14 -2.24 -22.68
C SER B 2 8.10 -3.39 -22.37
N ARG B 3 7.64 -4.36 -21.63
CA ARG B 3 8.53 -5.51 -21.28
C ARG B 3 7.70 -6.71 -20.83
N GLN B 4 7.87 -7.84 -21.47
CA GLN B 4 7.09 -9.05 -21.08
C GLN B 4 7.38 -9.40 -19.62
N ILE B 5 8.57 -9.16 -19.15
CA ILE B 5 8.90 -9.49 -17.73
C ILE B 5 8.55 -8.32 -16.82
N VAL B 6 7.35 -8.30 -16.32
CA VAL B 6 6.94 -7.17 -15.41
C VAL B 6 7.10 -7.58 -13.95
N ASP B 7 6.90 -8.84 -13.65
CA ASP B 7 7.04 -9.29 -12.23
C ASP B 7 6.20 -8.41 -11.30
N ALA B 8 5.14 -7.85 -11.81
CA ALA B 8 4.28 -6.97 -10.95
C ALA B 8 2.93 -6.74 -11.62
N GLN B 9 1.96 -7.56 -11.33
CA GLN B 9 0.61 -7.39 -11.96
C GLN B 9 -0.41 -6.96 -10.90
N ALA B 10 0.05 -6.39 -9.81
CA ALA B 10 -0.90 -5.95 -8.75
C ALA B 10 -0.34 -4.74 -8.00
N VAL B 11 -0.04 -3.68 -8.71
CA VAL B 11 0.51 -2.47 -8.05
C VAL B 11 -0.14 -1.21 -8.62
N CYS B 12 -0.06 -0.12 -7.90
CA CYS B 12 -0.66 1.15 -8.38
C CYS B 12 -0.26 1.44 -9.82
N THR B 13 -1.10 2.11 -10.56
CA THR B 13 -0.75 2.43 -11.97
C THR B 13 0.22 3.62 -12.01
N ARG B 14 0.20 4.43 -10.99
CA ARG B 14 1.12 5.61 -10.95
C ARG B 14 2.38 5.25 -10.15
N CYS B 15 2.22 4.83 -8.93
CA CYS B 15 3.40 4.47 -8.10
C CYS B 15 4.01 3.16 -8.61
N LYS B 16 3.22 2.36 -9.28
CA LYS B 16 3.74 1.06 -9.81
C LYS B 16 4.10 0.12 -8.66
N GLU B 17 3.68 0.42 -7.46
CA GLU B 17 3.99 -0.48 -6.31
C GLU B 17 3.30 0.03 -5.05
N SER B 18 3.54 -0.62 -3.94
CA SER B 18 2.90 -0.17 -2.67
C SER B 18 1.38 -0.07 -2.84
N ALA B 19 0.77 -1.03 -3.49
CA ALA B 19 -0.71 -0.97 -3.69
C ALA B 19 -1.29 -2.37 -3.81
N ASP B 20 -2.31 -2.67 -3.07
CA ASP B 20 -2.94 -4.02 -3.15
C ASP B 20 -4.44 -3.89 -3.36
N PHE B 21 -4.89 -2.77 -3.87
CA PHE B 21 -6.35 -2.58 -4.12
C PHE B 21 -6.59 -2.00 -5.51
N TRP B 22 -7.69 -2.34 -6.12
CA TRP B 22 -7.98 -1.82 -7.48
C TRP B 22 -9.39 -1.22 -7.52
N CYS B 23 -9.56 -0.14 -8.23
CA CYS B 23 -10.92 0.49 -8.30
C CYS B 23 -11.70 -0.08 -9.50
N PHE B 24 -12.91 -0.49 -9.28
CA PHE B 24 -13.72 -1.06 -10.40
C PHE B 24 -14.16 0.05 -11.35
N GLU B 25 -14.47 1.21 -10.83
CA GLU B 25 -14.91 2.33 -11.71
C GLU B 25 -13.74 2.85 -12.54
N CYS B 26 -12.65 3.17 -11.90
CA CYS B 26 -11.47 3.69 -12.66
C CYS B 26 -10.71 2.53 -13.33
N GLU B 27 -10.99 1.31 -12.93
CA GLU B 27 -10.28 0.16 -13.54
C GLU B 27 -8.77 0.35 -13.44
N GLN B 28 -8.31 0.96 -12.39
CA GLN B 28 -6.84 1.19 -12.24
C GLN B 28 -6.39 0.80 -10.83
N LEU B 29 -5.13 0.53 -10.66
CA LEU B 29 -4.63 0.16 -9.30
C LEU B 29 -4.33 1.42 -8.49
N LEU B 30 -4.45 1.35 -7.19
CA LEU B 30 -4.16 2.56 -6.36
C LEU B 30 -3.48 2.15 -5.05
N CYS B 31 -2.45 2.86 -4.67
CA CYS B 31 -1.73 2.52 -3.41
C CYS B 31 -2.56 3.01 -2.20
N ALA B 32 -2.22 2.55 -1.02
CA ALA B 32 -2.97 2.98 0.18
C ALA B 32 -3.12 4.52 0.21
N LYS B 33 -2.11 5.22 -0.22
CA LYS B 33 -2.19 6.70 -0.22
C LYS B 33 -3.22 7.19 -1.24
N CYS B 34 -3.49 6.39 -2.25
CA CYS B 34 -4.48 6.80 -3.27
C CYS B 34 -5.87 6.26 -2.90
N PHE B 35 -5.95 5.01 -2.57
CA PHE B 35 -7.28 4.43 -2.19
C PHE B 35 -7.89 5.22 -1.03
N GLU B 36 -7.08 5.57 -0.06
CA GLU B 36 -7.61 6.36 1.10
C GLU B 36 -8.10 7.72 0.62
N ALA B 37 -7.35 8.35 -0.26
CA ALA B 37 -7.77 9.69 -0.76
C ALA B 37 -9.09 9.58 -1.53
N HIS B 38 -9.20 8.61 -2.41
CA HIS B 38 -10.46 8.45 -3.19
C HIS B 38 -11.65 8.30 -2.22
N GLN B 39 -11.57 7.40 -1.30
CA GLN B 39 -12.69 7.21 -0.34
C GLN B 39 -12.91 8.48 0.49
N TRP B 40 -11.97 9.38 0.49
CA TRP B 40 -12.14 10.63 1.28
C TRP B 40 -12.47 11.80 0.34
N PHE B 41 -12.10 11.68 -0.91
CA PHE B 41 -12.39 12.78 -1.87
C PHE B 41 -13.83 12.67 -2.40
N LEU B 42 -14.42 11.51 -2.27
CA LEU B 42 -15.82 11.35 -2.77
C LEU B 42 -16.35 9.96 -2.39
N LYS B 43 -17.15 9.37 -3.24
CA LYS B 43 -17.70 8.01 -2.93
C LYS B 43 -17.27 7.01 -4.01
N HIS B 44 -16.32 6.17 -3.72
CA HIS B 44 -15.88 5.18 -4.73
C HIS B 44 -15.93 3.76 -4.15
N GLU B 45 -15.69 2.76 -4.96
CA GLU B 45 -15.73 1.36 -4.45
C GLU B 45 -14.56 0.57 -5.04
N ALA B 46 -13.53 0.34 -4.27
CA ALA B 46 -12.36 -0.42 -4.79
C ALA B 46 -12.30 -1.81 -4.12
N ARG B 47 -11.87 -2.80 -4.83
CA ARG B 47 -11.78 -4.16 -4.24
C ARG B 47 -10.32 -4.54 -3.97
N PRO B 48 -10.14 -5.47 -3.08
CA PRO B 48 -8.77 -5.93 -2.73
C PRO B 48 -8.18 -6.77 -3.85
N LEU B 49 -6.88 -6.74 -4.02
CA LEU B 49 -6.24 -7.55 -5.10
C LEU B 49 -6.24 -9.02 -4.72
N ALA B 50 -6.32 -9.32 -3.44
CA ALA B 50 -6.31 -10.75 -3.01
C ALA B 50 -7.37 -11.53 -3.78
N GLU B 51 -7.10 -12.77 -4.10
CA GLU B 51 -8.10 -13.58 -4.86
C GLU B 51 -8.66 -14.69 -3.96
ZN ZN C . 0.24 -6.52 5.33
ZN ZN D . -0.41 0.52 15.00
ZN ZN E . -0.64 5.66 -5.96
ZN ZN F . -12.04 5.50 -8.27
N GLY A 1 23.04 -12.85 -12.17
CA GLY A 1 23.11 -11.61 -11.35
C GLY A 1 22.09 -10.60 -11.87
N SER A 2 22.01 -9.45 -11.25
CA SER A 2 21.03 -8.43 -11.71
C SER A 2 19.64 -9.05 -11.87
N ARG A 3 19.14 -9.67 -10.84
CA ARG A 3 17.79 -10.31 -10.93
C ARG A 3 17.40 -10.91 -9.57
N GLN A 4 16.51 -10.28 -8.87
CA GLN A 4 16.08 -10.81 -7.55
C GLN A 4 15.07 -9.87 -6.89
N ILE A 5 14.78 -10.08 -5.63
CA ILE A 5 13.80 -9.19 -4.94
C ILE A 5 14.21 -9.02 -3.47
N VAL A 6 14.87 -7.93 -3.16
CA VAL A 6 15.30 -7.70 -1.75
C VAL A 6 15.11 -6.22 -1.38
N ASP A 7 15.73 -5.80 -0.31
CA ASP A 7 15.60 -4.37 0.10
C ASP A 7 14.14 -4.05 0.44
N ALA A 8 13.84 -3.85 1.70
CA ALA A 8 12.45 -3.53 2.10
C ALA A 8 12.22 -2.02 2.11
N GLN A 9 12.51 -1.37 1.01
CA GLN A 9 12.32 0.11 0.95
C GLN A 9 10.92 0.49 1.43
N ALA A 10 10.77 0.80 2.69
CA ALA A 10 9.43 1.20 3.20
C ALA A 10 8.36 0.21 2.74
N VAL A 11 8.19 -0.88 3.45
CA VAL A 11 7.17 -1.87 3.04
C VAL A 11 6.60 -2.59 4.28
N CYS A 12 5.45 -3.20 4.13
CA CYS A 12 4.82 -3.91 5.28
C CYS A 12 5.84 -4.82 5.98
N THR A 13 5.64 -5.11 7.23
CA THR A 13 6.58 -5.99 7.96
C THR A 13 6.23 -7.46 7.70
N ARG A 14 5.00 -7.74 7.37
CA ARG A 14 4.58 -9.14 7.11
C ARG A 14 4.62 -9.41 5.60
N CYS A 15 4.01 -8.56 4.82
CA CYS A 15 4.02 -8.76 3.34
C CYS A 15 5.37 -8.33 2.78
N LYS A 16 6.05 -7.44 3.46
CA LYS A 16 7.38 -6.97 2.98
C LYS A 16 7.24 -6.13 1.70
N GLU A 17 6.03 -5.79 1.33
CA GLU A 17 5.85 -4.97 0.11
C GLU A 17 4.39 -4.52 -0.02
N SER A 18 4.08 -3.78 -1.06
CA SER A 18 2.67 -3.31 -1.25
C SER A 18 2.22 -2.48 -0.05
N ALA A 19 3.08 -1.65 0.48
CA ALA A 19 2.69 -0.82 1.65
C ALA A 19 3.32 0.56 1.56
N ASP A 20 2.63 1.59 1.99
CA ASP A 20 3.19 2.96 1.94
C ASP A 20 2.84 3.73 3.21
N PHE A 21 2.68 3.03 4.30
CA PHE A 21 2.34 3.72 5.58
C PHE A 21 2.88 2.93 6.78
N TRP A 22 3.33 3.60 7.79
CA TRP A 22 3.87 2.89 8.99
C TRP A 22 3.32 3.51 10.27
N CYS A 23 3.00 2.70 11.25
CA CYS A 23 2.44 3.24 12.53
C CYS A 23 3.58 3.68 13.44
N PHE A 24 3.49 4.86 13.99
CA PHE A 24 4.57 5.35 14.90
C PHE A 24 4.53 4.57 16.22
N GLU A 25 3.36 4.30 16.72
CA GLU A 25 3.24 3.54 18.00
C GLU A 25 3.65 2.08 17.79
N CYS A 26 3.16 1.47 16.74
CA CYS A 26 3.51 0.04 16.47
C CYS A 26 4.92 -0.06 15.87
N GLU A 27 5.44 1.03 15.38
CA GLU A 27 6.81 1.00 14.78
C GLU A 27 6.91 -0.09 13.71
N GLN A 28 5.87 -0.28 12.95
CA GLN A 28 5.91 -1.32 11.88
C GLN A 28 5.19 -0.82 10.63
N LEU A 29 5.39 -1.48 9.52
CA LEU A 29 4.71 -1.04 8.26
C LEU A 29 3.46 -1.89 8.00
N LEU A 30 2.49 -1.34 7.33
CA LEU A 30 1.24 -2.11 7.04
C LEU A 30 0.79 -1.86 5.60
N CYS A 31 0.59 -2.89 4.84
CA CYS A 31 0.14 -2.70 3.43
C CYS A 31 -1.26 -2.10 3.40
N ALA A 32 -1.71 -1.65 2.25
CA ALA A 32 -3.07 -1.04 2.17
C ALA A 32 -4.11 -1.93 2.84
N LYS A 33 -3.97 -3.22 2.71
CA LYS A 33 -4.96 -4.14 3.36
C LYS A 33 -4.87 -4.04 4.88
N CYS A 34 -3.69 -3.82 5.40
CA CYS A 34 -3.54 -3.71 6.87
C CYS A 34 -3.82 -2.28 7.33
N PHE A 35 -3.23 -1.31 6.68
CA PHE A 35 -3.48 0.11 7.07
C PHE A 35 -4.98 0.41 7.05
N GLU A 36 -5.63 0.14 5.95
CA GLU A 36 -7.09 0.39 5.87
C GLU A 36 -7.81 -0.30 7.03
N ALA A 37 -7.39 -1.48 7.37
CA ALA A 37 -8.04 -2.21 8.50
C ALA A 37 -7.69 -1.55 9.83
N HIS A 38 -6.47 -1.14 10.01
CA HIS A 38 -6.08 -0.48 11.28
C HIS A 38 -7.01 0.72 11.56
N GLN A 39 -7.21 1.57 10.59
CA GLN A 39 -8.10 2.74 10.79
C GLN A 39 -9.56 2.29 10.76
N TRP A 40 -9.84 1.17 10.14
CA TRP A 40 -11.24 0.68 10.07
C TRP A 40 -11.60 -0.06 11.37
N PHE A 41 -10.65 -0.72 11.97
CA PHE A 41 -10.93 -1.46 13.23
C PHE A 41 -10.70 -0.54 14.44
N LEU A 42 -9.95 0.51 14.27
CA LEU A 42 -9.69 1.44 15.41
C LEU A 42 -9.00 2.71 14.91
N LYS A 43 -8.86 3.69 15.77
CA LYS A 43 -8.20 4.95 15.34
C LYS A 43 -6.75 4.98 15.83
N HIS A 44 -5.80 4.87 14.94
CA HIS A 44 -4.38 4.88 15.35
C HIS A 44 -3.60 5.95 14.57
N GLU A 45 -2.51 6.42 15.10
CA GLU A 45 -1.72 7.46 14.39
C GLU A 45 -0.66 6.81 13.51
N ALA A 46 -0.60 7.17 12.26
CA ALA A 46 0.43 6.56 11.35
C ALA A 46 0.79 7.54 10.23
N ARG A 47 1.99 7.47 9.74
CA ARG A 47 2.41 8.38 8.63
C ARG A 47 2.81 7.58 7.40
N PRO A 48 2.73 8.22 6.26
CA PRO A 48 3.08 7.56 4.98
C PRO A 48 4.59 7.35 4.88
N LEU A 49 5.02 6.49 4.01
CA LEU A 49 6.49 6.25 3.85
C LEU A 49 7.08 7.17 2.78
N ALA A 50 6.37 8.20 2.41
CA ALA A 50 6.88 9.13 1.37
C ALA A 50 7.90 10.10 2.00
N GLU A 51 8.84 10.58 1.22
CA GLU A 51 9.86 11.52 1.76
C GLU A 51 10.07 12.69 0.79
N GLY B 1 2.16 -13.46 -23.08
CA GLY B 1 3.32 -12.56 -23.36
C GLY B 1 4.26 -13.24 -24.36
N SER B 2 5.47 -12.77 -24.47
CA SER B 2 6.43 -13.38 -25.43
C SER B 2 7.87 -13.06 -25.02
N ARG B 3 8.22 -11.80 -25.01
CA ARG B 3 9.62 -11.44 -24.62
C ARG B 3 9.59 -10.38 -23.51
N GLN B 4 8.67 -9.46 -23.58
CA GLN B 4 8.59 -8.39 -22.53
C GLN B 4 7.64 -8.82 -21.41
N ILE B 5 8.01 -9.83 -20.66
CA ILE B 5 7.12 -10.29 -19.55
C ILE B 5 7.18 -9.30 -18.38
N VAL B 6 6.48 -9.59 -17.32
CA VAL B 6 6.50 -8.68 -16.14
C VAL B 6 6.72 -9.46 -14.85
N ASP B 7 7.31 -8.84 -13.86
CA ASP B 7 7.57 -9.56 -12.57
C ASP B 7 6.76 -8.92 -11.44
N ALA B 8 5.72 -8.19 -11.77
CA ALA B 8 4.90 -7.54 -10.71
C ALA B 8 3.60 -7.00 -11.30
N GLN B 9 2.62 -7.83 -11.49
CA GLN B 9 1.33 -7.35 -12.07
C GLN B 9 0.35 -6.98 -10.95
N ALA B 10 0.84 -6.75 -9.76
CA ALA B 10 -0.06 -6.38 -8.64
C ALA B 10 0.47 -5.15 -7.91
N VAL B 11 0.75 -4.10 -8.62
CA VAL B 11 1.27 -2.87 -7.97
C VAL B 11 0.70 -1.62 -8.64
N CYS B 12 0.74 -0.51 -7.97
CA CYS B 12 0.21 0.76 -8.56
C CYS B 12 0.73 0.95 -9.98
N THR B 13 0.04 1.72 -10.78
CA THR B 13 0.49 1.95 -12.17
C THR B 13 1.49 3.11 -12.21
N ARG B 14 1.34 4.06 -11.34
CA ARG B 14 2.28 5.22 -11.31
C ARG B 14 3.48 4.89 -10.41
N CYS B 15 3.22 4.42 -9.22
CA CYS B 15 4.34 4.09 -8.30
C CYS B 15 4.93 2.73 -8.68
N LYS B 16 4.14 1.88 -9.31
CA LYS B 16 4.63 0.55 -9.72
C LYS B 16 4.91 -0.34 -8.50
N GLU B 17 4.52 0.09 -7.33
CA GLU B 17 4.77 -0.75 -6.11
C GLU B 17 4.06 -0.15 -4.89
N SER B 18 4.19 -0.78 -3.76
CA SER B 18 3.53 -0.25 -2.53
C SER B 18 2.02 -0.11 -2.74
N ALA B 19 1.41 -1.07 -3.40
CA ALA B 19 -0.05 -0.97 -3.64
C ALA B 19 -0.68 -2.38 -3.58
N ASP B 20 -1.70 -2.55 -2.78
CA ASP B 20 -2.36 -3.88 -2.69
C ASP B 20 -3.85 -3.75 -3.03
N PHE B 21 -4.22 -2.72 -3.72
CA PHE B 21 -5.65 -2.54 -4.09
C PHE B 21 -5.78 -1.96 -5.50
N TRP B 22 -6.84 -2.25 -6.19
CA TRP B 22 -7.02 -1.71 -7.57
C TRP B 22 -8.46 -1.27 -7.78
N CYS B 23 -8.66 -0.16 -8.45
CA CYS B 23 -10.05 0.33 -8.69
C CYS B 23 -10.79 -0.62 -9.64
N PHE B 24 -11.88 -1.18 -9.20
CA PHE B 24 -12.65 -2.11 -10.08
C PHE B 24 -13.14 -1.37 -11.33
N GLU B 25 -13.64 -0.18 -11.16
CA GLU B 25 -14.14 0.60 -12.33
C GLU B 25 -12.96 1.06 -13.20
N CYS B 26 -12.01 1.72 -12.61
CA CYS B 26 -10.83 2.19 -13.40
C CYS B 26 -9.97 1.01 -13.84
N GLU B 27 -10.13 -0.13 -13.21
CA GLU B 27 -9.32 -1.32 -13.59
C GLU B 27 -7.83 -1.00 -13.50
N GLN B 28 -7.44 -0.16 -12.60
CA GLN B 28 -5.99 0.19 -12.46
C GLN B 28 -5.52 -0.04 -11.02
N LEU B 29 -4.24 -0.13 -10.82
CA LEU B 29 -3.70 -0.35 -9.44
C LEU B 29 -3.35 0.99 -8.80
N LEU B 30 -3.56 1.11 -7.52
CA LEU B 30 -3.22 2.39 -6.82
C LEU B 30 -2.60 2.11 -5.45
N CYS B 31 -1.57 2.85 -5.10
CA CYS B 31 -0.91 2.63 -3.79
C CYS B 31 -1.72 3.31 -2.67
N ALA B 32 -1.34 3.08 -1.44
CA ALA B 32 -2.08 3.73 -0.32
C ALA B 32 -2.18 5.24 -0.54
N LYS B 33 -1.15 5.83 -1.08
CA LYS B 33 -1.19 7.31 -1.32
C LYS B 33 -2.21 7.64 -2.42
N CYS B 34 -2.55 6.69 -3.23
CA CYS B 34 -3.53 6.95 -4.32
C CYS B 34 -4.91 6.42 -3.93
N PHE B 35 -4.98 5.20 -3.49
CA PHE B 35 -6.32 4.63 -3.11
C PHE B 35 -6.95 5.50 -2.03
N GLU B 36 -6.23 5.80 -0.98
CA GLU B 36 -6.80 6.65 0.10
C GLU B 36 -7.28 7.98 -0.49
N ALA B 37 -6.46 8.62 -1.28
CA ALA B 37 -6.86 9.92 -1.89
C ALA B 37 -8.19 9.75 -2.64
N HIS B 38 -8.32 8.67 -3.37
CA HIS B 38 -9.58 8.44 -4.13
C HIS B 38 -10.77 8.48 -3.18
N GLN B 39 -10.73 7.69 -2.13
CA GLN B 39 -11.86 7.67 -1.16
C GLN B 39 -12.02 9.04 -0.50
N TRP B 40 -11.03 9.89 -0.61
CA TRP B 40 -11.13 11.24 0.02
C TRP B 40 -11.48 12.28 -1.05
N PHE B 41 -11.12 12.04 -2.27
CA PHE B 41 -11.42 13.02 -3.35
C PHE B 41 -12.87 12.87 -3.80
N LEU B 42 -13.48 11.75 -3.54
CA LEU B 42 -14.90 11.55 -3.96
C LEU B 42 -15.41 10.20 -3.43
N LYS B 43 -16.21 9.51 -4.20
CA LYS B 43 -16.73 8.20 -3.73
C LYS B 43 -16.31 7.09 -4.70
N HIS B 44 -15.45 6.21 -4.27
CA HIS B 44 -15.00 5.11 -5.18
C HIS B 44 -14.78 3.82 -4.37
N GLU B 45 -14.99 2.70 -4.99
CA GLU B 45 -14.80 1.40 -4.27
C GLU B 45 -13.70 0.58 -4.95
N ALA B 46 -12.74 0.11 -4.20
CA ALA B 46 -11.64 -0.69 -4.80
C ALA B 46 -11.60 -2.08 -4.16
N ARG B 47 -10.96 -3.02 -4.81
CA ARG B 47 -10.89 -4.40 -4.25
C ARG B 47 -9.42 -4.78 -3.98
N PRO B 48 -9.25 -5.77 -3.14
CA PRO B 48 -7.89 -6.25 -2.80
C PRO B 48 -7.27 -7.01 -3.96
N LEU B 49 -6.00 -6.83 -4.20
CA LEU B 49 -5.35 -7.57 -5.31
C LEU B 49 -5.46 -9.08 -5.05
N ALA B 50 -5.42 -9.47 -3.81
CA ALA B 50 -5.55 -10.92 -3.46
C ALA B 50 -4.73 -11.78 -4.42
N GLU B 51 -5.13 -13.02 -4.62
CA GLU B 51 -4.38 -13.91 -5.53
C GLU B 51 -5.23 -15.13 -5.91
ZN ZN C . 0.32 -6.41 5.41
ZN ZN D . -1.05 1.50 15.29
ZN ZN E . 0.21 5.32 -6.34
ZN ZN F . -11.04 4.61 -9.37
N GLY A 1 20.26 1.53 18.58
CA GLY A 1 18.91 1.59 19.20
C GLY A 1 18.59 0.25 19.86
N SER A 2 17.96 -0.63 19.15
CA SER A 2 17.62 -1.97 19.74
C SER A 2 18.17 -3.09 18.85
N ARG A 3 19.44 -3.06 18.56
CA ARG A 3 20.04 -4.12 17.71
C ARG A 3 19.28 -4.24 16.39
N GLN A 4 18.65 -3.17 15.96
CA GLN A 4 17.89 -3.22 14.68
C GLN A 4 18.81 -2.87 13.51
N ILE A 5 18.24 -2.63 12.35
CA ILE A 5 19.08 -2.27 11.18
C ILE A 5 18.52 -1.03 10.47
N VAL A 6 19.37 -0.18 10.00
CA VAL A 6 18.89 1.05 9.30
C VAL A 6 18.58 0.76 7.84
N ASP A 7 17.80 -0.25 7.57
CA ASP A 7 17.47 -0.61 6.16
C ASP A 7 16.75 0.57 5.48
N ALA A 8 17.05 0.83 4.25
CA ALA A 8 16.39 1.96 3.54
C ALA A 8 15.18 1.45 2.74
N GLN A 9 14.56 0.40 3.20
CA GLN A 9 13.37 -0.15 2.48
C GLN A 9 12.08 0.45 3.04
N ALA A 10 11.02 0.39 2.30
CA ALA A 10 9.72 0.94 2.80
C ALA A 10 8.56 0.05 2.35
N VAL A 11 8.39 -1.08 2.97
CA VAL A 11 7.27 -1.99 2.58
C VAL A 11 6.70 -2.69 3.81
N CYS A 12 5.51 -3.20 3.70
CA CYS A 12 4.89 -3.90 4.86
C CYS A 12 5.87 -4.91 5.48
N THR A 13 5.65 -5.28 6.70
CA THR A 13 6.56 -6.25 7.36
C THR A 13 6.12 -7.69 7.04
N ARG A 14 4.83 -7.91 6.98
CA ARG A 14 4.33 -9.28 6.67
C ARG A 14 4.30 -9.49 5.15
N CYS A 15 3.76 -8.54 4.43
CA CYS A 15 3.71 -8.69 2.94
C CYS A 15 5.06 -8.31 2.32
N LYS A 16 5.81 -7.49 3.00
CA LYS A 16 7.15 -7.08 2.47
C LYS A 16 7.02 -6.24 1.20
N GLU A 17 5.82 -5.79 0.89
CA GLU A 17 5.63 -4.97 -0.33
C GLU A 17 4.20 -4.45 -0.41
N SER A 18 3.89 -3.73 -1.46
CA SER A 18 2.50 -3.18 -1.60
C SER A 18 2.10 -2.38 -0.37
N ALA A 19 2.99 -1.58 0.14
CA ALA A 19 2.64 -0.76 1.35
C ALA A 19 3.32 0.61 1.27
N ASP A 20 2.56 1.66 1.49
CA ASP A 20 3.16 3.03 1.43
C ASP A 20 2.92 3.76 2.75
N PHE A 21 2.68 3.05 3.81
CA PHE A 21 2.44 3.71 5.12
C PHE A 21 3.04 2.87 6.26
N TRP A 22 3.37 3.49 7.36
CA TRP A 22 3.95 2.73 8.49
C TRP A 22 3.50 3.35 9.82
N CYS A 23 3.25 2.53 10.81
CA CYS A 23 2.80 3.07 12.13
C CYS A 23 4.01 3.60 12.92
N PHE A 24 3.88 4.78 13.48
CA PHE A 24 5.02 5.35 14.26
C PHE A 24 5.10 4.69 15.64
N GLU A 25 3.98 4.41 16.24
CA GLU A 25 3.99 3.75 17.58
C GLU A 25 4.39 2.28 17.45
N CYS A 26 3.78 1.58 16.53
CA CYS A 26 4.13 0.14 16.34
C CYS A 26 5.52 0.01 15.72
N GLU A 27 6.00 1.05 15.09
CA GLU A 27 7.35 0.97 14.45
C GLU A 27 7.38 -0.13 13.39
N GLN A 28 6.30 -0.29 12.66
CA GLN A 28 6.27 -1.35 11.61
C GLN A 28 5.53 -0.83 10.38
N LEU A 29 5.79 -1.41 9.23
CA LEU A 29 5.10 -0.95 7.99
C LEU A 29 3.81 -1.76 7.78
N LEU A 30 2.88 -1.22 7.02
CA LEU A 30 1.61 -1.96 6.78
C LEU A 30 1.10 -1.69 5.37
N CYS A 31 0.64 -2.70 4.69
CA CYS A 31 0.13 -2.51 3.30
C CYS A 31 -1.31 -1.99 3.34
N ALA A 32 -1.80 -1.50 2.23
CA ALA A 32 -3.20 -0.99 2.20
C ALA A 32 -4.16 -2.01 2.83
N LYS A 33 -3.83 -3.27 2.72
CA LYS A 33 -4.71 -4.32 3.32
C LYS A 33 -4.66 -4.28 4.84
N CYS A 34 -3.54 -3.88 5.39
CA CYS A 34 -3.42 -3.80 6.87
C CYS A 34 -3.74 -2.39 7.37
N PHE A 35 -3.23 -1.39 6.71
CA PHE A 35 -3.51 0.01 7.16
C PHE A 35 -5.02 0.26 7.18
N GLU A 36 -5.70 -0.01 6.11
CA GLU A 36 -7.18 0.22 6.08
C GLU A 36 -7.86 -0.51 7.23
N ALA A 37 -7.34 -1.66 7.60
CA ALA A 37 -7.95 -2.41 8.72
C ALA A 37 -7.61 -1.77 10.07
N HIS A 38 -6.52 -1.05 10.12
CA HIS A 38 -6.13 -0.40 11.40
C HIS A 38 -7.00 0.85 11.66
N GLN A 39 -7.09 1.72 10.70
CA GLN A 39 -7.91 2.95 10.89
C GLN A 39 -9.41 2.62 10.94
N TRP A 40 -9.79 1.47 10.45
CA TRP A 40 -11.24 1.12 10.46
C TRP A 40 -11.58 0.32 11.72
N PHE A 41 -10.69 -0.52 12.17
CA PHE A 41 -10.97 -1.32 13.39
C PHE A 41 -10.77 -0.46 14.65
N LEU A 42 -9.87 0.48 14.59
CA LEU A 42 -9.63 1.35 15.78
C LEU A 42 -9.01 2.68 15.36
N LYS A 43 -8.50 3.44 16.29
CA LYS A 43 -7.89 4.75 15.94
C LYS A 43 -6.38 4.70 16.17
N HIS A 44 -5.61 4.68 15.11
CA HIS A 44 -4.13 4.63 15.27
C HIS A 44 -3.48 5.76 14.46
N GLU A 45 -2.29 6.17 14.82
CA GLU A 45 -1.63 7.27 14.07
C GLU A 45 -0.47 6.71 13.23
N ALA A 46 -0.57 6.78 11.94
CA ALA A 46 0.52 6.25 11.07
C ALA A 46 0.94 7.30 10.03
N ARG A 47 2.16 7.25 9.58
CA ARG A 47 2.62 8.26 8.58
C ARG A 47 2.95 7.56 7.26
N PRO A 48 2.93 8.34 6.21
CA PRO A 48 3.23 7.79 4.85
C PRO A 48 4.73 7.50 4.72
N LEU A 49 5.10 6.59 3.85
CA LEU A 49 6.53 6.27 3.68
C LEU A 49 7.21 7.30 2.76
N ALA A 50 6.44 7.99 1.97
CA ALA A 50 7.03 9.01 1.05
C ALA A 50 7.88 10.00 1.85
N GLU A 51 8.48 10.95 1.19
CA GLU A 51 9.33 11.94 1.91
C GLU A 51 8.45 12.97 2.62
N GLY B 1 5.93 -10.79 -29.75
CA GLY B 1 6.54 -11.79 -28.83
C GLY B 1 5.93 -11.62 -27.43
N SER B 2 4.64 -11.55 -27.34
CA SER B 2 4.00 -11.38 -26.01
C SER B 2 2.51 -11.76 -26.08
N ARG B 3 2.00 -12.40 -25.07
CA ARG B 3 0.55 -12.79 -25.09
C ARG B 3 -0.18 -12.19 -23.89
N GLN B 4 0.45 -12.18 -22.75
CA GLN B 4 -0.21 -11.60 -21.54
C GLN B 4 0.84 -11.23 -20.48
N ILE B 5 1.80 -10.42 -20.85
CA ILE B 5 2.86 -10.02 -19.88
C ILE B 5 2.30 -8.98 -18.90
N VAL B 6 3.08 -8.59 -17.93
CA VAL B 6 2.60 -7.58 -16.94
C VAL B 6 3.65 -6.50 -16.73
N ASP B 7 3.25 -5.35 -16.27
CA ASP B 7 4.23 -4.25 -16.03
C ASP B 7 4.99 -4.50 -14.73
N ALA B 8 4.31 -4.96 -13.72
CA ALA B 8 4.99 -5.23 -12.42
C ALA B 8 4.03 -5.94 -11.46
N GLN B 9 3.38 -6.96 -11.93
CA GLN B 9 2.42 -7.70 -11.06
C GLN B 9 1.33 -6.76 -10.55
N ALA B 10 0.72 -7.09 -9.45
CA ALA B 10 -0.37 -6.22 -8.90
C ALA B 10 0.23 -5.00 -8.20
N VAL B 11 0.39 -3.92 -8.91
CA VAL B 11 0.97 -2.69 -8.28
C VAL B 11 0.41 -1.43 -8.94
N CYS B 12 0.51 -0.32 -8.27
CA CYS B 12 -0.02 0.96 -8.85
C CYS B 12 0.45 1.12 -10.29
N THR B 13 -0.28 1.87 -11.08
CA THR B 13 0.13 2.09 -12.49
C THR B 13 1.12 3.25 -12.57
N ARG B 14 1.03 4.18 -11.65
CA ARG B 14 1.97 5.34 -11.68
C ARG B 14 3.20 5.03 -10.81
N CYS B 15 2.98 4.45 -9.66
CA CYS B 15 4.13 4.11 -8.77
C CYS B 15 4.70 2.74 -9.15
N LYS B 16 3.90 1.91 -9.76
CA LYS B 16 4.38 0.55 -10.16
C LYS B 16 4.68 -0.32 -8.93
N GLU B 17 4.30 0.13 -7.76
CA GLU B 17 4.56 -0.69 -6.55
C GLU B 17 3.90 -0.05 -5.32
N SER B 18 4.06 -0.64 -4.18
CA SER B 18 3.45 -0.08 -2.94
C SER B 18 1.94 0.08 -3.10
N ALA B 19 1.29 -0.87 -3.72
CA ALA B 19 -0.18 -0.78 -3.89
C ALA B 19 -0.84 -2.15 -3.77
N ASP B 20 -1.88 -2.26 -2.99
CA ASP B 20 -2.56 -3.57 -2.82
C ASP B 20 -4.06 -3.42 -3.14
N PHE B 21 -4.41 -2.47 -3.96
CA PHE B 21 -5.84 -2.26 -4.31
C PHE B 21 -5.95 -1.61 -5.69
N TRP B 22 -6.95 -1.99 -6.46
CA TRP B 22 -7.12 -1.38 -7.81
C TRP B 22 -8.58 -1.04 -8.06
N CYS B 23 -8.85 0.02 -8.77
CA CYS B 23 -10.26 0.40 -9.05
C CYS B 23 -10.85 -0.47 -10.17
N PHE B 24 -12.03 -0.97 -9.98
CA PHE B 24 -12.66 -1.83 -11.02
C PHE B 24 -13.19 -0.95 -12.16
N GLU B 25 -13.76 0.17 -11.84
CA GLU B 25 -14.30 1.07 -12.90
C GLU B 25 -13.15 1.69 -13.70
N CYS B 26 -12.18 2.25 -13.03
CA CYS B 26 -11.03 2.86 -13.73
C CYS B 26 -10.10 1.77 -14.28
N GLU B 27 -10.22 0.56 -13.78
CA GLU B 27 -9.33 -0.54 -14.27
C GLU B 27 -7.86 -0.15 -14.10
N GLN B 28 -7.55 0.63 -13.10
CA GLN B 28 -6.14 1.04 -12.88
C GLN B 28 -5.71 0.71 -11.45
N LEU B 29 -4.43 0.49 -11.25
CA LEU B 29 -3.95 0.17 -9.87
C LEU B 29 -3.67 1.46 -9.09
N LEU B 30 -3.80 1.43 -7.80
CA LEU B 30 -3.55 2.66 -7.00
C LEU B 30 -2.84 2.31 -5.68
N CYS B 31 -1.85 3.07 -5.31
CA CYS B 31 -1.12 2.78 -4.05
C CYS B 31 -1.90 3.36 -2.85
N ALA B 32 -1.49 3.04 -1.66
CA ALA B 32 -2.21 3.57 -0.46
C ALA B 32 -2.36 5.10 -0.56
N LYS B 33 -1.39 5.77 -1.11
CA LYS B 33 -1.48 7.25 -1.23
C LYS B 33 -2.44 7.65 -2.35
N CYS B 34 -2.73 6.75 -3.25
CA CYS B 34 -3.65 7.08 -4.37
C CYS B 34 -5.03 6.48 -4.13
N PHE B 35 -5.09 5.31 -3.57
CA PHE B 35 -6.41 4.66 -3.30
C PHE B 35 -7.17 5.45 -2.23
N GLU B 36 -6.53 5.76 -1.14
CA GLU B 36 -7.22 6.53 -0.06
C GLU B 36 -7.70 7.89 -0.61
N ALA B 37 -6.92 8.49 -1.46
CA ALA B 37 -7.33 9.81 -2.03
C ALA B 37 -8.59 9.64 -2.88
N HIS B 38 -8.66 8.61 -3.67
CA HIS B 38 -9.87 8.39 -4.53
C HIS B 38 -11.10 8.15 -3.65
N GLN B 39 -11.03 7.16 -2.79
CA GLN B 39 -12.19 6.87 -1.89
C GLN B 39 -12.61 8.15 -1.13
N TRP B 40 -11.71 9.08 -1.01
CA TRP B 40 -12.06 10.34 -0.29
C TRP B 40 -12.50 11.41 -1.29
N PHE B 41 -11.82 11.51 -2.39
CA PHE B 41 -12.21 12.52 -3.42
C PHE B 41 -13.66 12.30 -3.84
N LEU B 42 -14.19 11.13 -3.61
CA LEU B 42 -15.60 10.86 -4.00
C LEU B 42 -16.03 9.48 -3.52
N LYS B 43 -16.86 8.79 -4.25
CA LYS B 43 -17.30 7.44 -3.83
C LYS B 43 -16.93 6.41 -4.91
N HIS B 44 -16.03 5.51 -4.59
CA HIS B 44 -15.63 4.49 -5.60
C HIS B 44 -15.51 3.10 -4.95
N GLU B 45 -15.33 2.08 -5.73
CA GLU B 45 -15.22 0.71 -5.16
C GLU B 45 -13.95 0.04 -5.67
N ALA B 46 -13.02 -0.25 -4.80
CA ALA B 46 -11.75 -0.91 -5.25
C ALA B 46 -11.57 -2.25 -4.52
N ARG B 47 -11.02 -3.23 -5.18
CA ARG B 47 -10.82 -4.55 -4.53
C ARG B 47 -9.34 -4.75 -4.21
N PRO B 48 -9.08 -5.59 -3.24
CA PRO B 48 -7.69 -5.87 -2.83
C PRO B 48 -6.99 -6.74 -3.88
N LEU B 49 -5.73 -6.47 -4.13
CA LEU B 49 -4.98 -7.28 -5.14
C LEU B 49 -4.77 -8.70 -4.62
N ALA B 50 -4.82 -8.89 -3.33
CA ALA B 50 -4.62 -10.25 -2.76
C ALA B 50 -5.84 -11.13 -3.03
N GLU B 51 -5.63 -12.34 -3.46
CA GLU B 51 -6.78 -13.25 -3.74
C GLU B 51 -6.96 -14.24 -2.59
ZN ZN C . 0.37 -6.30 5.17
ZN ZN D . -0.18 0.49 14.57
ZN ZN E . -0.12 5.65 -6.74
ZN ZN F . -11.80 4.77 -9.61
N GLY A 1 21.24 14.29 13.27
CA GLY A 1 21.20 13.14 14.23
C GLY A 1 21.10 11.83 13.45
N SER A 2 22.01 11.60 12.53
CA SER A 2 21.96 10.34 11.73
C SER A 2 23.28 10.16 10.97
N ARG A 3 23.68 8.93 10.74
CA ARG A 3 24.94 8.69 10.01
C ARG A 3 24.81 7.46 9.11
N GLN A 4 25.02 7.62 7.82
CA GLN A 4 24.92 6.46 6.89
C GLN A 4 23.55 5.77 7.03
N ILE A 5 22.65 6.04 6.14
CA ILE A 5 21.30 5.40 6.22
C ILE A 5 21.42 3.88 6.03
N VAL A 6 20.51 3.13 6.58
CA VAL A 6 20.58 1.65 6.42
C VAL A 6 19.18 1.08 6.12
N ASP A 7 19.12 -0.07 5.51
CA ASP A 7 17.80 -0.67 5.20
C ASP A 7 16.96 0.29 4.35
N ALA A 8 17.06 0.17 3.05
CA ALA A 8 16.26 1.07 2.17
C ALA A 8 15.02 0.34 1.64
N GLN A 9 14.33 -0.35 2.51
CA GLN A 9 13.11 -1.09 2.06
C GLN A 9 11.88 -0.60 2.84
N ALA A 10 11.02 0.13 2.20
CA ALA A 10 9.80 0.63 2.90
C ALA A 10 8.57 -0.15 2.43
N VAL A 11 8.32 -1.28 3.04
CA VAL A 11 7.13 -2.10 2.62
C VAL A 11 6.54 -2.84 3.82
N CYS A 12 5.32 -3.27 3.71
CA CYS A 12 4.67 -4.00 4.84
C CYS A 12 5.62 -5.05 5.41
N THR A 13 5.39 -5.44 6.64
CA THR A 13 6.27 -6.47 7.27
C THR A 13 5.77 -7.87 6.92
N ARG A 14 4.49 -8.02 6.74
CA ARG A 14 3.93 -9.36 6.40
C ARG A 14 3.94 -9.55 4.87
N CYS A 15 3.44 -8.58 4.15
CA CYS A 15 3.41 -8.69 2.67
C CYS A 15 4.78 -8.32 2.08
N LYS A 16 5.53 -7.51 2.78
CA LYS A 16 6.88 -7.12 2.28
C LYS A 16 6.75 -6.25 1.01
N GLU A 17 5.56 -5.82 0.69
CA GLU A 17 5.39 -4.97 -0.53
C GLU A 17 3.93 -4.50 -0.64
N SER A 18 3.67 -3.63 -1.58
CA SER A 18 2.26 -3.13 -1.76
C SER A 18 1.83 -2.31 -0.53
N ALA A 19 2.75 -1.65 0.12
CA ALA A 19 2.39 -0.83 1.30
C ALA A 19 3.02 0.56 1.21
N ASP A 20 2.27 1.58 1.54
CA ASP A 20 2.82 2.96 1.47
C ASP A 20 2.59 3.68 2.80
N PHE A 21 2.55 2.96 3.88
CA PHE A 21 2.33 3.60 5.21
C PHE A 21 2.97 2.76 6.33
N TRP A 22 3.27 3.38 7.44
CA TRP A 22 3.90 2.63 8.56
C TRP A 22 3.41 3.18 9.90
N CYS A 23 3.13 2.31 10.84
CA CYS A 23 2.64 2.78 12.17
C CYS A 23 3.81 3.31 13.01
N PHE A 24 3.57 4.35 13.76
CA PHE A 24 4.66 4.91 14.62
C PHE A 24 4.76 4.11 15.92
N GLU A 25 3.65 3.71 16.47
CA GLU A 25 3.67 2.93 17.74
C GLU A 25 4.06 1.48 17.45
N CYS A 26 3.55 0.92 16.39
CA CYS A 26 3.89 -0.49 16.05
C CYS A 26 5.32 -0.57 15.48
N GLU A 27 5.82 0.50 14.95
CA GLU A 27 7.20 0.49 14.39
C GLU A 27 7.27 -0.49 13.23
N GLN A 28 6.16 -0.80 12.62
CA GLN A 28 6.17 -1.77 11.47
C GLN A 28 5.38 -1.20 10.29
N LEU A 29 5.64 -1.66 9.11
CA LEU A 29 4.90 -1.15 7.92
C LEU A 29 3.60 -1.94 7.72
N LEU A 30 2.65 -1.39 7.04
CA LEU A 30 1.36 -2.11 6.81
C LEU A 30 0.82 -1.79 5.41
N CYS A 31 0.41 -2.79 4.68
CA CYS A 31 -0.14 -2.52 3.32
C CYS A 31 -1.56 -1.96 3.43
N ALA A 32 -2.06 -1.37 2.37
CA ALA A 32 -3.44 -0.80 2.42
C ALA A 32 -4.42 -1.84 2.97
N LYS A 33 -4.11 -3.10 2.83
CA LYS A 33 -5.04 -4.15 3.35
C LYS A 33 -4.97 -4.20 4.88
N CYS A 34 -3.83 -3.93 5.44
CA CYS A 34 -3.70 -3.95 6.93
C CYS A 34 -3.85 -2.54 7.49
N PHE A 35 -3.41 -1.55 6.74
CA PHE A 35 -3.53 -0.14 7.23
C PHE A 35 -5.00 0.23 7.41
N GLU A 36 -5.83 -0.11 6.45
CA GLU A 36 -7.28 0.23 6.56
C GLU A 36 -7.94 -0.62 7.66
N ALA A 37 -7.74 -1.91 7.62
CA ALA A 37 -8.36 -2.78 8.66
C ALA A 37 -7.97 -2.28 10.06
N HIS A 38 -6.78 -1.75 10.20
CA HIS A 38 -6.35 -1.26 11.53
C HIS A 38 -7.11 0.02 11.90
N GLN A 39 -7.10 1.00 11.03
CA GLN A 39 -7.83 2.27 11.33
C GLN A 39 -9.33 1.99 11.49
N TRP A 40 -9.81 0.93 10.88
CA TRP A 40 -11.26 0.61 10.99
C TRP A 40 -11.51 -0.27 12.23
N PHE A 41 -10.51 -0.96 12.69
CA PHE A 41 -10.69 -1.83 13.89
C PHE A 41 -10.50 -1.01 15.17
N LEU A 42 -9.55 -0.11 15.17
CA LEU A 42 -9.31 0.72 16.39
C LEU A 42 -8.74 2.08 16.00
N LYS A 43 -8.47 2.92 16.97
CA LYS A 43 -7.91 4.26 16.65
C LYS A 43 -6.38 4.22 16.69
N HIS A 44 -5.73 4.27 15.56
CA HIS A 44 -4.24 4.23 15.55
C HIS A 44 -3.69 5.38 14.69
N GLU A 45 -2.45 5.72 14.86
CA GLU A 45 -1.86 6.82 14.06
C GLU A 45 -0.65 6.32 13.26
N ALA A 46 -0.56 6.71 12.02
CA ALA A 46 0.59 6.26 11.18
C ALA A 46 0.91 7.31 10.11
N ARG A 47 2.16 7.47 9.76
CA ARG A 47 2.53 8.47 8.73
C ARG A 47 2.86 7.77 7.41
N PRO A 48 2.84 8.54 6.36
CA PRO A 48 3.14 8.00 5.02
C PRO A 48 4.64 7.69 4.88
N LEU A 49 4.99 6.67 4.16
CA LEU A 49 6.43 6.31 4.00
C LEU A 49 7.19 7.51 3.43
N ALA A 50 6.51 8.42 2.79
CA ALA A 50 7.21 9.61 2.21
C ALA A 50 7.58 10.59 3.32
N GLU A 51 8.66 11.32 3.14
CA GLU A 51 9.08 12.30 4.19
C GLU A 51 9.21 11.59 5.54
N GLY B 1 17.22 -16.43 -12.49
CA GLY B 1 16.68 -17.02 -13.75
C GLY B 1 15.23 -17.46 -13.51
N SER B 2 14.30 -16.55 -13.60
CA SER B 2 12.88 -16.92 -13.39
C SER B 2 12.23 -17.33 -14.71
N ARG B 3 11.16 -18.09 -14.65
CA ARG B 3 10.49 -18.52 -15.91
C ARG B 3 10.02 -17.30 -16.71
N GLN B 4 9.72 -16.23 -16.04
CA GLN B 4 9.24 -15.01 -16.76
C GLN B 4 9.31 -13.78 -15.86
N ILE B 5 8.79 -12.67 -16.29
CA ILE B 5 8.83 -11.44 -15.46
C ILE B 5 7.77 -10.45 -15.94
N VAL B 6 7.33 -9.56 -15.08
CA VAL B 6 6.30 -8.58 -15.49
C VAL B 6 6.73 -7.15 -15.11
N ASP B 7 6.20 -6.17 -15.76
CA ASP B 7 6.57 -4.76 -15.43
C ASP B 7 5.96 -4.36 -14.09
N ALA B 8 4.93 -5.04 -13.67
CA ALA B 8 4.29 -4.70 -12.36
C ALA B 8 3.19 -5.71 -12.03
N GLN B 9 3.12 -6.13 -10.80
CA GLN B 9 2.06 -7.11 -10.41
C GLN B 9 1.00 -6.43 -9.55
N ALA B 10 -0.03 -5.91 -10.16
CA ALA B 10 -1.10 -5.24 -9.38
C ALA B 10 -0.50 -4.10 -8.55
N VAL B 11 -0.29 -2.96 -9.15
CA VAL B 11 0.30 -1.82 -8.40
C VAL B 11 -0.28 -0.49 -8.89
N CYS B 12 -0.16 0.55 -8.10
CA CYS B 12 -0.70 1.87 -8.53
C CYS B 12 -0.25 2.21 -9.94
N THR B 13 -0.97 3.07 -10.60
CA THR B 13 -0.56 3.45 -11.99
C THR B 13 0.46 4.59 -11.93
N ARG B 14 0.44 5.37 -10.90
CA ARG B 14 1.42 6.49 -10.77
C ARG B 14 2.64 6.02 -9.97
N CYS B 15 2.41 5.44 -8.82
CA CYS B 15 3.56 4.94 -8.00
C CYS B 15 4.09 3.64 -8.61
N LYS B 16 3.23 2.90 -9.26
CA LYS B 16 3.66 1.63 -9.90
C LYS B 16 4.06 0.57 -8.85
N GLU B 17 3.76 0.81 -7.60
CA GLU B 17 4.12 -0.21 -6.55
C GLU B 17 3.65 0.24 -5.16
N SER B 18 3.70 -0.65 -4.21
CA SER B 18 3.28 -0.30 -2.83
C SER B 18 1.78 -0.01 -2.77
N ALA B 19 1.02 -0.57 -3.67
CA ALA B 19 -0.44 -0.31 -3.68
C ALA B 19 -1.21 -1.54 -3.18
N ASP B 20 -2.51 -1.50 -3.21
CA ASP B 20 -3.31 -2.67 -2.74
C ASP B 20 -4.80 -2.42 -3.01
N PHE B 21 -5.11 -1.70 -4.05
CA PHE B 21 -6.55 -1.42 -4.36
C PHE B 21 -6.70 -1.04 -5.84
N TRP B 22 -7.81 -1.38 -6.44
CA TRP B 22 -8.02 -1.02 -7.88
C TRP B 22 -9.48 -0.65 -8.11
N CYS B 23 -9.72 0.44 -8.79
CA CYS B 23 -11.13 0.86 -9.06
C CYS B 23 -11.82 -0.16 -9.96
N PHE B 24 -12.94 -0.69 -9.53
CA PHE B 24 -13.66 -1.69 -10.35
C PHE B 24 -14.34 -1.00 -11.55
N GLU B 25 -14.85 0.17 -11.35
CA GLU B 25 -15.51 0.90 -12.47
C GLU B 25 -14.46 1.46 -13.44
N CYS B 26 -13.45 2.10 -12.92
CA CYS B 26 -12.40 2.68 -13.80
C CYS B 26 -11.44 1.58 -14.28
N GLU B 27 -11.42 0.47 -13.60
CA GLU B 27 -10.51 -0.64 -14.01
C GLU B 27 -9.06 -0.18 -13.94
N GLN B 28 -8.68 0.45 -12.87
CA GLN B 28 -7.27 0.94 -12.75
C GLN B 28 -6.71 0.59 -11.37
N LEU B 29 -5.42 0.62 -11.21
CA LEU B 29 -4.82 0.29 -9.88
C LEU B 29 -4.56 1.58 -9.10
N LEU B 30 -4.45 1.49 -7.81
CA LEU B 30 -4.19 2.72 -7.00
C LEU B 30 -3.40 2.36 -5.74
N CYS B 31 -2.59 3.26 -5.27
CA CYS B 31 -1.79 2.97 -4.05
C CYS B 31 -2.50 3.48 -2.80
N ALA B 32 -2.10 3.02 -1.64
CA ALA B 32 -2.76 3.48 -0.38
C ALA B 32 -2.83 5.00 -0.37
N LYS B 33 -1.81 5.66 -0.84
CA LYS B 33 -1.83 7.15 -0.86
C LYS B 33 -2.74 7.66 -1.97
N CYS B 34 -3.03 6.83 -2.94
CA CYS B 34 -3.90 7.26 -4.06
C CYS B 34 -5.35 6.82 -3.79
N PHE B 35 -5.53 5.57 -3.47
CA PHE B 35 -6.91 5.06 -3.20
C PHE B 35 -7.63 5.98 -2.21
N GLU B 36 -6.97 6.35 -1.14
CA GLU B 36 -7.62 7.26 -0.14
C GLU B 36 -8.02 8.56 -0.80
N ALA B 37 -7.24 9.04 -1.73
CA ALA B 37 -7.58 10.33 -2.42
C ALA B 37 -8.88 10.17 -3.22
N HIS B 38 -9.04 9.06 -3.88
CA HIS B 38 -10.28 8.84 -4.69
C HIS B 38 -11.49 8.74 -3.76
N GLN B 39 -11.49 7.79 -2.87
CA GLN B 39 -12.64 7.64 -1.93
C GLN B 39 -12.96 8.98 -1.26
N TRP B 40 -12.01 9.86 -1.19
CA TRP B 40 -12.26 11.19 -0.55
C TRP B 40 -12.53 12.24 -1.62
N PHE B 41 -12.01 12.06 -2.80
CA PHE B 41 -12.24 13.05 -3.88
C PHE B 41 -13.70 13.01 -4.33
N LEU B 42 -14.38 11.93 -4.08
CA LEU B 42 -15.80 11.83 -4.51
C LEU B 42 -16.42 10.53 -3.97
N LYS B 43 -17.25 9.88 -4.74
CA LYS B 43 -17.88 8.62 -4.28
C LYS B 43 -17.50 7.47 -5.22
N HIS B 44 -16.68 6.56 -4.77
CA HIS B 44 -16.29 5.42 -5.64
C HIS B 44 -16.03 4.16 -4.81
N GLU B 45 -16.12 3.00 -5.42
CA GLU B 45 -15.89 1.74 -4.66
C GLU B 45 -14.67 1.02 -5.23
N ALA B 46 -13.65 0.83 -4.43
CA ALA B 46 -12.43 0.13 -4.93
C ALA B 46 -12.20 -1.16 -4.15
N ARG B 47 -11.79 -2.20 -4.82
CA ARG B 47 -11.55 -3.49 -4.12
C ARG B 47 -10.04 -3.74 -3.96
N PRO B 48 -9.69 -4.46 -2.94
CA PRO B 48 -8.26 -4.77 -2.67
C PRO B 48 -7.75 -5.79 -3.69
N LEU B 49 -6.48 -5.72 -4.03
CA LEU B 49 -5.92 -6.68 -5.02
C LEU B 49 -5.51 -7.99 -4.32
N ALA B 50 -5.85 -8.16 -3.07
CA ALA B 50 -5.48 -9.41 -2.36
C ALA B 50 -6.11 -10.62 -3.05
N GLU B 51 -5.70 -11.81 -2.68
CA GLU B 51 -6.27 -13.03 -3.32
C GLU B 51 -7.34 -13.64 -2.42
ZN ZN C . 0.07 -6.42 5.10
ZN ZN D . -0.79 0.19 14.37
ZN ZN E . 0.60 4.91 -5.58
ZN ZN F . -12.22 5.02 -9.82
N GLY A 1 24.71 -14.26 10.36
CA GLY A 1 24.92 -14.88 11.69
C GLY A 1 23.56 -15.14 12.35
N SER A 2 23.37 -14.69 13.55
CA SER A 2 22.08 -14.90 14.25
C SER A 2 21.05 -13.84 13.81
N ARG A 3 21.34 -12.60 14.06
CA ARG A 3 20.39 -11.52 13.65
C ARG A 3 21.04 -10.15 13.84
N GLN A 4 21.09 -9.36 12.80
CA GLN A 4 21.71 -8.00 12.92
C GLN A 4 21.59 -7.24 11.60
N ILE A 5 20.48 -7.38 10.91
CA ILE A 5 20.31 -6.67 9.62
C ILE A 5 19.95 -5.20 9.87
N VAL A 6 20.75 -4.29 9.39
CA VAL A 6 20.45 -2.84 9.60
C VAL A 6 19.78 -2.25 8.35
N ASP A 7 18.49 -2.41 8.23
CA ASP A 7 17.78 -1.86 7.03
C ASP A 7 16.33 -1.54 7.39
N ALA A 8 15.86 -0.37 7.06
CA ALA A 8 14.46 0.00 7.37
C ALA A 8 13.56 -0.26 6.16
N GLN A 9 14.03 0.05 4.97
CA GLN A 9 13.21 -0.17 3.75
C GLN A 9 11.88 0.58 3.87
N ALA A 10 11.05 0.50 2.88
CA ALA A 10 9.74 1.21 2.93
C ALA A 10 8.62 0.28 2.46
N VAL A 11 8.43 -0.83 3.11
CA VAL A 11 7.35 -1.76 2.69
C VAL A 11 6.77 -2.50 3.91
N CYS A 12 5.60 -3.05 3.78
CA CYS A 12 4.97 -3.78 4.92
C CYS A 12 5.97 -4.74 5.56
N THR A 13 5.82 -5.00 6.82
CA THR A 13 6.76 -5.93 7.50
C THR A 13 6.35 -7.39 7.21
N ARG A 14 5.09 -7.61 6.95
CA ARG A 14 4.64 -9.00 6.64
C ARG A 14 4.64 -9.23 5.13
N CYS A 15 4.01 -8.36 4.39
CA CYS A 15 3.99 -8.53 2.91
C CYS A 15 5.35 -8.14 2.32
N LYS A 16 6.07 -7.28 3.00
CA LYS A 16 7.40 -6.84 2.51
C LYS A 16 7.25 -5.98 1.24
N GLU A 17 6.04 -5.61 0.90
CA GLU A 17 5.85 -4.76 -0.32
C GLU A 17 4.38 -4.34 -0.44
N SER A 18 4.05 -3.57 -1.44
CA SER A 18 2.64 -3.13 -1.61
C SER A 18 2.18 -2.31 -0.40
N ALA A 19 3.06 -1.54 0.18
CA ALA A 19 2.66 -0.71 1.36
C ALA A 19 3.23 0.71 1.24
N ASP A 20 2.48 1.69 1.64
CA ASP A 20 2.97 3.09 1.55
C ASP A 20 2.65 3.84 2.86
N PHE A 21 2.47 3.12 3.93
CA PHE A 21 2.15 3.80 5.23
C PHE A 21 2.84 3.07 6.38
N TRP A 22 3.22 3.78 7.40
CA TRP A 22 3.91 3.13 8.56
C TRP A 22 3.25 3.55 9.87
N CYS A 23 3.17 2.67 10.82
CA CYS A 23 2.53 3.02 12.13
C CYS A 23 3.58 3.59 13.10
N PHE A 24 3.34 4.76 13.62
CA PHE A 24 4.30 5.36 14.57
C PHE A 24 4.30 4.59 15.89
N GLU A 25 3.17 4.10 16.32
CA GLU A 25 3.10 3.34 17.59
C GLU A 25 3.65 1.93 17.40
N CYS A 26 3.15 1.21 16.44
CA CYS A 26 3.64 -0.18 16.20
C CYS A 26 5.10 -0.16 15.72
N GLU A 27 5.55 0.96 15.22
CA GLU A 27 6.96 1.05 14.74
C GLU A 27 7.19 0.05 13.60
N GLN A 28 6.17 -0.25 12.85
CA GLN A 28 6.33 -1.22 11.72
C GLN A 28 5.56 -0.72 10.49
N LEU A 29 5.85 -1.27 9.34
CA LEU A 29 5.14 -0.82 8.10
C LEU A 29 3.84 -1.63 7.92
N LEU A 30 2.93 -1.13 7.13
CA LEU A 30 1.66 -1.87 6.92
C LEU A 30 1.13 -1.59 5.50
N CYS A 31 0.72 -2.62 4.81
CA CYS A 31 0.19 -2.42 3.43
C CYS A 31 -1.23 -1.85 3.50
N ALA A 32 -1.69 -1.27 2.42
CA ALA A 32 -3.07 -0.69 2.42
C ALA A 32 -4.08 -1.71 2.98
N LYS A 33 -3.80 -2.96 2.83
CA LYS A 33 -4.74 -4.01 3.36
C LYS A 33 -4.69 -4.03 4.89
N CYS A 34 -3.56 -3.70 5.45
CA CYS A 34 -3.44 -3.71 6.94
C CYS A 34 -3.73 -2.32 7.51
N PHE A 35 -3.29 -1.30 6.81
CA PHE A 35 -3.53 0.09 7.31
C PHE A 35 -5.03 0.37 7.38
N GLU A 36 -5.75 0.08 6.33
CA GLU A 36 -7.21 0.33 6.33
C GLU A 36 -7.88 -0.44 7.48
N ALA A 37 -7.60 -1.70 7.61
CA ALA A 37 -8.22 -2.50 8.71
C ALA A 37 -7.81 -1.94 10.07
N HIS A 38 -6.66 -1.30 10.14
CA HIS A 38 -6.20 -0.74 11.44
C HIS A 38 -6.98 0.55 11.75
N GLN A 39 -7.00 1.47 10.84
CA GLN A 39 -7.74 2.74 11.08
C GLN A 39 -9.24 2.48 11.18
N TRP A 40 -9.70 1.41 10.59
CA TRP A 40 -11.17 1.10 10.65
C TRP A 40 -11.49 0.28 11.90
N PHE A 41 -10.59 -0.55 12.34
CA PHE A 41 -10.85 -1.37 13.55
C PHE A 41 -10.56 -0.54 14.81
N LEU A 42 -9.68 0.42 14.72
CA LEU A 42 -9.36 1.26 15.90
C LEU A 42 -8.76 2.60 15.46
N LYS A 43 -8.21 3.35 16.39
CA LYS A 43 -7.61 4.65 16.03
C LYS A 43 -6.08 4.58 16.17
N HIS A 44 -5.36 4.66 15.08
CA HIS A 44 -3.88 4.60 15.16
C HIS A 44 -3.25 5.74 14.37
N GLU A 45 -2.08 6.17 14.76
CA GLU A 45 -1.41 7.28 14.03
C GLU A 45 -0.30 6.73 13.13
N ALA A 46 -0.46 6.84 11.85
CA ALA A 46 0.58 6.32 10.92
C ALA A 46 0.88 7.34 9.82
N ARG A 47 2.08 7.36 9.32
CA ARG A 47 2.43 8.33 8.24
C ARG A 47 2.73 7.58 6.95
N PRO A 48 2.59 8.28 5.85
CA PRO A 48 2.85 7.67 4.52
C PRO A 48 4.35 7.48 4.30
N LEU A 49 4.74 6.40 3.68
CA LEU A 49 6.19 6.16 3.44
C LEU A 49 6.70 7.06 2.33
N ALA A 50 5.82 7.57 1.50
CA ALA A 50 6.26 8.46 0.40
C ALA A 50 7.12 9.60 0.95
N GLU A 51 8.05 10.09 0.18
CA GLU A 51 8.92 11.21 0.67
C GLU A 51 9.57 10.82 2.01
N GLY B 1 12.78 -21.36 -15.86
CA GLY B 1 11.45 -21.45 -16.51
C GLY B 1 11.15 -20.16 -17.27
N SER B 2 10.67 -20.27 -18.48
CA SER B 2 10.37 -19.05 -19.27
C SER B 2 8.89 -18.67 -19.13
N ARG B 3 8.59 -17.64 -18.40
CA ARG B 3 7.17 -17.23 -18.22
C ARG B 3 7.02 -15.72 -18.45
N GLN B 4 7.68 -14.93 -17.65
CA GLN B 4 7.58 -13.45 -17.81
C GLN B 4 6.11 -13.02 -17.82
N ILE B 5 5.57 -12.69 -16.67
CA ILE B 5 4.14 -12.27 -16.62
C ILE B 5 4.05 -10.74 -16.55
N VAL B 6 4.50 -10.05 -17.55
CA VAL B 6 4.44 -8.57 -17.53
C VAL B 6 5.24 -8.01 -16.35
N ASP B 7 5.52 -6.74 -16.36
CA ASP B 7 6.30 -6.14 -15.22
C ASP B 7 5.65 -6.51 -13.89
N ALA B 8 4.42 -6.14 -13.69
CA ALA B 8 3.73 -6.46 -12.40
C ALA B 8 2.30 -5.93 -12.42
N GLN B 9 1.34 -6.77 -12.65
CA GLN B 9 -0.08 -6.31 -12.68
C GLN B 9 -0.66 -6.30 -11.27
N ALA B 10 -0.05 -5.59 -10.36
CA ALA B 10 -0.57 -5.55 -8.97
C ALA B 10 0.02 -4.35 -8.21
N VAL B 11 0.08 -3.21 -8.84
CA VAL B 11 0.64 -2.02 -8.16
C VAL B 11 0.02 -0.73 -8.71
N CYS B 12 0.11 0.34 -7.98
CA CYS B 12 -0.49 1.62 -8.46
C CYS B 12 -0.05 1.92 -9.89
N THR B 13 -0.84 2.68 -10.62
CA THR B 13 -0.47 3.01 -12.02
C THR B 13 0.52 4.17 -12.03
N ARG B 14 0.51 4.97 -10.99
CA ARG B 14 1.46 6.12 -10.92
C ARG B 14 2.69 5.73 -10.09
N CYS B 15 2.48 5.27 -8.89
CA CYS B 15 3.65 4.86 -8.05
C CYS B 15 4.23 3.56 -8.60
N LYS B 16 3.41 2.77 -9.24
CA LYS B 16 3.89 1.49 -9.83
C LYS B 16 4.31 0.49 -8.75
N GLU B 17 3.99 0.75 -7.50
CA GLU B 17 4.38 -0.21 -6.42
C GLU B 17 3.87 0.26 -5.06
N SER B 18 3.93 -0.62 -4.08
CA SER B 18 3.49 -0.25 -2.71
C SER B 18 1.97 -0.01 -2.68
N ALA B 19 1.24 -0.60 -3.57
CA ALA B 19 -0.23 -0.39 -3.58
C ALA B 19 -0.95 -1.63 -3.04
N ASP B 20 -2.26 -1.60 -3.00
CA ASP B 20 -3.03 -2.78 -2.50
C ASP B 20 -4.52 -2.59 -2.76
N PHE B 21 -4.87 -1.88 -3.79
CA PHE B 21 -6.31 -1.67 -4.10
C PHE B 21 -6.51 -1.37 -5.59
N TRP B 22 -7.66 -1.66 -6.12
CA TRP B 22 -7.92 -1.39 -7.56
C TRP B 22 -9.38 -0.94 -7.75
N CYS B 23 -9.58 0.08 -8.54
CA CYS B 23 -10.97 0.56 -8.78
C CYS B 23 -11.79 -0.48 -9.55
N PHE B 24 -12.96 -0.81 -9.06
CA PHE B 24 -13.80 -1.81 -9.77
C PHE B 24 -14.33 -1.22 -11.09
N GLU B 25 -14.74 0.01 -11.06
CA GLU B 25 -15.27 0.65 -12.31
C GLU B 25 -14.11 0.97 -13.26
N CYS B 26 -13.09 1.61 -12.77
CA CYS B 26 -11.93 1.97 -13.63
C CYS B 26 -11.04 0.74 -13.86
N GLU B 27 -11.21 -0.30 -13.08
CA GLU B 27 -10.37 -1.51 -13.26
C GLU B 27 -8.88 -1.14 -13.25
N GLN B 28 -8.55 -0.05 -12.60
CA GLN B 28 -7.12 0.37 -12.57
C GLN B 28 -6.53 0.09 -11.18
N LEU B 29 -5.23 0.12 -11.06
CA LEU B 29 -4.58 -0.14 -9.74
C LEU B 29 -4.33 1.19 -9.01
N LEU B 30 -4.28 1.17 -7.72
CA LEU B 30 -4.04 2.43 -6.97
C LEU B 30 -3.26 2.15 -5.69
N CYS B 31 -2.45 3.08 -5.27
CA CYS B 31 -1.65 2.86 -4.03
C CYS B 31 -2.40 3.40 -2.80
N ALA B 32 -1.94 3.06 -1.63
CA ALA B 32 -2.63 3.54 -0.39
C ALA B 32 -2.81 5.06 -0.45
N LYS B 33 -1.82 5.78 -0.92
CA LYS B 33 -1.95 7.26 -1.00
C LYS B 33 -2.84 7.65 -2.17
N CYS B 34 -3.04 6.76 -3.11
CA CYS B 34 -3.91 7.08 -4.27
C CYS B 34 -5.35 6.60 -4.00
N PHE B 35 -5.50 5.37 -3.61
CA PHE B 35 -6.86 4.84 -3.33
C PHE B 35 -7.55 5.70 -2.26
N GLU B 36 -6.91 5.89 -1.13
CA GLU B 36 -7.53 6.72 -0.07
C GLU B 36 -7.94 8.08 -0.63
N ALA B 37 -7.08 8.68 -1.41
CA ALA B 37 -7.42 10.00 -2.00
C ALA B 37 -8.72 9.89 -2.81
N HIS B 38 -8.93 8.76 -3.44
CA HIS B 38 -10.18 8.58 -4.24
C HIS B 38 -11.40 8.57 -3.31
N GLN B 39 -11.44 7.67 -2.38
CA GLN B 39 -12.60 7.61 -1.45
C GLN B 39 -12.73 8.92 -0.67
N TRP B 40 -11.71 9.72 -0.65
CA TRP B 40 -11.79 11.02 0.09
C TRP B 40 -12.15 12.15 -0.88
N PHE B 41 -11.59 12.14 -2.07
CA PHE B 41 -11.90 13.21 -3.05
C PHE B 41 -13.35 13.10 -3.52
N LEU B 42 -13.98 11.96 -3.33
CA LEU B 42 -15.38 11.80 -3.76
C LEU B 42 -15.93 10.45 -3.29
N LYS B 43 -16.77 9.82 -4.06
CA LYS B 43 -17.33 8.50 -3.66
C LYS B 43 -16.97 7.43 -4.67
N HIS B 44 -16.12 6.51 -4.30
CA HIS B 44 -15.72 5.44 -5.25
C HIS B 44 -15.56 4.11 -4.51
N GLU B 45 -15.85 3.02 -5.16
CA GLU B 45 -15.72 1.70 -4.48
C GLU B 45 -14.52 0.94 -5.05
N ALA B 46 -13.57 0.59 -4.22
CA ALA B 46 -12.37 -0.14 -4.70
C ALA B 46 -12.13 -1.38 -3.85
N ARG B 47 -11.51 -2.39 -4.40
CA ARG B 47 -11.24 -3.62 -3.60
C ARG B 47 -9.73 -3.83 -3.44
N PRO B 48 -9.39 -4.59 -2.43
CA PRO B 48 -7.96 -4.88 -2.16
C PRO B 48 -7.40 -5.86 -3.20
N LEU B 49 -6.15 -5.70 -3.55
CA LEU B 49 -5.54 -6.61 -4.56
C LEU B 49 -5.27 -7.99 -3.92
N ALA B 50 -5.15 -8.04 -2.63
CA ALA B 50 -4.89 -9.34 -1.96
C ALA B 50 -5.91 -10.39 -2.41
N GLU B 51 -5.47 -11.59 -2.70
CA GLU B 51 -6.41 -12.64 -3.14
C GLU B 51 -6.71 -13.61 -1.99
ZN ZN C . 0.40 -6.28 5.22
ZN ZN D . -0.64 0.73 14.33
ZN ZN E . 0.68 4.80 -5.63
ZN ZN F . -12.07 5.08 -9.86
N GLY A 1 32.43 -5.41 9.99
CA GLY A 1 32.68 -5.65 11.45
C GLY A 1 31.56 -6.51 12.03
N SER A 2 30.46 -5.91 12.39
CA SER A 2 29.32 -6.70 12.95
C SER A 2 28.10 -5.80 13.14
N ARG A 3 27.81 -4.98 12.18
CA ARG A 3 26.63 -4.07 12.31
C ARG A 3 25.35 -4.81 11.86
N GLN A 4 24.68 -5.45 12.78
CA GLN A 4 23.44 -6.18 12.42
C GLN A 4 22.40 -5.22 11.87
N ILE A 5 21.66 -5.62 10.88
CA ILE A 5 20.62 -4.72 10.29
C ILE A 5 19.22 -5.30 10.55
N VAL A 6 18.32 -4.49 11.03
CA VAL A 6 16.94 -5.00 11.30
C VAL A 6 16.02 -4.72 10.11
N ASP A 7 16.26 -3.64 9.42
CA ASP A 7 15.40 -3.30 8.24
C ASP A 7 15.91 -2.04 7.56
N ALA A 8 15.82 -1.98 6.26
CA ALA A 8 16.30 -0.76 5.53
C ALA A 8 15.39 -0.47 4.34
N GLN A 9 14.19 -0.95 4.36
CA GLN A 9 13.25 -0.69 3.22
C GLN A 9 11.93 -0.13 3.74
N ALA A 10 11.08 0.31 2.85
CA ALA A 10 9.77 0.87 3.29
C ALA A 10 8.62 0.05 2.71
N VAL A 11 8.38 -1.12 3.25
CA VAL A 11 7.28 -1.98 2.72
C VAL A 11 6.64 -2.77 3.87
N CYS A 12 5.45 -3.26 3.67
CA CYS A 12 4.76 -4.03 4.74
C CYS A 12 5.71 -5.08 5.34
N THR A 13 5.47 -5.46 6.56
CA THR A 13 6.35 -6.47 7.20
C THR A 13 5.89 -7.88 6.84
N ARG A 14 4.61 -8.06 6.63
CA ARG A 14 4.10 -9.41 6.25
C ARG A 14 4.09 -9.57 4.73
N CYS A 15 3.71 -8.55 4.02
CA CYS A 15 3.69 -8.64 2.53
C CYS A 15 5.06 -8.25 1.97
N LYS A 16 5.79 -7.45 2.70
CA LYS A 16 7.15 -7.02 2.24
C LYS A 16 7.05 -6.10 1.03
N GLU A 17 5.87 -5.65 0.68
CA GLU A 17 5.74 -4.74 -0.49
C GLU A 17 4.30 -4.24 -0.64
N SER A 18 4.04 -3.44 -1.63
CA SER A 18 2.65 -2.93 -1.83
C SER A 18 2.14 -2.21 -0.58
N ALA A 19 2.99 -1.46 0.07
CA ALA A 19 2.55 -0.74 1.31
C ALA A 19 3.11 0.69 1.32
N ASP A 20 2.28 1.64 1.66
CA ASP A 20 2.75 3.05 1.70
C ASP A 20 2.38 3.68 3.05
N PHE A 21 2.29 2.89 4.08
CA PHE A 21 1.93 3.45 5.42
C PHE A 21 2.57 2.63 6.53
N TRP A 22 2.91 3.24 7.62
CA TRP A 22 3.55 2.49 8.75
C TRP A 22 3.07 3.04 10.09
N CYS A 23 2.87 2.19 11.06
CA CYS A 23 2.40 2.66 12.40
C CYS A 23 3.56 3.28 13.18
N PHE A 24 3.35 4.42 13.76
CA PHE A 24 4.44 5.08 14.55
C PHE A 24 4.62 4.37 15.89
N GLU A 25 3.54 4.03 16.54
CA GLU A 25 3.65 3.33 17.86
C GLU A 25 4.20 1.92 17.67
N CYS A 26 3.60 1.14 16.81
CA CYS A 26 4.08 -0.24 16.57
C CYS A 26 5.38 -0.23 15.77
N GLU A 27 5.67 0.86 15.11
CA GLU A 27 6.93 0.93 14.30
C GLU A 27 6.96 -0.20 13.27
N GLN A 28 5.81 -0.69 12.89
CA GLN A 28 5.76 -1.80 11.89
C GLN A 28 5.17 -1.29 10.57
N LEU A 29 5.51 -1.90 9.47
CA LEU A 29 4.95 -1.47 8.16
C LEU A 29 3.67 -2.24 7.84
N LEU A 30 2.80 -1.66 7.06
CA LEU A 30 1.53 -2.37 6.72
C LEU A 30 1.05 -1.97 5.32
N CYS A 31 0.53 -2.89 4.57
CA CYS A 31 0.05 -2.56 3.21
C CYS A 31 -1.34 -1.92 3.28
N ALA A 32 -1.74 -1.25 2.23
CA ALA A 32 -3.09 -0.59 2.24
C ALA A 32 -4.15 -1.58 2.70
N LYS A 33 -4.03 -2.83 2.34
CA LYS A 33 -5.04 -3.83 2.77
C LYS A 33 -5.02 -4.00 4.29
N CYS A 34 -3.88 -3.80 4.90
CA CYS A 34 -3.79 -3.95 6.38
C CYS A 34 -3.98 -2.59 7.06
N PHE A 35 -3.38 -1.56 6.54
CA PHE A 35 -3.54 -0.21 7.16
C PHE A 35 -5.02 0.16 7.27
N GLU A 36 -5.75 0.01 6.20
CA GLU A 36 -7.20 0.35 6.23
C GLU A 36 -7.92 -0.44 7.33
N ALA A 37 -7.53 -1.67 7.53
CA ALA A 37 -8.18 -2.50 8.59
C ALA A 37 -7.77 -2.00 9.98
N HIS A 38 -6.55 -1.55 10.13
CA HIS A 38 -6.09 -1.05 11.45
C HIS A 38 -6.91 0.17 11.86
N GLN A 39 -6.90 1.20 11.06
CA GLN A 39 -7.67 2.43 11.40
C GLN A 39 -9.15 2.09 11.61
N TRP A 40 -9.60 0.99 11.05
CA TRP A 40 -11.03 0.60 11.23
C TRP A 40 -11.20 -0.29 12.46
N PHE A 41 -10.15 -0.94 12.88
CA PHE A 41 -10.25 -1.82 14.08
C PHE A 41 -10.13 -0.99 15.36
N LEU A 42 -9.26 -0.01 15.37
CA LEU A 42 -9.10 0.83 16.57
C LEU A 42 -8.52 2.20 16.20
N LYS A 43 -8.41 3.09 17.13
CA LYS A 43 -7.86 4.45 16.83
C LYS A 43 -6.33 4.42 16.90
N HIS A 44 -5.67 4.55 15.78
CA HIS A 44 -4.19 4.54 15.78
C HIS A 44 -3.65 5.65 14.89
N GLU A 45 -2.49 6.17 15.18
CA GLU A 45 -1.92 7.26 14.35
C GLU A 45 -0.81 6.71 13.45
N ALA A 46 -1.08 6.60 12.18
CA ALA A 46 -0.05 6.06 11.24
C ALA A 46 0.37 7.15 10.25
N ARG A 47 1.57 7.06 9.74
CA ARG A 47 2.05 8.09 8.77
C ARG A 47 2.34 7.43 7.42
N PRO A 48 2.15 8.20 6.37
CA PRO A 48 2.39 7.68 5.00
C PRO A 48 3.89 7.58 4.74
N LEU A 49 4.29 6.58 3.99
CA LEU A 49 5.74 6.43 3.69
C LEU A 49 6.18 7.45 2.65
N ALA A 50 5.25 8.03 1.93
CA ALA A 50 5.62 9.03 0.90
C ALA A 50 6.16 10.30 1.56
N GLU A 51 7.05 10.99 0.91
CA GLU A 51 7.62 12.23 1.51
C GLU A 51 7.76 13.32 0.44
N GLY B 1 15.53 -19.61 -23.00
CA GLY B 1 14.06 -19.46 -22.81
C GLY B 1 13.60 -18.10 -23.34
N SER B 2 12.33 -17.92 -23.52
CA SER B 2 11.81 -16.61 -24.03
C SER B 2 11.50 -15.67 -22.86
N ARG B 3 11.87 -14.43 -22.98
CA ARG B 3 11.59 -13.46 -21.87
C ARG B 3 10.41 -12.57 -22.24
N GLN B 4 9.59 -12.22 -21.27
CA GLN B 4 8.42 -11.34 -21.57
C GLN B 4 8.52 -10.04 -20.77
N ILE B 5 7.42 -9.38 -20.57
CA ILE B 5 7.45 -8.10 -19.79
C ILE B 5 6.27 -8.05 -18.82
N VAL B 6 6.53 -8.09 -17.55
CA VAL B 6 5.42 -8.04 -16.55
C VAL B 6 5.66 -6.90 -15.57
N ASP B 7 6.74 -6.94 -14.84
CA ASP B 7 7.04 -5.86 -13.86
C ASP B 7 5.93 -5.79 -12.80
N ALA B 8 5.46 -6.92 -12.34
CA ALA B 8 4.39 -6.92 -11.31
C ALA B 8 3.13 -6.24 -11.86
N GLN B 9 2.08 -7.00 -12.08
CA GLN B 9 0.83 -6.40 -12.62
C GLN B 9 -0.13 -6.05 -11.48
N ALA B 10 0.39 -5.82 -10.31
CA ALA B 10 -0.51 -5.48 -9.17
C ALA B 10 0.04 -4.29 -8.38
N VAL B 11 0.37 -3.22 -9.07
CA VAL B 11 0.92 -2.02 -8.36
C VAL B 11 0.30 -0.74 -8.93
N CYS B 12 0.37 0.33 -8.19
CA CYS B 12 -0.21 1.61 -8.69
C CYS B 12 0.22 1.90 -10.12
N THR B 13 -0.60 2.56 -10.89
CA THR B 13 -0.22 2.87 -12.30
C THR B 13 0.79 4.02 -12.32
N ARG B 14 0.78 4.84 -11.30
CA ARG B 14 1.73 5.99 -11.26
C ARG B 14 2.94 5.61 -10.40
N CYS B 15 2.72 5.25 -9.17
CA CYS B 15 3.87 4.85 -8.29
C CYS B 15 4.48 3.55 -8.82
N LYS B 16 3.67 2.72 -9.43
CA LYS B 16 4.17 1.44 -9.99
C LYS B 16 4.59 0.48 -8.86
N GLU B 17 4.28 0.78 -7.63
CA GLU B 17 4.67 -0.15 -6.53
C GLU B 17 4.15 0.34 -5.18
N SER B 18 4.18 -0.51 -4.19
CA SER B 18 3.71 -0.13 -2.82
C SER B 18 2.20 0.14 -2.83
N ALA B 19 1.47 -0.51 -3.68
CA ALA B 19 -0.01 -0.28 -3.73
C ALA B 19 -0.76 -1.49 -3.18
N ASP B 20 -2.07 -1.43 -3.18
CA ASP B 20 -2.86 -2.59 -2.65
C ASP B 20 -4.35 -2.33 -2.89
N PHE B 21 -4.69 -1.67 -3.96
CA PHE B 21 -6.13 -1.39 -4.25
C PHE B 21 -6.33 -1.10 -5.74
N TRP B 22 -7.45 -1.44 -6.28
CA TRP B 22 -7.70 -1.18 -7.74
C TRP B 22 -9.16 -0.79 -7.97
N CYS B 23 -9.39 0.17 -8.83
CA CYS B 23 -10.79 0.60 -9.11
C CYS B 23 -11.51 -0.45 -9.96
N PHE B 24 -12.73 -0.77 -9.63
CA PHE B 24 -13.48 -1.78 -10.41
C PHE B 24 -14.01 -1.15 -11.71
N GLU B 25 -14.46 0.08 -11.65
CA GLU B 25 -14.98 0.74 -12.87
C GLU B 25 -13.82 1.18 -13.78
N CYS B 26 -12.82 1.79 -13.21
CA CYS B 26 -11.67 2.25 -14.04
C CYS B 26 -10.77 1.05 -14.42
N GLU B 27 -10.91 -0.05 -13.72
CA GLU B 27 -10.07 -1.24 -14.03
C GLU B 27 -8.58 -0.86 -13.95
N GLN B 28 -8.24 0.04 -13.07
CA GLN B 28 -6.80 0.44 -12.94
C GLN B 28 -6.32 0.20 -11.51
N LEU B 29 -5.02 0.21 -11.31
CA LEU B 29 -4.48 -0.02 -9.94
C LEU B 29 -4.22 1.32 -9.24
N LEU B 30 -4.10 1.31 -7.94
CA LEU B 30 -3.85 2.57 -7.20
C LEU B 30 -3.06 2.28 -5.93
N CYS B 31 -2.21 3.19 -5.53
CA CYS B 31 -1.40 2.97 -4.30
C CYS B 31 -2.14 3.52 -3.07
N ALA B 32 -1.74 3.12 -1.90
CA ALA B 32 -2.42 3.63 -0.68
C ALA B 32 -2.49 5.16 -0.73
N LYS B 33 -1.46 5.79 -1.22
CA LYS B 33 -1.46 7.28 -1.30
C LYS B 33 -2.36 7.75 -2.45
N CYS B 34 -2.60 6.89 -3.41
CA CYS B 34 -3.46 7.28 -4.56
C CYS B 34 -4.92 6.89 -4.29
N PHE B 35 -5.16 5.68 -3.86
CA PHE B 35 -6.55 5.23 -3.58
C PHE B 35 -7.22 6.21 -2.59
N GLU B 36 -6.57 6.50 -1.50
CA GLU B 36 -7.16 7.43 -0.51
C GLU B 36 -7.54 8.75 -1.20
N ALA B 37 -6.66 9.27 -2.03
CA ALA B 37 -6.97 10.54 -2.73
C ALA B 37 -8.26 10.40 -3.53
N HIS B 38 -8.48 9.26 -4.13
CA HIS B 38 -9.73 9.06 -4.91
C HIS B 38 -10.95 9.16 -4.00
N GLN B 39 -11.00 8.34 -2.98
CA GLN B 39 -12.16 8.39 -2.04
C GLN B 39 -12.27 9.77 -1.39
N TRP B 40 -11.21 10.54 -1.45
CA TRP B 40 -11.26 11.90 -0.83
C TRP B 40 -11.54 12.96 -1.90
N PHE B 41 -11.16 12.69 -3.12
CA PHE B 41 -11.40 13.68 -4.21
C PHE B 41 -12.86 13.60 -4.69
N LEU B 42 -13.54 12.52 -4.38
CA LEU B 42 -14.95 12.39 -4.82
C LEU B 42 -15.57 11.12 -4.23
N LYS B 43 -16.41 10.44 -4.96
CA LYS B 43 -17.04 9.20 -4.42
C LYS B 43 -16.68 8.00 -5.31
N HIS B 44 -15.81 7.15 -4.86
CA HIS B 44 -15.42 5.98 -5.68
C HIS B 44 -15.29 4.72 -4.80
N GLU B 45 -15.51 3.57 -5.36
CA GLU B 45 -15.41 2.31 -4.56
C GLU B 45 -14.40 1.36 -5.21
N ALA B 46 -13.25 1.17 -4.60
CA ALA B 46 -12.24 0.26 -5.19
C ALA B 46 -12.00 -0.93 -4.26
N ARG B 47 -11.39 -1.97 -4.76
CA ARG B 47 -11.14 -3.17 -3.90
C ARG B 47 -9.63 -3.43 -3.81
N PRO B 48 -9.26 -4.17 -2.78
CA PRO B 48 -7.83 -4.50 -2.57
C PRO B 48 -7.37 -5.53 -3.61
N LEU B 49 -6.10 -5.53 -3.92
CA LEU B 49 -5.58 -6.51 -4.92
C LEU B 49 -5.58 -7.92 -4.33
N ALA B 50 -5.52 -8.03 -3.02
CA ALA B 50 -5.52 -9.37 -2.39
C ALA B 50 -6.79 -10.15 -2.75
N GLU B 51 -7.06 -11.22 -2.06
CA GLU B 51 -8.29 -12.01 -2.38
C GLU B 51 -9.30 -11.89 -1.23
ZN ZN C . 0.08 -6.39 5.00
ZN ZN D . -0.64 0.35 15.38
ZN ZN E . 0.99 4.82 -5.94
ZN ZN F . -11.61 5.14 -10.06
N GLY A 1 13.51 -9.20 14.43
CA GLY A 1 14.11 -10.48 14.88
C GLY A 1 14.18 -11.45 13.71
N SER A 2 15.36 -11.83 13.29
CA SER A 2 15.50 -12.77 12.15
C SER A 2 14.67 -12.29 10.96
N ARG A 3 14.98 -11.14 10.43
CA ARG A 3 14.20 -10.61 9.27
C ARG A 3 15.16 -10.10 8.19
N GLN A 4 16.12 -10.90 7.81
CA GLN A 4 17.09 -10.46 6.77
C GLN A 4 17.65 -9.08 7.11
N ILE A 5 17.75 -8.77 8.37
CA ILE A 5 18.29 -7.44 8.78
C ILE A 5 17.51 -6.31 8.10
N VAL A 6 16.39 -5.94 8.64
CA VAL A 6 15.58 -4.86 8.01
C VAL A 6 16.41 -3.57 7.91
N ASP A 7 16.57 -3.04 6.73
CA ASP A 7 17.36 -1.80 6.57
C ASP A 7 16.44 -0.60 6.28
N ALA A 8 15.65 -0.21 7.25
CA ALA A 8 14.72 0.93 7.04
C ALA A 8 13.88 0.71 5.77
N GLN A 9 13.73 -0.52 5.36
CA GLN A 9 12.93 -0.81 4.13
C GLN A 9 11.59 -0.09 4.21
N ALA A 10 11.09 0.39 3.10
CA ALA A 10 9.78 1.10 3.10
C ALA A 10 8.68 0.18 2.58
N VAL A 11 8.39 -0.89 3.27
CA VAL A 11 7.32 -1.81 2.81
C VAL A 11 6.73 -2.58 4.01
N CYS A 12 5.56 -3.12 3.85
CA CYS A 12 4.93 -3.88 4.97
C CYS A 12 5.92 -4.85 5.60
N THR A 13 5.70 -5.22 6.83
CA THR A 13 6.63 -6.16 7.51
C THR A 13 6.28 -7.60 7.14
N ARG A 14 5.01 -7.86 6.91
CA ARG A 14 4.59 -9.25 6.54
C ARG A 14 4.62 -9.40 5.01
N CYS A 15 3.98 -8.51 4.31
CA CYS A 15 3.98 -8.61 2.82
C CYS A 15 5.35 -8.18 2.27
N LYS A 16 6.04 -7.35 3.01
CA LYS A 16 7.39 -6.90 2.56
C LYS A 16 7.28 -6.01 1.31
N GLU A 17 6.08 -5.61 0.95
CA GLU A 17 5.92 -4.75 -0.25
C GLU A 17 4.47 -4.29 -0.40
N SER A 18 4.17 -3.52 -1.41
CA SER A 18 2.77 -3.04 -1.61
C SER A 18 2.28 -2.27 -0.39
N ALA A 19 3.13 -1.47 0.22
CA ALA A 19 2.69 -0.69 1.41
C ALA A 19 3.26 0.73 1.35
N ASP A 20 2.45 1.71 1.62
CA ASP A 20 2.94 3.12 1.58
C ASP A 20 2.62 3.83 2.90
N PHE A 21 2.59 3.11 3.98
CA PHE A 21 2.28 3.73 5.30
C PHE A 21 2.90 2.93 6.44
N TRP A 22 3.37 3.59 7.45
CA TRP A 22 3.99 2.86 8.60
C TRP A 22 3.50 3.46 9.92
N CYS A 23 3.19 2.62 10.88
CA CYS A 23 2.71 3.15 12.19
C CYS A 23 3.89 3.66 13.02
N PHE A 24 3.80 4.87 13.51
CA PHE A 24 4.91 5.43 14.34
C PHE A 24 4.93 4.77 15.71
N GLU A 25 3.79 4.43 16.23
CA GLU A 25 3.74 3.78 17.58
C GLU A 25 4.16 2.32 17.47
N CYS A 26 3.56 1.59 16.56
CA CYS A 26 3.92 0.16 16.39
C CYS A 26 5.33 0.03 15.80
N GLU A 27 5.82 1.08 15.18
CA GLU A 27 7.17 1.01 14.56
C GLU A 27 7.22 -0.10 13.51
N GLN A 28 6.16 -0.29 12.79
CA GLN A 28 6.15 -1.36 11.75
C GLN A 28 5.41 -0.88 10.50
N LEU A 29 5.76 -1.39 9.36
CA LEU A 29 5.08 -0.97 8.11
C LEU A 29 3.86 -1.85 7.84
N LEU A 30 2.88 -1.33 7.15
CA LEU A 30 1.66 -2.14 6.85
C LEU A 30 1.13 -1.79 5.46
N CYS A 31 0.75 -2.78 4.70
CA CYS A 31 0.21 -2.51 3.34
C CYS A 31 -1.21 -1.93 3.44
N ALA A 32 -1.67 -1.30 2.39
CA ALA A 32 -3.05 -0.71 2.42
C ALA A 32 -4.05 -1.74 2.94
N LYS A 33 -3.88 -2.99 2.57
CA LYS A 33 -4.83 -4.04 3.05
C LYS A 33 -4.74 -4.16 4.57
N CYS A 34 -3.61 -3.87 5.14
CA CYS A 34 -3.45 -3.97 6.62
C CYS A 34 -3.73 -2.60 7.26
N PHE A 35 -3.18 -1.56 6.70
CA PHE A 35 -3.41 -0.21 7.28
C PHE A 35 -4.90 0.10 7.36
N GLU A 36 -5.61 -0.10 6.28
CA GLU A 36 -7.07 0.18 6.29
C GLU A 36 -7.76 -0.62 7.40
N ALA A 37 -7.23 -1.77 7.73
CA ALA A 37 -7.86 -2.59 8.80
C ALA A 37 -7.53 -2.00 10.18
N HIS A 38 -6.35 -1.45 10.33
CA HIS A 38 -5.96 -0.86 11.64
C HIS A 38 -6.82 0.37 11.94
N GLN A 39 -6.93 1.27 11.00
CA GLN A 39 -7.76 2.49 11.23
C GLN A 39 -9.24 2.12 11.36
N TRP A 40 -9.64 1.03 10.78
CA TRP A 40 -11.07 0.62 10.85
C TRP A 40 -11.30 -0.25 12.10
N PHE A 41 -10.30 -0.98 12.52
CA PHE A 41 -10.47 -1.84 13.73
C PHE A 41 -10.25 -1.02 15.00
N LEU A 42 -9.55 0.07 14.91
CA LEU A 42 -9.30 0.91 16.11
C LEU A 42 -8.77 2.29 15.70
N LYS A 43 -8.43 3.12 16.66
CA LYS A 43 -7.91 4.47 16.33
C LYS A 43 -6.39 4.50 16.51
N HIS A 44 -5.65 4.65 15.45
CA HIS A 44 -4.16 4.69 15.57
C HIS A 44 -3.62 5.90 14.79
N GLU A 45 -2.34 6.17 14.93
CA GLU A 45 -1.75 7.32 14.20
C GLU A 45 -0.57 6.85 13.34
N ALA A 46 -0.73 6.89 12.05
CA ALA A 46 0.37 6.43 11.15
C ALA A 46 0.78 7.57 10.20
N ARG A 47 1.97 7.50 9.67
CA ARG A 47 2.43 8.57 8.74
C ARG A 47 2.65 7.99 7.34
N PRO A 48 2.66 8.87 6.36
CA PRO A 48 2.85 8.44 4.96
C PRO A 48 4.32 8.05 4.73
N LEU A 49 4.55 7.06 3.90
CA LEU A 49 5.95 6.64 3.63
C LEU A 49 6.69 7.71 2.82
N ALA A 50 5.97 8.59 2.19
CA ALA A 50 6.64 9.66 1.40
C ALA A 50 7.15 10.77 2.31
N GLU A 51 8.12 11.51 1.87
CA GLU A 51 8.67 12.61 2.72
C GLU A 51 7.85 13.90 2.51
N GLY B 1 9.73 -10.77 -27.91
CA GLY B 1 8.89 -9.85 -27.08
C GLY B 1 8.47 -10.56 -25.80
N SER B 2 7.21 -10.86 -25.66
CA SER B 2 6.74 -11.55 -24.42
C SER B 2 5.70 -12.62 -24.79
N ARG B 3 5.58 -13.64 -23.98
CA ARG B 3 4.59 -14.71 -24.28
C ARG B 3 3.52 -14.77 -23.18
N GLN B 4 3.91 -15.08 -21.98
CA GLN B 4 2.91 -15.13 -20.87
C GLN B 4 3.61 -14.98 -19.52
N ILE B 5 4.55 -14.08 -19.42
CA ILE B 5 5.27 -13.88 -18.13
C ILE B 5 5.45 -12.39 -17.85
N VAL B 6 4.85 -11.89 -16.81
CA VAL B 6 4.99 -10.44 -16.49
C VAL B 6 5.96 -10.25 -15.31
N ASP B 7 6.18 -9.03 -14.91
CA ASP B 7 7.12 -8.77 -13.77
C ASP B 7 6.33 -8.24 -12.56
N ALA B 8 5.29 -7.50 -12.81
CA ALA B 8 4.48 -6.96 -11.67
C ALA B 8 3.06 -6.66 -12.13
N GLN B 9 2.09 -7.40 -11.65
CA GLN B 9 0.69 -7.16 -12.06
C GLN B 9 -0.20 -6.94 -10.83
N ALA B 10 0.20 -6.07 -9.95
CA ALA B 10 -0.62 -5.82 -8.73
C ALA B 10 -0.08 -4.59 -7.99
N VAL B 11 0.29 -3.56 -8.72
CA VAL B 11 0.82 -2.34 -8.05
C VAL B 11 0.18 -1.10 -8.67
N CYS B 12 0.24 0.01 -7.97
CA CYS B 12 -0.37 1.26 -8.51
C CYS B 12 0.04 1.49 -9.96
N THR B 13 -0.82 2.10 -10.73
CA THR B 13 -0.46 2.36 -12.16
C THR B 13 0.52 3.54 -12.24
N ARG B 14 0.51 4.39 -11.26
CA ARG B 14 1.45 5.55 -11.27
C ARG B 14 2.67 5.23 -10.42
N CYS B 15 2.49 4.92 -9.17
CA CYS B 15 3.65 4.58 -8.30
C CYS B 15 4.27 3.28 -8.79
N LYS B 16 3.48 2.42 -9.38
CA LYS B 16 4.00 1.13 -9.91
C LYS B 16 4.44 0.19 -8.77
N GLU B 17 4.13 0.53 -7.55
CA GLU B 17 4.54 -0.38 -6.43
C GLU B 17 4.05 0.15 -5.08
N SER B 18 4.14 -0.66 -4.07
CA SER B 18 3.70 -0.23 -2.70
C SER B 18 2.18 -0.01 -2.67
N ALA B 19 1.45 -0.72 -3.49
CA ALA B 19 -0.04 -0.54 -3.51
C ALA B 19 -0.72 -1.76 -2.91
N ASP B 20 -2.03 -1.73 -2.82
CA ASP B 20 -2.76 -2.91 -2.26
C ASP B 20 -4.26 -2.76 -2.51
N PHE B 21 -4.64 -2.21 -3.63
CA PHE B 21 -6.10 -2.04 -3.92
C PHE B 21 -6.32 -1.83 -5.43
N TRP B 22 -7.38 -2.39 -5.96
CA TRP B 22 -7.66 -2.21 -7.41
C TRP B 22 -9.11 -1.74 -7.61
N CYS B 23 -9.31 -0.70 -8.36
CA CYS B 23 -10.68 -0.19 -8.60
C CYS B 23 -11.53 -1.24 -9.29
N PHE B 24 -12.75 -1.43 -8.85
CA PHE B 24 -13.64 -2.44 -9.50
C PHE B 24 -14.24 -1.86 -10.78
N GLU B 25 -14.65 -0.62 -10.73
CA GLU B 25 -15.25 0.01 -11.95
C GLU B 25 -14.16 0.36 -12.95
N CYS B 26 -13.16 1.08 -12.53
CA CYS B 26 -12.06 1.46 -13.46
C CYS B 26 -11.20 0.24 -13.78
N GLU B 27 -11.24 -0.76 -12.94
CA GLU B 27 -10.42 -1.99 -13.19
C GLU B 27 -8.95 -1.63 -13.31
N GLN B 28 -8.46 -0.82 -12.40
CA GLN B 28 -7.02 -0.43 -12.46
C GLN B 28 -6.38 -0.60 -11.08
N LEU B 29 -5.08 -0.59 -11.02
CA LEU B 29 -4.40 -0.75 -9.70
C LEU B 29 -4.19 0.62 -9.05
N LEU B 30 -4.10 0.66 -7.75
CA LEU B 30 -3.90 1.97 -7.06
C LEU B 30 -3.11 1.78 -5.78
N CYS B 31 -2.34 2.77 -5.40
CA CYS B 31 -1.53 2.65 -4.15
C CYS B 31 -2.30 3.23 -2.96
N ALA B 32 -1.88 2.93 -1.77
CA ALA B 32 -2.59 3.47 -0.57
C ALA B 32 -2.78 4.98 -0.71
N LYS B 33 -1.81 5.66 -1.24
CA LYS B 33 -1.93 7.13 -1.42
C LYS B 33 -2.85 7.45 -2.60
N CYS B 34 -3.08 6.50 -3.46
CA CYS B 34 -3.97 6.76 -4.63
C CYS B 34 -5.37 6.20 -4.37
N PHE B 35 -5.47 4.97 -3.92
CA PHE B 35 -6.81 4.38 -3.64
C PHE B 35 -7.57 5.23 -2.62
N GLU B 36 -6.93 5.59 -1.54
CA GLU B 36 -7.62 6.42 -0.51
C GLU B 36 -7.99 7.78 -1.11
N ALA B 37 -7.12 8.34 -1.90
CA ALA B 37 -7.41 9.67 -2.51
C ALA B 37 -8.70 9.60 -3.34
N HIS B 38 -8.85 8.56 -4.13
CA HIS B 38 -10.08 8.43 -4.95
C HIS B 38 -11.31 8.31 -4.04
N GLN B 39 -11.30 7.37 -3.15
CA GLN B 39 -12.47 7.20 -2.22
C GLN B 39 -12.76 8.51 -1.50
N TRP B 40 -11.80 9.38 -1.41
CA TRP B 40 -12.02 10.69 -0.73
C TRP B 40 -12.34 11.78 -1.75
N PHE B 41 -11.72 11.72 -2.90
CA PHE B 41 -11.99 12.76 -3.94
C PHE B 41 -13.46 12.70 -4.38
N LEU B 42 -14.11 11.59 -4.15
CA LEU B 42 -15.54 11.48 -4.57
C LEU B 42 -16.13 10.17 -4.03
N LYS B 43 -16.92 9.49 -4.81
CA LYS B 43 -17.53 8.22 -4.32
C LYS B 43 -17.10 7.05 -5.22
N HIS B 44 -16.23 6.22 -4.75
CA HIS B 44 -15.77 5.07 -5.58
C HIS B 44 -15.64 3.81 -4.71
N GLU B 45 -15.42 2.67 -5.32
CA GLU B 45 -15.28 1.42 -4.54
C GLU B 45 -14.11 0.59 -5.07
N ALA B 46 -13.16 0.29 -4.23
CA ALA B 46 -11.98 -0.52 -4.70
C ALA B 46 -11.84 -1.77 -3.84
N ARG B 47 -11.46 -2.87 -4.44
CA ARG B 47 -11.30 -4.12 -3.64
C ARG B 47 -9.83 -4.34 -3.30
N PRO B 48 -9.60 -5.08 -2.26
CA PRO B 48 -8.22 -5.38 -1.81
C PRO B 48 -7.53 -6.35 -2.78
N LEU B 49 -6.23 -6.26 -2.90
CA LEU B 49 -5.51 -7.18 -3.83
C LEU B 49 -5.20 -8.51 -3.14
N ALA B 50 -5.55 -8.66 -1.88
CA ALA B 50 -5.27 -9.94 -1.18
C ALA B 50 -6.21 -11.05 -1.69
N GLU B 51 -5.68 -12.20 -1.98
CA GLU B 51 -6.53 -13.32 -2.48
C GLU B 51 -6.56 -14.46 -1.46
ZN ZN C . 0.39 -6.37 5.08
ZN ZN D . -0.54 0.95 14.67
ZN ZN E . 0.74 4.61 -5.84
ZN ZN F . -11.94 4.60 -9.65
N GLY A 1 18.47 1.65 19.36
CA GLY A 1 18.29 2.77 18.38
C GLY A 1 19.36 2.65 17.29
N SER A 2 20.60 2.57 17.68
CA SER A 2 21.70 2.47 16.67
C SER A 2 22.88 1.69 17.25
N ARG A 3 23.23 0.59 16.63
CA ARG A 3 24.38 -0.21 17.15
C ARG A 3 25.03 -0.99 16.02
N GLN A 4 24.25 -1.65 15.20
CA GLN A 4 24.83 -2.42 14.07
C GLN A 4 24.48 -1.77 12.74
N ILE A 5 23.26 -1.91 12.30
CA ILE A 5 22.85 -1.29 11.01
C ILE A 5 21.51 -0.57 11.18
N VAL A 6 21.09 0.17 10.18
CA VAL A 6 19.79 0.90 10.28
C VAL A 6 18.81 0.38 9.23
N ASP A 7 17.55 0.29 9.57
CA ASP A 7 16.55 -0.20 8.59
C ASP A 7 16.39 0.79 7.43
N ALA A 8 16.29 0.29 6.23
CA ALA A 8 16.14 1.22 5.06
C ALA A 8 15.05 0.68 4.11
N GLN A 9 14.17 -0.14 4.60
CA GLN A 9 13.10 -0.69 3.72
C GLN A 9 11.81 0.11 3.89
N ALA A 10 10.79 -0.22 3.16
CA ALA A 10 9.51 0.52 3.27
C ALA A 10 8.36 -0.33 2.73
N VAL A 11 8.15 -1.49 3.29
CA VAL A 11 7.05 -2.37 2.79
C VAL A 11 6.43 -3.14 3.95
N CYS A 12 5.24 -3.65 3.76
CA CYS A 12 4.56 -4.42 4.84
C CYS A 12 5.51 -5.44 5.46
N THR A 13 5.32 -5.75 6.71
CA THR A 13 6.21 -6.74 7.37
C THR A 13 5.77 -8.16 7.02
N ARG A 14 4.53 -8.33 6.64
CA ARG A 14 4.04 -9.69 6.28
C ARG A 14 4.06 -9.87 4.76
N CYS A 15 3.53 -8.92 4.04
CA CYS A 15 3.52 -9.01 2.55
C CYS A 15 4.90 -8.64 2.00
N LYS A 16 5.63 -7.84 2.73
CA LYS A 16 6.99 -7.41 2.27
C LYS A 16 6.89 -6.48 1.06
N GLU A 17 5.70 -6.06 0.70
CA GLU A 17 5.54 -5.14 -0.45
C GLU A 17 4.08 -4.69 -0.58
N SER A 18 3.79 -3.87 -1.54
CA SER A 18 2.38 -3.41 -1.73
C SER A 18 1.92 -2.59 -0.51
N ALA A 19 2.80 -1.87 0.11
CA ALA A 19 2.41 -1.05 1.30
C ALA A 19 3.06 0.33 1.25
N ASP A 20 2.31 1.36 1.50
CA ASP A 20 2.90 2.74 1.48
C ASP A 20 2.55 3.48 2.77
N PHE A 21 2.43 2.78 3.86
CA PHE A 21 2.10 3.44 5.15
C PHE A 21 2.66 2.64 6.33
N TRP A 22 2.84 3.26 7.45
CA TRP A 22 3.39 2.52 8.63
C TRP A 22 2.90 3.16 9.94
N CYS A 23 2.60 2.36 10.92
CA CYS A 23 2.12 2.91 12.21
C CYS A 23 3.26 3.56 12.98
N PHE A 24 3.06 4.75 13.48
CA PHE A 24 4.14 5.44 14.24
C PHE A 24 4.38 4.74 15.58
N GLU A 25 3.34 4.34 16.26
CA GLU A 25 3.51 3.66 17.57
C GLU A 25 4.02 2.23 17.35
N CYS A 26 3.34 1.47 16.54
CA CYS A 26 3.78 0.06 16.29
C CYS A 26 5.11 0.05 15.53
N GLU A 27 5.49 1.16 14.93
CA GLU A 27 6.77 1.20 14.18
C GLU A 27 6.82 0.06 13.16
N GLN A 28 5.71 -0.30 12.59
CA GLN A 28 5.69 -1.40 11.59
C GLN A 28 4.99 -0.95 10.31
N LEU A 29 5.31 -1.57 9.20
CA LEU A 29 4.67 -1.17 7.92
C LEU A 29 3.46 -2.06 7.64
N LEU A 30 2.47 -1.54 6.96
CA LEU A 30 1.26 -2.35 6.66
C LEU A 30 0.76 -2.05 5.24
N CYS A 31 0.31 -3.05 4.53
CA CYS A 31 -0.19 -2.81 3.15
C CYS A 31 -1.60 -2.23 3.19
N ALA A 32 -2.03 -1.61 2.12
CA ALA A 32 -3.40 -1.01 2.10
C ALA A 32 -4.43 -2.03 2.59
N LYS A 33 -4.14 -3.30 2.45
CA LYS A 33 -5.12 -4.33 2.90
C LYS A 33 -5.11 -4.43 4.43
N CYS A 34 -3.99 -4.15 5.05
CA CYS A 34 -3.92 -4.23 6.54
C CYS A 34 -4.08 -2.84 7.14
N PHE A 35 -3.45 -1.85 6.58
CA PHE A 35 -3.57 -0.47 7.13
C PHE A 35 -5.04 -0.05 7.20
N GLU A 36 -5.79 -0.29 6.17
CA GLU A 36 -7.23 0.10 6.18
C GLU A 36 -7.96 -0.58 7.35
N ALA A 37 -7.70 -1.85 7.55
CA ALA A 37 -8.38 -2.57 8.67
C ALA A 37 -7.88 -2.05 10.02
N HIS A 38 -6.60 -1.84 10.14
CA HIS A 38 -6.04 -1.34 11.43
C HIS A 38 -6.71 -0.01 11.83
N GLN A 39 -6.67 0.96 10.96
CA GLN A 39 -7.30 2.28 11.29
C GLN A 39 -8.78 2.10 11.63
N TRP A 40 -9.41 1.10 11.06
CA TRP A 40 -10.86 0.89 11.35
C TRP A 40 -11.03 -0.01 12.58
N PHE A 41 -10.14 -0.94 12.78
CA PHE A 41 -10.26 -1.84 13.97
C PHE A 41 -10.13 -1.04 15.26
N LEU A 42 -9.21 -0.13 15.32
CA LEU A 42 -9.03 0.70 16.55
C LEU A 42 -8.53 2.10 16.19
N LYS A 43 -8.31 2.92 17.18
CA LYS A 43 -7.82 4.31 16.90
C LYS A 43 -6.29 4.34 16.93
N HIS A 44 -5.68 4.51 15.80
CA HIS A 44 -4.18 4.55 15.77
C HIS A 44 -3.70 5.63 14.78
N GLU A 45 -2.55 6.18 15.02
CA GLU A 45 -2.02 7.24 14.11
C GLU A 45 -0.90 6.67 13.23
N ALA A 46 -0.88 7.02 11.98
CA ALA A 46 0.18 6.50 11.07
C ALA A 46 0.65 7.59 10.11
N ARG A 47 1.77 7.41 9.48
CA ARG A 47 2.28 8.43 8.54
C ARG A 47 2.63 7.78 7.19
N PRO A 48 2.73 8.61 6.19
CA PRO A 48 3.06 8.11 4.83
C PRO A 48 4.53 7.67 4.75
N LEU A 49 4.81 6.60 4.07
CA LEU A 49 6.22 6.13 3.97
C LEU A 49 7.10 7.22 3.34
N ALA A 50 6.50 8.08 2.56
CA ALA A 50 7.30 9.17 1.91
C ALA A 50 7.80 10.15 2.97
N GLU A 51 8.45 11.21 2.55
CA GLU A 51 8.97 12.20 3.53
C GLU A 51 8.59 13.62 3.10
N GLY B 1 7.13 -11.79 -31.14
CA GLY B 1 6.53 -12.78 -30.20
C GLY B 1 6.29 -12.12 -28.84
N SER B 2 7.33 -11.89 -28.09
CA SER B 2 7.17 -11.26 -26.75
C SER B 2 8.51 -10.73 -26.26
N ARG B 3 8.59 -9.46 -25.95
CA ARG B 3 9.88 -8.90 -25.45
C ARG B 3 9.61 -7.70 -24.52
N GLN B 4 10.64 -7.15 -23.95
CA GLN B 4 10.45 -5.98 -23.03
C GLN B 4 9.38 -6.31 -21.98
N ILE B 5 9.41 -7.49 -21.44
CA ILE B 5 8.39 -7.85 -20.41
C ILE B 5 8.45 -6.87 -19.24
N VAL B 6 7.54 -6.97 -18.31
CA VAL B 6 7.54 -6.05 -17.15
C VAL B 6 7.85 -6.81 -15.86
N ASP B 7 8.04 -6.11 -14.77
CA ASP B 7 8.34 -6.80 -13.49
C ASP B 7 7.18 -6.63 -12.52
N ALA B 8 6.55 -5.48 -12.52
CA ALA B 8 5.41 -5.25 -11.59
C ALA B 8 4.10 -5.14 -12.38
N GLN B 9 3.08 -5.83 -11.96
CA GLN B 9 1.78 -5.77 -12.69
C GLN B 9 0.67 -5.29 -11.75
N ALA B 10 0.64 -5.78 -10.55
CA ALA B 10 -0.42 -5.35 -9.59
C ALA B 10 0.12 -4.23 -8.70
N VAL B 11 0.41 -3.08 -9.26
CA VAL B 11 0.94 -1.96 -8.45
C VAL B 11 0.38 -0.62 -8.95
N CYS B 12 0.43 0.39 -8.14
CA CYS B 12 -0.10 1.72 -8.56
C CYS B 12 0.43 2.09 -9.95
N THR B 13 -0.29 2.89 -10.68
CA THR B 13 0.20 3.31 -12.02
C THR B 13 1.20 4.46 -11.88
N ARG B 14 1.10 5.20 -10.80
CA ARG B 14 2.06 6.33 -10.58
C ARG B 14 3.23 5.84 -9.73
N CYS B 15 2.96 5.33 -8.56
CA CYS B 15 4.07 4.83 -7.69
C CYS B 15 4.67 3.56 -8.30
N LYS B 16 3.87 2.83 -9.03
CA LYS B 16 4.37 1.57 -9.69
C LYS B 16 4.68 0.50 -8.64
N GLU B 17 4.29 0.70 -7.41
CA GLU B 17 4.57 -0.35 -6.38
C GLU B 17 3.99 0.03 -5.02
N SER B 18 4.02 -0.88 -4.09
CA SER B 18 3.51 -0.59 -2.73
C SER B 18 2.00 -0.29 -2.76
N ALA B 19 1.30 -0.84 -3.71
CA ALA B 19 -0.17 -0.57 -3.78
C ALA B 19 -0.96 -1.80 -3.34
N ASP B 20 -2.26 -1.74 -3.37
CA ASP B 20 -3.07 -2.92 -2.95
C ASP B 20 -4.54 -2.70 -3.30
N PHE B 21 -4.81 -1.95 -4.34
CA PHE B 21 -6.24 -1.70 -4.73
C PHE B 21 -6.32 -1.27 -6.19
N TRP B 22 -7.32 -1.70 -6.90
CA TRP B 22 -7.45 -1.31 -8.33
C TRP B 22 -8.88 -0.84 -8.62
N CYS B 23 -9.02 0.29 -9.26
CA CYS B 23 -10.39 0.81 -9.57
C CYS B 23 -11.05 -0.04 -10.65
N PHE B 24 -12.26 -0.49 -10.42
CA PHE B 24 -12.95 -1.33 -11.43
C PHE B 24 -13.48 -0.44 -12.57
N GLU B 25 -13.98 0.72 -12.24
CA GLU B 25 -14.51 1.62 -13.31
C GLU B 25 -13.36 2.16 -14.16
N CYS B 26 -12.35 2.70 -13.53
CA CYS B 26 -11.19 3.24 -14.31
C CYS B 26 -10.30 2.11 -14.80
N GLU B 27 -10.41 0.95 -14.21
CA GLU B 27 -9.56 -0.20 -14.65
C GLU B 27 -8.08 0.15 -14.50
N GLN B 28 -7.72 0.76 -13.41
CA GLN B 28 -6.29 1.12 -13.20
C GLN B 28 -5.86 0.75 -11.78
N LEU B 29 -4.58 0.56 -11.56
CA LEU B 29 -4.10 0.21 -10.20
C LEU B 29 -3.87 1.48 -9.37
N LEU B 30 -3.93 1.37 -8.07
CA LEU B 30 -3.72 2.57 -7.22
C LEU B 30 -3.00 2.18 -5.93
N CYS B 31 -2.21 3.06 -5.39
CA CYS B 31 -1.48 2.74 -4.13
C CYS B 31 -2.28 3.22 -2.91
N ALA B 32 -1.86 2.84 -1.74
CA ALA B 32 -2.59 3.29 -0.51
C ALA B 32 -2.65 4.81 -0.48
N LYS B 33 -1.60 5.47 -0.88
CA LYS B 33 -1.59 6.96 -0.88
C LYS B 33 -2.44 7.49 -2.04
N CYS B 34 -2.65 6.70 -3.04
CA CYS B 34 -3.47 7.15 -4.21
C CYS B 34 -4.93 6.77 -4.00
N PHE B 35 -5.19 5.53 -3.66
CA PHE B 35 -6.59 5.10 -3.44
C PHE B 35 -7.22 5.91 -2.29
N GLU B 36 -6.50 6.07 -1.21
CA GLU B 36 -7.03 6.84 -0.06
C GLU B 36 -7.48 8.23 -0.52
N ALA B 37 -6.65 8.90 -1.29
CA ALA B 37 -7.02 10.26 -1.77
C ALA B 37 -8.32 10.18 -2.59
N HIS B 38 -8.43 9.21 -3.46
CA HIS B 38 -9.66 9.08 -4.28
C HIS B 38 -10.89 9.07 -3.38
N GLN B 39 -10.92 8.16 -2.43
CA GLN B 39 -12.10 8.09 -1.51
C GLN B 39 -12.28 9.42 -0.76
N TRP B 40 -11.26 10.24 -0.73
CA TRP B 40 -11.39 11.54 -0.01
C TRP B 40 -11.76 12.63 -1.01
N PHE B 41 -11.29 12.52 -2.21
CA PHE B 41 -11.61 13.56 -3.24
C PHE B 41 -13.08 13.44 -3.64
N LEU B 42 -13.69 12.31 -3.43
CA LEU B 42 -15.12 12.14 -3.81
C LEU B 42 -15.62 10.77 -3.35
N LYS B 43 -16.46 10.15 -4.14
CA LYS B 43 -16.98 8.80 -3.74
C LYS B 43 -16.62 7.77 -4.81
N HIS B 44 -15.74 6.85 -4.49
CA HIS B 44 -15.33 5.83 -5.49
C HIS B 44 -15.22 4.45 -4.82
N GLU B 45 -15.27 3.40 -5.59
CA GLU B 45 -15.16 2.04 -4.99
C GLU B 45 -14.11 1.22 -5.73
N ALA B 46 -13.22 0.57 -5.01
CA ALA B 46 -12.17 -0.25 -5.68
C ALA B 46 -12.01 -1.59 -4.95
N ARG B 47 -11.68 -2.62 -5.67
CA ARG B 47 -11.51 -3.96 -5.01
C ARG B 47 -10.05 -4.16 -4.62
N PRO B 48 -9.85 -5.00 -3.64
CA PRO B 48 -8.48 -5.30 -3.16
C PRO B 48 -7.72 -6.15 -4.19
N LEU B 49 -6.46 -5.90 -4.36
CA LEU B 49 -5.67 -6.70 -5.35
C LEU B 49 -5.70 -8.18 -4.97
N ALA B 50 -5.91 -8.49 -3.72
CA ALA B 50 -5.94 -9.91 -3.29
C ALA B 50 -7.17 -10.61 -3.88
N GLU B 51 -6.97 -11.52 -4.79
CA GLU B 51 -8.13 -12.23 -5.41
C GLU B 51 -9.05 -12.79 -4.32
ZN ZN C . -0.15 -6.68 4.81
ZN ZN D . -0.91 0.85 15.24
ZN ZN E . 1.01 4.66 -5.51
ZN ZN F . -11.27 5.73 -10.03
N GLY A 1 17.20 3.19 20.36
CA GLY A 1 17.13 2.61 18.99
C GLY A 1 16.73 1.13 19.08
N SER A 2 17.06 0.36 18.08
CA SER A 2 16.70 -1.09 18.11
C SER A 2 17.92 -1.94 17.75
N ARG A 3 17.75 -3.23 17.69
CA ARG A 3 18.90 -4.13 17.35
C ARG A 3 18.90 -4.42 15.86
N GLN A 4 18.71 -3.42 15.04
CA GLN A 4 18.70 -3.65 13.57
C GLN A 4 19.28 -2.43 12.83
N ILE A 5 19.78 -2.62 11.64
CA ILE A 5 20.35 -1.47 10.89
C ILE A 5 19.22 -0.59 10.33
N VAL A 6 19.53 0.62 9.98
CA VAL A 6 18.48 1.54 9.43
C VAL A 6 17.69 0.82 8.33
N ASP A 7 16.44 0.53 8.57
CA ASP A 7 15.63 -0.16 7.53
C ASP A 7 15.59 0.67 6.24
N ALA A 8 15.69 0.04 5.11
CA ALA A 8 15.67 0.79 3.82
C ALA A 8 14.47 0.36 2.97
N GLN A 9 14.07 -0.88 3.09
CA GLN A 9 12.91 -1.36 2.29
C GLN A 9 11.60 -0.89 2.92
N ALA A 10 11.04 0.18 2.43
CA ALA A 10 9.76 0.69 3.00
C ALA A 10 8.58 -0.13 2.47
N VAL A 11 8.33 -1.27 3.05
CA VAL A 11 7.20 -2.12 2.59
C VAL A 11 6.62 -2.92 3.76
N CYS A 12 5.41 -3.40 3.61
CA CYS A 12 4.78 -4.19 4.71
C CYS A 12 5.75 -5.25 5.23
N THR A 13 5.66 -5.59 6.48
CA THR A 13 6.57 -6.62 7.05
C THR A 13 6.06 -8.02 6.67
N ARG A 14 4.79 -8.17 6.47
CA ARG A 14 4.24 -9.50 6.10
C ARG A 14 4.18 -9.63 4.57
N CYS A 15 3.62 -8.67 3.90
CA CYS A 15 3.55 -8.74 2.40
C CYS A 15 4.90 -8.35 1.80
N LYS A 16 5.68 -7.59 2.52
CA LYS A 16 7.02 -7.17 2.01
C LYS A 16 6.87 -6.21 0.82
N GLU A 17 5.67 -5.77 0.52
CA GLU A 17 5.49 -4.84 -0.62
C GLU A 17 4.03 -4.37 -0.69
N SER A 18 3.71 -3.54 -1.65
CA SER A 18 2.31 -3.06 -1.78
C SER A 18 1.91 -2.25 -0.55
N ALA A 19 2.83 -1.58 0.08
CA ALA A 19 2.50 -0.78 1.29
C ALA A 19 3.13 0.62 1.19
N ASP A 20 2.37 1.63 1.51
CA ASP A 20 2.93 3.01 1.45
C ASP A 20 2.65 3.75 2.75
N PHE A 21 2.45 3.02 3.82
CA PHE A 21 2.19 3.69 5.13
C PHE A 21 2.68 2.80 6.28
N TRP A 22 3.17 3.41 7.33
CA TRP A 22 3.67 2.60 8.48
C TRP A 22 3.23 3.25 9.80
N CYS A 23 3.06 2.46 10.84
CA CYS A 23 2.63 3.03 12.14
C CYS A 23 3.84 3.61 12.89
N PHE A 24 3.78 4.86 13.26
CA PHE A 24 4.91 5.49 13.98
C PHE A 24 5.07 4.85 15.36
N GLU A 25 3.99 4.54 16.02
CA GLU A 25 4.07 3.92 17.37
C GLU A 25 4.48 2.44 17.25
N CYS A 26 3.88 1.73 16.33
CA CYS A 26 4.23 0.29 16.15
C CYS A 26 5.55 0.15 15.39
N GLU A 27 5.98 1.18 14.72
CA GLU A 27 7.25 1.10 13.95
C GLU A 27 7.19 -0.06 12.96
N GLN A 28 6.02 -0.37 12.48
CA GLN A 28 5.89 -1.51 11.52
C GLN A 28 5.24 -1.03 10.22
N LEU A 29 5.58 -1.62 9.11
CA LEU A 29 4.97 -1.21 7.82
C LEU A 29 3.72 -2.05 7.54
N LEU A 30 2.72 -1.48 6.93
CA LEU A 30 1.49 -2.27 6.65
C LEU A 30 0.96 -1.93 5.26
N CYS A 31 0.55 -2.92 4.51
CA CYS A 31 0.02 -2.65 3.14
C CYS A 31 -1.35 -2.00 3.24
N ALA A 32 -1.79 -1.36 2.20
CA ALA A 32 -3.13 -0.69 2.23
C ALA A 32 -4.19 -1.64 2.79
N LYS A 33 -3.99 -2.92 2.65
CA LYS A 33 -4.99 -3.88 3.18
C LYS A 33 -4.88 -3.99 4.71
N CYS A 34 -3.71 -3.77 5.24
CA CYS A 34 -3.53 -3.86 6.72
C CYS A 34 -3.73 -2.49 7.37
N PHE A 35 -3.28 -1.45 6.71
CA PHE A 35 -3.44 -0.09 7.29
C PHE A 35 -4.92 0.27 7.42
N GLU A 36 -5.67 0.16 6.35
CA GLU A 36 -7.12 0.48 6.42
C GLU A 36 -7.81 -0.36 7.50
N ALA A 37 -7.59 -1.64 7.49
CA ALA A 37 -8.24 -2.51 8.53
C ALA A 37 -7.80 -2.08 9.93
N HIS A 38 -6.60 -1.58 10.06
CA HIS A 38 -6.13 -1.13 11.40
C HIS A 38 -6.93 0.07 11.88
N GLN A 39 -6.94 1.14 11.12
CA GLN A 39 -7.71 2.35 11.54
C GLN A 39 -9.17 1.98 11.85
N TRP A 40 -9.69 0.98 11.19
CA TRP A 40 -11.11 0.59 11.45
C TRP A 40 -11.21 -0.25 12.72
N PHE A 41 -10.22 -1.09 12.97
CA PHE A 41 -10.26 -1.94 14.19
C PHE A 41 -10.14 -1.07 15.44
N LEU A 42 -9.46 0.04 15.35
CA LEU A 42 -9.30 0.93 16.54
C LEU A 42 -8.75 2.29 16.11
N LYS A 43 -8.53 3.18 17.05
CA LYS A 43 -8.00 4.52 16.70
C LYS A 43 -6.47 4.50 16.71
N HIS A 44 -5.86 4.56 15.55
CA HIS A 44 -4.37 4.55 15.50
C HIS A 44 -3.86 5.64 14.56
N GLU A 45 -2.60 5.97 14.63
CA GLU A 45 -2.05 7.03 13.75
C GLU A 45 -0.81 6.52 13.00
N ALA A 46 -0.81 6.61 11.71
CA ALA A 46 0.37 6.12 10.93
C ALA A 46 0.86 7.21 9.97
N ARG A 47 2.12 7.18 9.62
CA ARG A 47 2.66 8.21 8.69
C ARG A 47 2.92 7.59 7.31
N PRO A 48 2.85 8.42 6.31
CA PRO A 48 3.07 7.96 4.92
C PRO A 48 4.56 7.67 4.68
N LEU A 49 4.87 6.66 3.91
CA LEU A 49 6.30 6.34 3.65
C LEU A 49 6.98 7.49 2.91
N ALA A 50 6.21 8.29 2.21
CA ALA A 50 6.81 9.44 1.46
C ALA A 50 7.37 10.47 2.44
N GLU A 51 8.52 11.00 2.14
CA GLU A 51 9.13 12.02 3.05
C GLU A 51 8.95 13.43 2.46
N GLY B 1 0.73 -19.68 -8.28
CA GLY B 1 1.86 -18.71 -8.25
C GLY B 1 2.69 -18.86 -9.53
N SER B 2 3.09 -17.75 -10.11
CA SER B 2 3.89 -17.83 -11.36
C SER B 2 5.37 -18.02 -11.04
N ARG B 3 6.19 -18.20 -12.04
CA ARG B 3 7.65 -18.40 -11.79
C ARG B 3 8.42 -17.14 -12.17
N GLN B 4 9.51 -16.87 -11.50
CA GLN B 4 10.32 -15.66 -11.83
C GLN B 4 9.49 -14.39 -11.56
N ILE B 5 10.02 -13.49 -10.77
CA ILE B 5 9.27 -12.23 -10.48
C ILE B 5 9.09 -11.41 -11.75
N VAL B 6 8.27 -10.39 -11.70
CA VAL B 6 8.05 -9.56 -12.91
C VAL B 6 8.45 -8.11 -12.62
N ASP B 7 7.97 -7.19 -13.42
CA ASP B 7 8.32 -5.75 -13.18
C ASP B 7 7.25 -5.08 -12.31
N ALA B 8 6.01 -5.19 -12.68
CA ALA B 8 4.93 -4.56 -11.87
C ALA B 8 3.57 -4.75 -12.55
N GLN B 9 2.92 -5.85 -12.29
CA GLN B 9 1.60 -6.10 -12.92
C GLN B 9 0.46 -5.69 -11.98
N ALA B 10 0.77 -5.35 -10.75
CA ALA B 10 -0.31 -4.94 -9.79
C ALA B 10 0.20 -3.83 -8.86
N VAL B 11 0.36 -2.64 -9.38
CA VAL B 11 0.84 -1.52 -8.53
C VAL B 11 0.26 -0.19 -8.99
N CYS B 12 0.29 0.80 -8.14
CA CYS B 12 -0.28 2.13 -8.51
C CYS B 12 0.23 2.58 -9.88
N THR B 13 -0.52 3.38 -10.57
CA THR B 13 -0.08 3.86 -11.91
C THR B 13 0.92 5.01 -11.72
N ARG B 14 0.83 5.71 -10.63
CA ARG B 14 1.77 6.83 -10.37
C ARG B 14 2.94 6.34 -9.51
N CYS B 15 2.66 5.81 -8.36
CA CYS B 15 3.75 5.29 -7.49
C CYS B 15 4.40 4.07 -8.15
N LYS B 16 3.62 3.36 -8.93
CA LYS B 16 4.16 2.15 -9.63
C LYS B 16 4.48 1.02 -8.64
N GLU B 17 4.14 1.17 -7.39
CA GLU B 17 4.44 0.08 -6.41
C GLU B 17 3.91 0.42 -5.02
N SER B 18 3.94 -0.52 -4.13
CA SER B 18 3.45 -0.27 -2.74
C SER B 18 1.94 -0.04 -2.74
N ALA B 19 1.25 -0.52 -3.74
CA ALA B 19 -0.23 -0.32 -3.79
C ALA B 19 -0.95 -1.62 -3.45
N ASP B 20 -2.11 -1.54 -2.87
CA ASP B 20 -2.87 -2.77 -2.52
C ASP B 20 -4.35 -2.58 -2.85
N PHE B 21 -4.66 -1.70 -3.76
CA PHE B 21 -6.09 -1.47 -4.14
C PHE B 21 -6.19 -0.98 -5.58
N TRP B 22 -7.24 -1.34 -6.26
CA TRP B 22 -7.40 -0.89 -7.68
C TRP B 22 -8.87 -0.58 -7.96
N CYS B 23 -9.12 0.44 -8.75
CA CYS B 23 -10.53 0.82 -9.06
C CYS B 23 -11.13 -0.13 -10.10
N PHE B 24 -12.23 -0.76 -9.79
CA PHE B 24 -12.86 -1.70 -10.77
C PHE B 24 -13.54 -0.89 -11.87
N GLU B 25 -14.15 0.21 -11.53
CA GLU B 25 -14.84 1.04 -12.55
C GLU B 25 -13.80 1.68 -13.48
N CYS B 26 -12.80 2.29 -12.93
CA CYS B 26 -11.74 2.92 -13.77
C CYS B 26 -10.80 1.86 -14.34
N GLU B 27 -10.77 0.70 -13.74
CA GLU B 27 -9.87 -0.38 -14.23
C GLU B 27 -8.41 0.05 -14.10
N GLN B 28 -8.13 0.95 -13.19
CA GLN B 28 -6.72 1.40 -13.00
C GLN B 28 -6.22 1.00 -11.60
N LEU B 29 -4.94 1.02 -11.39
CA LEU B 29 -4.41 0.63 -10.04
C LEU B 29 -4.22 1.88 -9.18
N LEU B 30 -4.16 1.71 -7.88
CA LEU B 30 -3.98 2.89 -6.99
C LEU B 30 -3.24 2.46 -5.73
N CYS B 31 -2.40 3.31 -5.21
CA CYS B 31 -1.64 2.97 -3.98
C CYS B 31 -2.42 3.38 -2.73
N ALA B 32 -1.96 2.99 -1.57
CA ALA B 32 -2.67 3.37 -0.32
C ALA B 32 -2.80 4.89 -0.25
N LYS B 33 -1.79 5.60 -0.65
CA LYS B 33 -1.86 7.09 -0.61
C LYS B 33 -2.74 7.61 -1.76
N CYS B 34 -2.96 6.80 -2.76
CA CYS B 34 -3.80 7.25 -3.91
C CYS B 34 -5.25 6.79 -3.71
N PHE B 35 -5.44 5.52 -3.41
CA PHE B 35 -6.83 5.01 -3.20
C PHE B 35 -7.45 5.67 -1.96
N GLU B 36 -6.66 5.93 -0.95
CA GLU B 36 -7.22 6.57 0.27
C GLU B 36 -7.82 7.94 -0.06
N ALA B 37 -7.13 8.72 -0.85
CA ALA B 37 -7.66 10.06 -1.21
C ALA B 37 -8.91 9.92 -2.09
N HIS B 38 -8.87 9.06 -3.07
CA HIS B 38 -10.05 8.87 -3.95
C HIS B 38 -11.28 8.50 -3.11
N GLN B 39 -11.21 7.43 -2.38
CA GLN B 39 -12.37 7.02 -1.54
C GLN B 39 -12.87 8.21 -0.70
N TRP B 40 -12.01 9.15 -0.44
CA TRP B 40 -12.42 10.33 0.37
C TRP B 40 -12.83 11.47 -0.57
N PHE B 41 -12.24 11.53 -1.73
CA PHE B 41 -12.59 12.61 -2.70
C PHE B 41 -14.03 12.45 -3.17
N LEU B 42 -14.58 11.28 -3.03
CA LEU B 42 -15.99 11.06 -3.48
C LEU B 42 -16.44 9.64 -3.10
N LYS B 43 -17.24 9.02 -3.93
CA LYS B 43 -17.71 7.63 -3.62
C LYS B 43 -17.26 6.66 -4.72
N HIS B 44 -16.39 5.76 -4.41
CA HIS B 44 -15.92 4.79 -5.45
C HIS B 44 -15.75 3.40 -4.84
N GLU B 45 -15.97 2.37 -5.61
CA GLU B 45 -15.83 0.98 -5.09
C GLU B 45 -14.53 0.35 -5.61
N ALA B 46 -13.61 0.08 -4.74
CA ALA B 46 -12.33 -0.54 -5.19
C ALA B 46 -12.09 -1.86 -4.44
N ARG B 47 -11.29 -2.72 -5.02
CA ARG B 47 -11.02 -4.04 -4.35
C ARG B 47 -9.52 -4.19 -4.09
N PRO B 48 -9.20 -5.04 -3.15
CA PRO B 48 -7.77 -5.28 -2.80
C PRO B 48 -7.07 -6.08 -3.90
N LEU B 49 -5.85 -5.75 -4.18
CA LEU B 49 -5.11 -6.50 -5.25
C LEU B 49 -4.97 -7.97 -4.87
N ALA B 50 -5.12 -8.29 -3.61
CA ALA B 50 -5.00 -9.71 -3.18
C ALA B 50 -6.16 -10.54 -3.76
N GLU B 51 -6.08 -11.83 -3.64
CA GLU B 51 -7.19 -12.70 -4.17
C GLU B 51 -8.49 -12.41 -3.44
ZN ZN C . 0.15 -6.51 4.96
ZN ZN D . -0.76 0.57 14.89
ZN ZN E . 0.78 4.98 -5.33
ZN ZN F . -12.02 5.60 -9.44
N GLY A 1 26.20 12.55 10.80
CA GLY A 1 25.51 11.92 11.97
C GLY A 1 25.83 10.43 11.99
N SER A 2 24.85 9.59 11.73
CA SER A 2 25.10 8.13 11.74
C SER A 2 23.88 7.38 11.21
N ARG A 3 24.00 6.74 10.07
CA ARG A 3 22.85 6.00 9.49
C ARG A 3 23.13 4.49 9.52
N GLN A 4 23.30 3.94 10.69
CA GLN A 4 23.58 2.47 10.78
C GLN A 4 22.26 1.70 10.91
N ILE A 5 22.09 0.67 10.13
CA ILE A 5 20.82 -0.13 10.21
C ILE A 5 20.93 -1.39 9.37
N VAL A 6 20.21 -2.43 9.74
CA VAL A 6 20.28 -3.70 8.96
C VAL A 6 19.01 -3.87 8.11
N ASP A 7 18.26 -2.83 7.93
CA ASP A 7 17.02 -2.93 7.11
C ASP A 7 16.37 -1.56 6.95
N ALA A 8 16.60 -0.91 5.84
CA ALA A 8 15.99 0.43 5.62
C ALA A 8 14.96 0.38 4.50
N GLN A 9 14.26 -0.72 4.37
CA GLN A 9 13.24 -0.85 3.29
C GLN A 9 11.90 -0.27 3.77
N ALA A 10 10.99 -0.04 2.86
CA ALA A 10 9.67 0.52 3.27
C ALA A 10 8.53 -0.37 2.75
N VAL A 11 8.33 -1.51 3.36
CA VAL A 11 7.24 -2.42 2.89
C VAL A 11 6.60 -3.13 4.09
N CYS A 12 5.42 -3.65 3.91
CA CYS A 12 4.73 -4.34 5.03
C CYS A 12 5.67 -5.34 5.72
N THR A 13 5.36 -5.71 6.93
CA THR A 13 6.24 -6.67 7.65
C THR A 13 5.81 -8.11 7.32
N ARG A 14 4.58 -8.29 6.94
CA ARG A 14 4.10 -9.66 6.59
C ARG A 14 4.15 -9.87 5.08
N CYS A 15 3.66 -8.91 4.33
CA CYS A 15 3.69 -9.04 2.85
C CYS A 15 5.08 -8.68 2.30
N LYS A 16 5.80 -7.87 3.03
CA LYS A 16 7.16 -7.47 2.57
C LYS A 16 7.07 -6.62 1.29
N GLU A 17 5.89 -6.18 0.94
CA GLU A 17 5.74 -5.34 -0.28
C GLU A 17 4.29 -4.87 -0.42
N SER A 18 4.02 -4.05 -1.39
CA SER A 18 2.62 -3.55 -1.59
C SER A 18 2.18 -2.71 -0.39
N ALA A 19 3.08 -1.98 0.21
CA ALA A 19 2.70 -1.15 1.39
C ALA A 19 3.42 0.21 1.33
N ASP A 20 2.69 1.27 1.54
CA ASP A 20 3.32 2.63 1.51
C ASP A 20 3.02 3.39 2.80
N PHE A 21 2.77 2.68 3.87
CA PHE A 21 2.46 3.37 5.17
C PHE A 21 3.03 2.57 6.33
N TRP A 22 3.51 3.24 7.34
CA TRP A 22 4.07 2.53 8.52
C TRP A 22 3.50 3.11 9.82
N CYS A 23 3.28 2.28 10.80
CA CYS A 23 2.71 2.78 12.10
C CYS A 23 3.82 3.45 12.93
N PHE A 24 3.56 4.61 13.44
CA PHE A 24 4.59 5.30 14.28
C PHE A 24 4.61 4.71 15.69
N GLU A 25 3.46 4.40 16.22
CA GLU A 25 3.41 3.82 17.60
C GLU A 25 3.97 2.39 17.58
N CYS A 26 3.45 1.55 16.73
CA CYS A 26 3.94 0.15 16.67
C CYS A 26 5.28 0.09 15.92
N GLU A 27 5.61 1.10 15.17
CA GLU A 27 6.90 1.10 14.43
C GLU A 27 6.94 -0.09 13.45
N GLN A 28 5.83 -0.40 12.85
CA GLN A 28 5.81 -1.54 11.89
C GLN A 28 5.20 -1.11 10.55
N LEU A 29 5.51 -1.81 9.50
CA LEU A 29 4.94 -1.43 8.17
C LEU A 29 3.67 -2.23 7.89
N LEU A 30 2.77 -1.68 7.13
CA LEU A 30 1.51 -2.42 6.83
C LEU A 30 1.01 -2.08 5.42
N CYS A 31 0.57 -3.06 4.68
CA CYS A 31 0.07 -2.79 3.30
C CYS A 31 -1.31 -2.13 3.36
N ALA A 32 -1.72 -1.48 2.31
CA ALA A 32 -3.05 -0.82 2.31
C ALA A 32 -4.13 -1.79 2.81
N LYS A 33 -3.91 -3.07 2.66
CA LYS A 33 -4.91 -4.06 3.14
C LYS A 33 -4.89 -4.13 4.67
N CYS A 34 -3.77 -3.88 5.27
CA CYS A 34 -3.69 -3.94 6.76
C CYS A 34 -3.90 -2.54 7.36
N PHE A 35 -3.35 -1.53 6.75
CA PHE A 35 -3.53 -0.15 7.28
C PHE A 35 -5.01 0.23 7.29
N GLU A 36 -5.69 0.05 6.18
CA GLU A 36 -7.13 0.40 6.13
C GLU A 36 -7.89 -0.31 7.25
N ALA A 37 -7.63 -1.58 7.45
CA ALA A 37 -8.33 -2.32 8.53
C ALA A 37 -7.86 -1.82 9.91
N HIS A 38 -6.60 -1.49 10.02
CA HIS A 38 -6.07 -0.99 11.33
C HIS A 38 -6.79 0.30 11.72
N GLN A 39 -6.73 1.29 10.88
CA GLN A 39 -7.41 2.59 11.20
C GLN A 39 -8.91 2.36 11.42
N TRP A 40 -9.44 1.28 10.91
CA TRP A 40 -10.89 1.00 11.08
C TRP A 40 -11.12 0.15 12.33
N PHE A 41 -10.24 -0.77 12.62
CA PHE A 41 -10.42 -1.62 13.83
C PHE A 41 -10.33 -0.76 15.09
N LEU A 42 -9.41 0.16 15.13
CA LEU A 42 -9.28 1.03 16.34
C LEU A 42 -8.70 2.38 15.95
N LYS A 43 -8.48 3.25 16.91
CA LYS A 43 -7.91 4.59 16.58
C LYS A 43 -6.39 4.57 16.72
N HIS A 44 -5.69 4.66 15.62
CA HIS A 44 -4.20 4.66 15.68
C HIS A 44 -3.63 5.82 14.86
N GLU A 45 -2.36 6.07 14.97
CA GLU A 45 -1.74 7.18 14.20
C GLU A 45 -0.53 6.68 13.41
N ALA A 46 -0.64 6.61 12.11
CA ALA A 46 0.50 6.13 11.28
C ALA A 46 0.81 7.14 10.18
N ARG A 47 1.97 7.04 9.59
CA ARG A 47 2.35 7.99 8.51
C ARG A 47 2.75 7.23 7.24
N PRO A 48 2.74 7.94 6.14
CA PRO A 48 3.11 7.32 4.84
C PRO A 48 4.61 7.06 4.79
N LEU A 49 5.07 6.31 3.82
CA LEU A 49 6.52 6.02 3.72
C LEU A 49 7.22 7.09 2.86
N ALA A 50 6.59 8.21 2.65
CA ALA A 50 7.22 9.27 1.83
C ALA A 50 7.51 10.51 2.69
N GLU A 51 8.71 11.00 2.65
CA GLU A 51 9.06 12.20 3.47
C GLU A 51 8.68 13.48 2.71
N GLY B 1 -0.53 -7.31 -24.59
CA GLY B 1 0.87 -7.19 -24.07
C GLY B 1 1.85 -7.53 -25.19
N SER B 2 2.77 -8.42 -24.93
CA SER B 2 3.76 -8.80 -25.98
C SER B 2 4.57 -7.57 -26.41
N ARG B 3 4.76 -6.64 -25.53
CA ARG B 3 5.54 -5.41 -25.89
C ARG B 3 6.29 -4.88 -24.67
N GLN B 4 5.61 -4.73 -23.57
CA GLN B 4 6.29 -4.22 -22.33
C GLN B 4 6.02 -5.15 -21.16
N ILE B 5 7.05 -5.63 -20.51
CA ILE B 5 6.85 -6.55 -19.36
C ILE B 5 6.81 -5.76 -18.05
N VAL B 6 5.83 -6.01 -17.22
CA VAL B 6 5.75 -5.28 -15.93
C VAL B 6 6.27 -6.16 -14.79
N ASP B 7 6.21 -7.45 -14.95
CA ASP B 7 6.71 -8.37 -13.88
C ASP B 7 5.93 -8.14 -12.58
N ALA B 8 4.74 -7.59 -12.68
CA ALA B 8 3.93 -7.35 -11.46
C ALA B 8 2.54 -6.84 -11.84
N GLN B 9 1.58 -7.73 -11.98
CA GLN B 9 0.21 -7.30 -12.34
C GLN B 9 -0.60 -6.97 -11.08
N ALA B 10 -0.10 -6.08 -10.27
CA ALA B 10 -0.85 -5.72 -9.03
C ALA B 10 -0.12 -4.60 -8.28
N VAL B 11 0.18 -3.52 -8.93
CA VAL B 11 0.87 -2.40 -8.24
C VAL B 11 0.41 -1.05 -8.80
N CYS B 12 0.62 0.00 -8.07
CA CYS B 12 0.18 1.35 -8.56
C CYS B 12 0.65 1.59 -9.98
N THR B 13 -0.07 2.39 -10.73
CA THR B 13 0.36 2.67 -12.13
C THR B 13 1.48 3.72 -12.12
N ARG B 14 1.51 4.53 -11.10
CA ARG B 14 2.58 5.57 -11.01
C ARG B 14 3.75 5.05 -10.19
N CYS B 15 3.50 4.66 -8.96
CA CYS B 15 4.61 4.13 -8.11
C CYS B 15 5.06 2.77 -8.66
N LYS B 16 4.17 2.08 -9.31
CA LYS B 16 4.52 0.74 -9.89
C LYS B 16 4.78 -0.29 -8.79
N GLU B 17 4.51 0.03 -7.55
CA GLU B 17 4.75 -0.97 -6.46
C GLU B 17 4.29 -0.44 -5.11
N SER B 18 4.29 -1.29 -4.11
CA SER B 18 3.86 -0.87 -2.74
C SER B 18 2.38 -0.49 -2.73
N ALA B 19 1.61 -1.01 -3.65
CA ALA B 19 0.16 -0.68 -3.68
C ALA B 19 -0.67 -1.86 -3.17
N ASP B 20 -1.97 -1.75 -3.17
CA ASP B 20 -2.82 -2.87 -2.69
C ASP B 20 -4.29 -2.58 -2.99
N PHE B 21 -4.57 -1.86 -4.03
CA PHE B 21 -5.99 -1.54 -4.37
C PHE B 21 -6.11 -1.14 -5.83
N TRP B 22 -7.14 -1.58 -6.50
CA TRP B 22 -7.32 -1.21 -7.93
C TRP B 22 -8.75 -0.72 -8.16
N CYS B 23 -8.90 0.36 -8.87
CA CYS B 23 -10.27 0.90 -9.13
C CYS B 23 -11.02 -0.02 -10.11
N PHE B 24 -12.24 -0.34 -9.81
CA PHE B 24 -13.04 -1.21 -10.72
C PHE B 24 -13.48 -0.43 -11.95
N GLU B 25 -13.90 0.80 -11.77
CA GLU B 25 -14.35 1.62 -12.92
C GLU B 25 -13.15 2.14 -13.71
N CYS B 26 -12.20 2.74 -13.03
CA CYS B 26 -11.00 3.26 -13.74
C CYS B 26 -10.18 2.11 -14.33
N GLU B 27 -10.37 0.92 -13.82
CA GLU B 27 -9.60 -0.25 -14.33
C GLU B 27 -8.09 -0.01 -14.20
N GLN B 28 -7.69 0.77 -13.23
CA GLN B 28 -6.24 1.03 -13.04
C GLN B 28 -5.81 0.69 -11.61
N LEU B 29 -4.55 0.51 -11.38
CA LEU B 29 -4.08 0.18 -10.00
C LEU B 29 -3.74 1.46 -9.23
N LEU B 30 -3.66 1.38 -7.93
CA LEU B 30 -3.33 2.59 -7.14
C LEU B 30 -2.60 2.20 -5.85
N CYS B 31 -1.70 3.02 -5.40
CA CYS B 31 -0.95 2.69 -4.16
C CYS B 31 -1.67 3.26 -2.93
N ALA B 32 -1.31 2.81 -1.75
CA ALA B 32 -1.97 3.33 -0.53
C ALA B 32 -1.99 4.86 -0.54
N LYS B 33 -0.92 5.48 -0.95
CA LYS B 33 -0.89 6.97 -0.98
C LYS B 33 -1.73 7.49 -2.16
N CYS B 34 -1.98 6.66 -3.13
CA CYS B 34 -2.79 7.11 -4.29
C CYS B 34 -4.27 6.79 -4.06
N PHE B 35 -4.56 5.58 -3.66
CA PHE B 35 -5.98 5.19 -3.40
C PHE B 35 -6.56 5.98 -2.23
N GLU B 36 -5.82 6.08 -1.15
CA GLU B 36 -6.33 6.84 0.03
C GLU B 36 -6.73 8.26 -0.38
N ALA B 37 -5.90 8.92 -1.14
CA ALA B 37 -6.24 10.31 -1.58
C ALA B 37 -7.50 10.30 -2.43
N HIS B 38 -7.63 9.35 -3.32
CA HIS B 38 -8.84 9.28 -4.18
C HIS B 38 -10.09 9.09 -3.32
N GLN B 39 -10.12 8.06 -2.52
CA GLN B 39 -11.31 7.81 -1.66
C GLN B 39 -11.61 9.04 -0.81
N TRP B 40 -10.65 9.89 -0.62
CA TRP B 40 -10.89 11.12 0.20
C TRP B 40 -11.16 12.32 -0.71
N PHE B 41 -10.66 12.27 -1.92
CA PHE B 41 -10.88 13.40 -2.86
C PHE B 41 -12.33 13.39 -3.37
N LEU B 42 -13.00 12.27 -3.25
CA LEU B 42 -14.40 12.20 -3.74
C LEU B 42 -15.04 10.88 -3.31
N LYS B 43 -15.89 10.32 -4.14
CA LYS B 43 -16.54 9.02 -3.76
C LYS B 43 -16.19 7.94 -4.79
N HIS B 44 -15.41 6.97 -4.41
CA HIS B 44 -15.04 5.90 -5.36
C HIS B 44 -14.96 4.55 -4.64
N GLU B 45 -15.24 3.48 -5.33
CA GLU B 45 -15.17 2.14 -4.68
C GLU B 45 -14.10 1.28 -5.36
N ALA B 46 -12.99 1.08 -4.70
CA ALA B 46 -11.91 0.26 -5.31
C ALA B 46 -11.82 -1.11 -4.61
N ARG B 47 -11.28 -2.08 -5.28
CA ARG B 47 -11.17 -3.43 -4.66
C ARG B 47 -9.71 -3.74 -4.35
N PRO B 48 -9.52 -4.60 -3.39
CA PRO B 48 -8.14 -5.00 -2.97
C PRO B 48 -7.51 -5.89 -4.03
N LEU B 49 -6.20 -5.94 -4.07
CA LEU B 49 -5.51 -6.80 -5.09
C LEU B 49 -5.23 -8.18 -4.50
N ALA B 50 -5.93 -8.56 -3.47
CA ALA B 50 -5.70 -9.90 -2.86
C ALA B 50 -6.63 -10.94 -3.48
N GLU B 51 -7.17 -10.66 -4.63
CA GLU B 51 -8.10 -11.64 -5.28
C GLU B 51 -7.68 -11.86 -6.75
ZN ZN C . 0.07 -6.66 5.05
ZN ZN D . -0.53 0.61 14.96
ZN ZN E . 1.58 4.43 -5.65
ZN ZN F . -11.00 5.74 -9.33
N GLY A 1 24.92 0.28 18.45
CA GLY A 1 24.75 1.25 19.57
C GLY A 1 23.91 2.44 19.09
N SER A 2 24.49 3.30 18.30
CA SER A 2 23.74 4.48 17.80
C SER A 2 23.96 4.66 16.30
N ARG A 3 25.20 4.69 15.87
CA ARG A 3 25.48 4.85 14.41
C ARG A 3 25.21 3.55 13.67
N GLN A 4 23.96 3.19 13.51
CA GLN A 4 23.64 1.94 12.79
C GLN A 4 22.17 1.95 12.33
N ILE A 5 21.73 0.90 11.68
CA ILE A 5 20.31 0.87 11.22
C ILE A 5 19.70 -0.51 11.50
N VAL A 6 18.47 -0.55 11.93
CA VAL A 6 17.82 -1.86 12.22
C VAL A 6 16.76 -2.16 11.14
N ASP A 7 16.32 -1.17 10.43
CA ASP A 7 15.29 -1.41 9.37
C ASP A 7 15.15 -0.18 8.49
N ALA A 8 15.90 -0.11 7.42
CA ALA A 8 15.80 1.08 6.51
C ALA A 8 14.99 0.73 5.25
N GLN A 9 14.05 -0.17 5.38
CA GLN A 9 13.23 -0.55 4.19
C GLN A 9 11.94 0.26 4.16
N ALA A 10 11.12 0.04 3.17
CA ALA A 10 9.83 0.80 3.09
C ALA A 10 8.71 -0.11 2.59
N VAL A 11 8.51 -1.23 3.24
CA VAL A 11 7.43 -2.15 2.80
C VAL A 11 6.84 -2.89 4.00
N CYS A 12 5.66 -3.42 3.85
CA CYS A 12 5.02 -4.16 4.99
C CYS A 12 6.00 -5.13 5.63
N THR A 13 5.81 -5.44 6.88
CA THR A 13 6.73 -6.38 7.57
C THR A 13 6.33 -7.82 7.24
N ARG A 14 5.07 -8.06 6.97
CA ARG A 14 4.62 -9.44 6.65
C ARG A 14 4.63 -9.65 5.14
N CYS A 15 4.08 -8.72 4.39
CA CYS A 15 4.06 -8.87 2.91
C CYS A 15 5.43 -8.48 2.33
N LYS A 16 6.15 -7.64 3.03
CA LYS A 16 7.49 -7.20 2.54
C LYS A 16 7.34 -6.35 1.27
N GLU A 17 6.15 -5.96 0.92
CA GLU A 17 5.95 -5.13 -0.30
C GLU A 17 4.48 -4.70 -0.40
N SER A 18 4.17 -3.90 -1.39
CA SER A 18 2.76 -3.46 -1.56
C SER A 18 2.29 -2.67 -0.33
N ALA A 19 3.15 -1.85 0.23
CA ALA A 19 2.75 -1.06 1.43
C ALA A 19 3.36 0.34 1.39
N ASP A 20 2.61 1.34 1.78
CA ASP A 20 3.15 2.73 1.76
C ASP A 20 2.79 3.44 3.07
N PHE A 21 2.54 2.69 4.11
CA PHE A 21 2.20 3.33 5.42
C PHE A 21 2.74 2.48 6.58
N TRP A 22 3.02 3.10 7.69
CA TRP A 22 3.56 2.33 8.86
C TRP A 22 2.98 2.89 10.16
N CYS A 23 2.85 2.06 11.16
CA CYS A 23 2.29 2.56 12.46
C CYS A 23 3.38 3.22 13.30
N PHE A 24 3.10 4.37 13.85
CA PHE A 24 4.12 5.07 14.69
C PHE A 24 4.32 4.33 16.01
N GLU A 25 3.25 3.88 16.62
CA GLU A 25 3.37 3.15 17.90
C GLU A 25 3.92 1.75 17.66
N CYS A 26 3.45 1.08 16.65
CA CYS A 26 3.93 -0.30 16.36
C CYS A 26 5.33 -0.24 15.72
N GLU A 27 5.72 0.89 15.21
CA GLU A 27 7.06 1.00 14.57
C GLU A 27 7.22 -0.07 13.49
N GLN A 28 6.12 -0.52 12.93
CA GLN A 28 6.21 -1.55 11.86
C GLN A 28 5.52 -1.05 10.59
N LEU A 29 5.76 -1.71 9.49
CA LEU A 29 5.13 -1.27 8.21
C LEU A 29 3.82 -2.05 7.98
N LEU A 30 2.95 -1.52 7.16
CA LEU A 30 1.67 -2.24 6.89
C LEU A 30 1.19 -1.97 5.47
N CYS A 31 0.72 -2.98 4.79
CA CYS A 31 0.24 -2.77 3.39
C CYS A 31 -1.18 -2.20 3.41
N ALA A 32 -1.58 -1.55 2.36
CA ALA A 32 -2.96 -0.96 2.32
C ALA A 32 -4.00 -1.98 2.81
N LYS A 33 -3.72 -3.24 2.65
CA LYS A 33 -4.68 -4.28 3.10
C LYS A 33 -4.69 -4.37 4.63
N CYS A 34 -3.58 -4.06 5.25
CA CYS A 34 -3.51 -4.12 6.74
C CYS A 34 -3.70 -2.72 7.32
N PHE A 35 -3.25 -1.71 6.63
CA PHE A 35 -3.41 -0.32 7.16
C PHE A 35 -4.87 0.10 7.11
N GLU A 36 -5.51 -0.05 5.97
CA GLU A 36 -6.95 0.34 5.87
C GLU A 36 -7.77 -0.35 6.95
N ALA A 37 -7.52 -1.61 7.19
CA ALA A 37 -8.29 -2.34 8.23
C ALA A 37 -7.89 -1.83 9.63
N HIS A 38 -6.63 -1.58 9.84
CA HIS A 38 -6.18 -1.09 11.17
C HIS A 38 -6.94 0.19 11.56
N GLN A 39 -6.83 1.21 10.75
CA GLN A 39 -7.53 2.49 11.07
C GLN A 39 -9.03 2.24 11.25
N TRP A 40 -9.57 1.27 10.55
CA TRP A 40 -11.04 0.99 10.68
C TRP A 40 -11.30 0.15 11.94
N PHE A 41 -10.51 -0.85 12.18
CA PHE A 41 -10.72 -1.70 13.39
C PHE A 41 -10.62 -0.84 14.66
N LEU A 42 -9.61 -0.03 14.77
CA LEU A 42 -9.47 0.83 15.97
C LEU A 42 -8.85 2.17 15.59
N LYS A 43 -8.54 2.99 16.57
CA LYS A 43 -7.93 4.31 16.26
C LYS A 43 -6.41 4.27 16.51
N HIS A 44 -5.64 4.23 15.46
CA HIS A 44 -4.16 4.18 15.64
C HIS A 44 -3.49 5.31 14.85
N GLU A 45 -2.36 5.78 15.30
CA GLU A 45 -1.67 6.88 14.58
C GLU A 45 -0.66 6.31 13.59
N ALA A 46 -0.78 6.65 12.33
CA ALA A 46 0.18 6.12 11.32
C ALA A 46 0.62 7.24 10.36
N ARG A 47 1.79 7.11 9.80
CA ARG A 47 2.28 8.17 8.86
C ARG A 47 2.64 7.54 7.51
N PRO A 48 2.76 8.39 6.52
CA PRO A 48 3.11 7.92 5.17
C PRO A 48 4.59 7.52 5.09
N LEU A 49 4.90 6.49 4.36
CA LEU A 49 6.33 6.05 4.25
C LEU A 49 7.15 7.12 3.53
N ALA A 50 6.52 7.92 2.72
CA ALA A 50 7.27 8.99 1.99
C ALA A 50 7.89 9.98 2.98
N GLU A 51 8.33 11.11 2.50
CA GLU A 51 8.94 12.12 3.41
C GLU A 51 7.95 13.26 3.68
N GLY B 1 -4.26 -9.52 -30.70
CA GLY B 1 -4.08 -8.25 -31.46
C GLY B 1 -2.59 -7.91 -31.53
N SER B 2 -2.11 -7.10 -30.61
CA SER B 2 -0.67 -6.73 -30.62
C SER B 2 -0.24 -6.21 -29.24
N ARG B 3 -0.12 -7.09 -28.29
CA ARG B 3 0.29 -6.65 -26.92
C ARG B 3 0.95 -7.80 -26.17
N GLN B 4 1.58 -7.53 -25.06
CA GLN B 4 2.24 -8.61 -24.28
C GLN B 4 1.99 -8.43 -22.78
N ILE B 5 2.63 -9.23 -21.96
CA ILE B 5 2.42 -9.09 -20.49
C ILE B 5 3.52 -8.21 -19.89
N VAL B 6 3.21 -7.50 -18.84
CA VAL B 6 4.23 -6.62 -18.20
C VAL B 6 4.96 -7.38 -17.09
N ASP B 7 5.66 -6.68 -16.24
CA ASP B 7 6.39 -7.37 -15.13
C ASP B 7 5.48 -7.52 -13.91
N ALA B 8 4.82 -6.47 -13.52
CA ALA B 8 3.92 -6.55 -12.34
C ALA B 8 2.50 -6.12 -12.72
N GLN B 9 1.52 -6.92 -12.43
CA GLN B 9 0.12 -6.55 -12.78
C GLN B 9 -0.71 -6.35 -11.51
N ALA B 10 -0.08 -5.89 -10.46
CA ALA B 10 -0.83 -5.68 -9.18
C ALA B 10 -0.18 -4.54 -8.38
N VAL B 11 0.13 -3.44 -9.02
CA VAL B 11 0.76 -2.31 -8.30
C VAL B 11 0.24 -0.98 -8.83
N CYS B 12 0.38 0.07 -8.07
CA CYS B 12 -0.11 1.41 -8.53
C CYS B 12 0.37 1.71 -9.94
N THR B 13 -0.47 2.28 -10.76
CA THR B 13 -0.05 2.60 -12.15
C THR B 13 1.00 3.72 -12.12
N ARG B 14 1.00 4.51 -11.09
CA ARG B 14 2.00 5.62 -10.99
C ARG B 14 3.23 5.15 -10.21
N CYS B 15 3.07 4.79 -8.96
CA CYS B 15 4.23 4.31 -8.17
C CYS B 15 4.72 2.98 -8.72
N LYS B 16 3.85 2.23 -9.33
CA LYS B 16 4.23 0.92 -9.92
C LYS B 16 4.61 -0.09 -8.83
N GLU B 17 4.31 0.20 -7.59
CA GLU B 17 4.66 -0.76 -6.50
C GLU B 17 4.19 -0.25 -5.14
N SER B 18 4.22 -1.11 -4.15
CA SER B 18 3.80 -0.70 -2.77
C SER B 18 2.30 -0.40 -2.72
N ALA B 19 1.53 -0.94 -3.63
CA ALA B 19 0.07 -0.67 -3.62
C ALA B 19 -0.70 -1.88 -3.09
N ASP B 20 -2.00 -1.83 -3.07
CA ASP B 20 -2.80 -2.99 -2.57
C ASP B 20 -4.28 -2.78 -2.86
N PHE B 21 -4.61 -2.07 -3.91
CA PHE B 21 -6.05 -1.84 -4.23
C PHE B 21 -6.22 -1.47 -5.70
N TRP B 22 -7.36 -1.77 -6.27
CA TRP B 22 -7.59 -1.42 -7.70
C TRP B 22 -9.02 -0.88 -7.85
N CYS B 23 -9.17 0.26 -8.47
CA CYS B 23 -10.54 0.85 -8.64
C CYS B 23 -11.36 0.00 -9.62
N PHE B 24 -12.51 -0.45 -9.20
CA PHE B 24 -13.37 -1.27 -10.10
C PHE B 24 -13.90 -0.40 -11.24
N GLU B 25 -14.25 0.83 -10.95
CA GLU B 25 -14.78 1.73 -12.01
C GLU B 25 -13.64 2.14 -12.96
N CYS B 26 -12.53 2.57 -12.41
CA CYS B 26 -11.39 2.98 -13.28
C CYS B 26 -10.66 1.75 -13.82
N GLU B 27 -10.85 0.61 -13.20
CA GLU B 27 -10.16 -0.62 -13.68
C GLU B 27 -8.65 -0.41 -13.68
N GLN B 28 -8.13 0.25 -12.68
CA GLN B 28 -6.66 0.49 -12.62
C GLN B 28 -6.13 0.22 -11.21
N LEU B 29 -4.86 -0.01 -11.07
CA LEU B 29 -4.29 -0.27 -9.72
C LEU B 29 -3.95 1.05 -9.03
N LEU B 30 -3.89 1.06 -7.74
CA LEU B 30 -3.56 2.32 -7.01
C LEU B 30 -2.79 2.00 -5.73
N CYS B 31 -1.95 2.91 -5.31
CA CYS B 31 -1.16 2.66 -4.07
C CYS B 31 -1.86 3.26 -2.85
N ALA B 32 -1.44 2.90 -1.67
CA ALA B 32 -2.10 3.46 -0.46
C ALA B 32 -2.14 4.99 -0.54
N LYS B 33 -1.09 5.59 -1.05
CA LYS B 33 -1.07 7.08 -1.17
C LYS B 33 -1.96 7.53 -2.33
N CYS B 34 -2.30 6.64 -3.22
CA CYS B 34 -3.16 7.03 -4.37
C CYS B 34 -4.61 6.59 -4.12
N PHE B 35 -4.81 5.36 -3.75
CA PHE B 35 -6.19 4.87 -3.49
C PHE B 35 -6.84 5.70 -2.38
N GLU B 36 -6.21 5.78 -1.24
CA GLU B 36 -6.79 6.58 -0.13
C GLU B 36 -7.11 8.00 -0.60
N ALA B 37 -6.29 8.54 -1.46
CA ALA B 37 -6.55 9.92 -1.98
C ALA B 37 -7.85 9.93 -2.80
N HIS B 38 -8.06 8.91 -3.58
CA HIS B 38 -9.32 8.88 -4.40
C HIS B 38 -10.54 8.84 -3.49
N GLN B 39 -10.61 7.88 -2.61
CA GLN B 39 -11.78 7.79 -1.69
C GLN B 39 -11.96 9.11 -0.94
N TRP B 40 -10.93 9.90 -0.85
CA TRP B 40 -11.04 11.21 -0.14
C TRP B 40 -11.29 12.34 -1.14
N PHE B 41 -10.71 12.24 -2.31
CA PHE B 41 -10.92 13.30 -3.33
C PHE B 41 -12.38 13.34 -3.78
N LEU B 42 -13.10 12.28 -3.57
CA LEU B 42 -14.53 12.26 -3.99
C LEU B 42 -15.20 10.97 -3.51
N LYS B 43 -16.05 10.38 -4.31
CA LYS B 43 -16.72 9.12 -3.90
C LYS B 43 -16.39 7.98 -4.88
N HIS B 44 -15.57 7.06 -4.46
CA HIS B 44 -15.20 5.93 -5.36
C HIS B 44 -14.99 4.65 -4.54
N GLU B 45 -15.22 3.51 -5.13
CA GLU B 45 -15.03 2.23 -4.38
C GLU B 45 -13.93 1.39 -5.02
N ALA B 46 -13.00 0.91 -4.25
CA ALA B 46 -11.91 0.08 -4.82
C ALA B 46 -11.77 -1.22 -4.03
N ARG B 47 -11.32 -2.27 -4.67
CA ARG B 47 -11.17 -3.58 -3.95
C ARG B 47 -9.69 -3.91 -3.78
N PRO B 48 -9.42 -4.72 -2.80
CA PRO B 48 -8.02 -5.14 -2.52
C PRO B 48 -7.51 -6.11 -3.59
N LEU B 49 -6.25 -6.05 -3.91
CA LEU B 49 -5.71 -6.97 -4.95
C LEU B 49 -5.90 -8.43 -4.52
N ALA B 50 -6.08 -8.67 -3.25
CA ALA B 50 -6.27 -10.07 -2.78
C ALA B 50 -7.64 -10.59 -3.21
N GLU B 51 -7.86 -11.88 -3.11
CA GLU B 51 -9.17 -12.44 -3.52
C GLU B 51 -9.88 -13.06 -2.30
ZN ZN C . 0.40 -6.62 5.28
ZN ZN D . -0.91 0.09 14.95
ZN ZN E . 1.29 4.43 -5.66
ZN ZN F . -11.25 5.29 -9.22
#